data_8V5V
#
_entry.id   8V5V
#
_cell.length_a   1.00
_cell.length_b   1.00
_cell.length_c   1.00
_cell.angle_alpha   90.00
_cell.angle_beta   90.00
_cell.angle_gamma   90.00
#
_symmetry.space_group_name_H-M   'P 1'
#
loop_
_entity.id
_entity.type
_entity.pdbx_description
1 polymer 'Spike protein S2,Fibritin'
2 polymer 'Variable domain of the light chain from the human antibody 6C10'
3 polymer 'Variable domain of the heavy chain from the human antibody 6C10'
4 branched 2-acetamido-2-deoxy-beta-D-glucopyranose-(1-4)-2-acetamido-2-deoxy-beta-D-glucopyranose
5 non-polymer 2-acetamido-2-deoxy-beta-D-glucopyranose
#
loop_
_entity_poly.entity_id
_entity_poly.type
_entity_poly.pdbx_seq_one_letter_code
_entity_poly.pdbx_strand_id
1 'polypeptide(L)'
;SIIAYTMSLGAENSVACSNNSIAIPTNFTISVTTEILPVSMTKTSVDCTMYICGDSTECSNLLLQYGSFCTQLNRALTGI
AVEQDKNTQEVFAQVKQCYKTPPIKDFGGFNFSQILPDPSKPSKRSPIEDLLFNKVTLADAGFIKQYGDCLGDIAARDLI
CAQKFNGLTVLPPLLTDEMIAQYTSCLLAGTICSGWTFGAGPALQIPFPMQMAYRFNGIGVTQNVLYENQKLIANQFNSA
IGKIQDSLSSTPSALGKLQDVVNQNAQALNTLVKQLSSNFGAISSVLNDILSRLDKPEAEVQIDRLITGRLQSLQTYVTQ
QLIRAAEIRASANLAATKMSECVLGQSKRVDFCGKGYHLMSFPQSAPHGVVFLHVTYVPAQEKNFTTAPAICHDGKAHFP
REGVFVSNGTHWFVTQRNFYEPQIITTDNTFVSGNCDVVIGIVNNTVYDPLQPELDSFKEELDKYFKNHTSPDVDLGDIS
GINASVVNIQKEIDRLNEVAKNLNESLIDLQELGKYEQYIKGSGYIPEAPRDGQAYVRKDGEWVLLSTFLLEVLFQGPAG
WSHPQFEKGGGSGGGSGGGSWSHPQFEK
;
G,E,F
2 'polypeptide(L)'
;AIRMTQSPSTLSVSPGERATLSCRASQSVSSYLAWYQHKPGQAPRLLVYGASTRATGIPARFSGSGSGTEFTLTISSLQS
EDFAVYYCQQYNNWPPPFTFGPGTKVDI
;
d,g,e
3 'polypeptide(L)'
;QVQLVQSGAEVRKPGASVKVSCKASGYTFTGYYIHWVRQAPGQGLEWMGWINPNSGGTNYAQKFQGWVIMTRDTSISTAY
MELSRLTSDDTAVYYCARCGARSYYYDSGDYCAFDIWGQGTVVTV
;
f,c,b
#
loop_
_chem_comp.id
_chem_comp.type
_chem_comp.name
_chem_comp.formula
NAG D-saccharide, beta linking 2-acetamido-2-deoxy-beta-D-glucopyranose 'C8 H15 N O6'
#
# COMPACT_ATOMS: atom_id res chain seq x y z
N ALA A 16 -19.53 -12.01 35.47
CA ALA A 16 -18.75 -13.24 35.53
C ALA A 16 -17.30 -12.94 35.90
N CYS A 17 -17.10 -12.22 37.00
CA CYS A 17 -15.78 -11.86 37.47
C CYS A 17 -15.62 -12.25 38.94
N SER A 18 -14.46 -12.77 39.28
CA SER A 18 -14.18 -13.17 40.66
C SER A 18 -12.68 -13.01 40.91
N ASN A 19 -12.33 -12.85 42.19
CA ASN A 19 -10.94 -12.67 42.59
C ASN A 19 -10.33 -13.93 43.21
N ASN A 20 -11.09 -15.02 43.29
CA ASN A 20 -10.57 -16.25 43.89
C ASN A 20 -10.99 -17.49 43.12
N SER A 21 -11.48 -17.35 41.89
CA SER A 21 -11.92 -18.48 41.08
C SER A 21 -11.35 -18.37 39.68
N ILE A 22 -11.09 -19.53 39.07
CA ILE A 22 -10.56 -19.60 37.72
C ILE A 22 -11.38 -20.61 36.94
N ALA A 23 -11.71 -20.27 35.69
CA ALA A 23 -12.51 -21.13 34.83
C ALA A 23 -11.60 -21.82 33.83
N ILE A 24 -11.67 -23.14 33.78
CA ILE A 24 -10.85 -23.94 32.86
C ILE A 24 -11.75 -24.93 32.11
N PRO A 25 -11.40 -25.29 30.88
CA PRO A 25 -12.20 -26.29 30.16
C PRO A 25 -12.01 -27.69 30.75
N THR A 26 -13.00 -28.53 30.52
CA THR A 26 -12.97 -29.92 30.97
C THR A 26 -12.89 -30.91 29.82
N ASN A 27 -13.65 -30.68 28.74
CA ASN A 27 -13.65 -31.58 27.60
C ASN A 27 -13.20 -30.82 26.35
N PHE A 28 -12.82 -31.59 25.33
CA PHE A 28 -12.35 -31.01 24.08
C PHE A 28 -12.92 -31.79 22.91
N THR A 29 -13.10 -31.11 21.78
CA THR A 29 -13.64 -31.72 20.58
C THR A 29 -12.81 -31.32 19.37
N ILE A 30 -12.77 -32.21 18.38
CA ILE A 30 -12.06 -31.99 17.13
C ILE A 30 -13.07 -31.99 16.01
N SER A 31 -13.05 -30.95 15.18
CA SER A 31 -14.00 -30.78 14.09
C SER A 31 -13.25 -30.48 12.80
N VAL A 32 -13.93 -30.73 11.68
CA VAL A 32 -13.38 -30.44 10.36
C VAL A 32 -14.35 -29.48 9.66
N THR A 33 -13.82 -28.35 9.20
CA THR A 33 -14.61 -27.34 8.51
C THR A 33 -14.11 -27.17 7.09
N THR A 34 -15.02 -26.87 6.17
CA THR A 34 -14.71 -26.70 4.77
C THR A 34 -14.86 -25.24 4.38
N GLU A 35 -13.82 -24.67 3.78
CA GLU A 35 -13.83 -23.29 3.32
C GLU A 35 -13.51 -23.27 1.83
N ILE A 36 -14.47 -22.82 1.01
CA ILE A 36 -14.33 -22.82 -0.44
C ILE A 36 -14.03 -21.40 -0.90
N LEU A 37 -13.00 -21.24 -1.73
CA LEU A 37 -12.64 -19.93 -2.24
C LEU A 37 -12.25 -20.00 -3.71
N PRO A 38 -12.91 -19.23 -4.57
CA PRO A 38 -12.50 -19.18 -5.97
C PRO A 38 -11.15 -18.51 -6.14
N VAL A 39 -10.43 -18.93 -7.18
CA VAL A 39 -9.09 -18.40 -7.43
C VAL A 39 -8.91 -17.85 -8.84
N SER A 40 -9.70 -18.25 -9.83
CA SER A 40 -9.51 -17.80 -11.20
C SER A 40 -10.83 -17.92 -11.96
N MET A 41 -10.87 -17.28 -13.13
CA MET A 41 -12.03 -17.34 -14.00
C MET A 41 -11.63 -17.80 -15.39
N THR A 42 -12.57 -17.72 -16.34
CA THR A 42 -12.30 -18.11 -17.73
C THR A 42 -11.84 -16.88 -18.49
N LYS A 43 -10.57 -16.87 -18.88
CA LYS A 43 -10.01 -15.74 -19.62
C LYS A 43 -10.57 -15.71 -21.04
N THR A 44 -10.72 -14.49 -21.56
CA THR A 44 -11.26 -14.30 -22.91
C THR A 44 -10.64 -13.05 -23.52
N SER A 45 -10.71 -12.99 -24.85
CA SER A 45 -10.15 -11.86 -25.59
C SER A 45 -10.94 -11.66 -26.87
N VAL A 46 -10.83 -10.47 -27.44
CA VAL A 46 -11.56 -10.09 -28.65
C VAL A 46 -10.54 -9.61 -29.68
N ASP A 47 -10.75 -10.02 -30.93
CA ASP A 47 -9.87 -9.64 -32.04
C ASP A 47 -10.36 -8.32 -32.64
N CYS A 48 -9.50 -7.30 -32.60
CA CYS A 48 -9.87 -6.00 -33.14
C CYS A 48 -10.06 -6.04 -34.65
N THR A 49 -9.19 -6.77 -35.36
CA THR A 49 -9.26 -6.83 -36.81
C THR A 49 -10.48 -7.57 -37.33
N MET A 50 -11.22 -8.27 -36.47
CA MET A 50 -12.39 -9.02 -36.89
C MET A 50 -13.68 -8.56 -36.23
N TYR A 51 -13.62 -8.06 -34.99
CA TYR A 51 -14.84 -7.57 -34.34
C TYR A 51 -15.35 -6.31 -35.03
N ILE A 52 -14.48 -5.33 -35.25
CA ILE A 52 -14.89 -4.09 -35.91
C ILE A 52 -15.15 -4.34 -37.39
N CYS A 53 -14.28 -5.10 -38.04
CA CYS A 53 -14.39 -5.32 -39.49
C CYS A 53 -15.50 -6.29 -39.83
N GLY A 54 -15.42 -7.51 -39.30
CA GLY A 54 -16.40 -8.53 -39.65
C GLY A 54 -16.16 -9.08 -41.06
N ASP A 55 -17.24 -9.55 -41.67
CA ASP A 55 -17.18 -10.12 -43.02
C ASP A 55 -17.28 -8.98 -44.05
N SER A 56 -16.23 -8.18 -44.10
CA SER A 56 -16.14 -7.05 -45.01
C SER A 56 -14.92 -7.21 -45.90
N THR A 57 -15.09 -6.96 -47.21
CA THR A 57 -13.98 -7.08 -48.14
C THR A 57 -12.91 -6.05 -47.85
N GLU A 58 -13.31 -4.81 -47.57
CA GLU A 58 -12.38 -3.72 -47.27
C GLU A 58 -12.89 -2.97 -46.05
N CYS A 59 -12.06 -2.89 -45.01
CA CYS A 59 -12.46 -2.24 -43.77
C CYS A 59 -11.32 -1.41 -43.18
N SER A 60 -10.41 -0.92 -44.02
CA SER A 60 -9.29 -0.13 -43.51
C SER A 60 -9.77 1.18 -42.90
N ASN A 61 -10.69 1.87 -43.56
CA ASN A 61 -11.21 3.13 -43.04
C ASN A 61 -11.98 2.93 -41.74
N LEU A 62 -12.82 1.89 -41.67
CA LEU A 62 -13.54 1.60 -40.44
C LEU A 62 -12.59 1.27 -39.29
N LEU A 63 -11.54 0.49 -39.57
CA LEU A 63 -10.56 0.18 -38.55
C LEU A 63 -9.85 1.44 -38.06
N LEU A 64 -9.43 2.30 -39.00
CA LEU A 64 -8.78 3.54 -38.61
C LEU A 64 -9.71 4.44 -37.80
N GLN A 65 -11.01 4.39 -38.10
CA GLN A 65 -11.98 5.22 -37.37
C GLN A 65 -12.24 4.69 -35.97
N TYR A 66 -12.36 3.38 -35.81
CA TYR A 66 -12.88 2.80 -34.57
C TYR A 66 -11.91 1.84 -33.89
N GLY A 67 -10.61 1.98 -34.12
CA GLY A 67 -9.66 1.11 -33.45
C GLY A 67 -9.23 1.51 -32.06
N SER A 68 -9.40 2.77 -31.67
CA SER A 68 -8.88 3.22 -30.38
C SER A 68 -9.58 2.55 -29.21
N PHE A 69 -10.92 2.57 -29.22
CA PHE A 69 -11.68 1.95 -28.15
C PHE A 69 -11.51 0.44 -28.14
N CYS A 70 -11.41 -0.18 -29.33
CA CYS A 70 -11.15 -1.61 -29.39
C CYS A 70 -9.79 -1.95 -28.79
N THR A 71 -8.77 -1.14 -29.07
CA THR A 71 -7.45 -1.39 -28.47
C THR A 71 -7.50 -1.22 -26.96
N GLN A 72 -8.23 -0.20 -26.47
CA GLN A 72 -8.36 -0.02 -25.03
C GLN A 72 -9.05 -1.21 -24.38
N LEU A 73 -10.12 -1.71 -25.00
CA LEU A 73 -10.82 -2.87 -24.45
C LEU A 73 -9.93 -4.12 -24.49
N ASN A 74 -9.16 -4.28 -25.57
CA ASN A 74 -8.24 -5.41 -25.65
C ASN A 74 -7.17 -5.34 -24.56
N ARG A 75 -6.65 -4.14 -24.30
CA ARG A 75 -5.69 -3.97 -23.21
C ARG A 75 -6.32 -4.29 -21.87
N ALA A 76 -7.57 -3.87 -21.65
CA ALA A 76 -8.25 -4.19 -20.40
C ALA A 76 -8.43 -5.70 -20.25
N LEU A 77 -8.82 -6.38 -21.33
CA LEU A 77 -8.98 -7.83 -21.28
C LEU A 77 -7.66 -8.53 -21.01
N THR A 78 -6.58 -8.05 -21.63
CA THR A 78 -5.25 -8.61 -21.39
C THR A 78 -4.85 -8.42 -19.93
N GLY A 79 -5.13 -7.24 -19.37
CA GLY A 79 -4.84 -7.02 -17.96
C GLY A 79 -5.63 -7.94 -17.05
N ILE A 80 -6.91 -8.16 -17.38
CA ILE A 80 -7.73 -9.07 -16.59
C ILE A 80 -7.15 -10.48 -16.65
N ALA A 81 -6.77 -10.93 -17.85
CA ALA A 81 -6.23 -12.28 -18.01
C ALA A 81 -4.92 -12.44 -17.26
N VAL A 82 -4.02 -11.46 -17.36
CA VAL A 82 -2.74 -11.56 -16.67
C VAL A 82 -2.94 -11.50 -15.16
N GLU A 83 -3.91 -10.71 -14.69
CA GLU A 83 -4.19 -10.68 -13.26
C GLU A 83 -4.71 -12.03 -12.77
N GLN A 84 -5.60 -12.66 -13.55
CA GLN A 84 -6.12 -13.97 -13.16
C GLN A 84 -5.00 -15.01 -13.14
N ASP A 85 -4.13 -14.99 -14.15
CA ASP A 85 -3.03 -15.95 -14.18
C ASP A 85 -2.06 -15.73 -13.03
N LYS A 86 -1.75 -14.46 -12.72
CA LYS A 86 -0.88 -14.17 -11.58
C LYS A 86 -1.51 -14.64 -10.28
N ASN A 87 -2.82 -14.43 -10.12
CA ASN A 87 -3.49 -14.84 -8.90
C ASN A 87 -3.45 -16.35 -8.73
N THR A 88 -3.77 -17.10 -9.80
CA THR A 88 -3.77 -18.55 -9.67
C THR A 88 -2.35 -19.10 -9.47
N GLN A 89 -1.36 -18.50 -10.12
CA GLN A 89 0.02 -18.92 -9.92
C GLN A 89 0.47 -18.66 -8.49
N GLU A 90 0.12 -17.48 -7.94
CA GLU A 90 0.49 -17.17 -6.57
C GLU A 90 -0.20 -18.10 -5.58
N VAL A 91 -1.47 -18.42 -5.81
CA VAL A 91 -2.20 -19.22 -4.83
C VAL A 91 -1.86 -20.70 -4.94
N PHE A 92 -1.41 -21.17 -6.11
CA PHE A 92 -1.20 -22.60 -6.31
C PHE A 92 0.26 -22.97 -6.56
N ALA A 93 1.21 -22.04 -6.38
CA ALA A 93 2.62 -22.35 -6.56
C ALA A 93 3.44 -21.69 -5.47
N GLN A 94 2.98 -21.78 -4.22
CA GLN A 94 3.72 -21.20 -3.11
C GLN A 94 5.02 -21.96 -2.83
N VAL A 95 5.00 -23.29 -2.99
CA VAL A 95 6.15 -24.13 -2.69
C VAL A 95 6.58 -24.84 -3.96
N LYS A 96 7.89 -24.88 -4.18
CA LYS A 96 8.48 -25.50 -5.37
C LYS A 96 9.04 -26.89 -5.11
N GLN A 97 9.66 -27.11 -3.94
CA GLN A 97 10.22 -28.41 -3.64
C GLN A 97 9.11 -29.46 -3.51
N CYS A 98 9.40 -30.67 -3.98
CA CYS A 98 8.41 -31.74 -4.00
C CYS A 98 9.10 -33.09 -3.83
N TYR A 99 8.31 -34.08 -3.42
CA TYR A 99 8.79 -35.44 -3.29
C TYR A 99 7.60 -36.39 -3.46
N LYS A 100 7.92 -37.69 -3.55
CA LYS A 100 6.95 -38.68 -3.98
C LYS A 100 5.85 -38.89 -2.93
N THR A 101 4.75 -39.48 -3.40
CA THR A 101 3.59 -39.69 -2.54
C THR A 101 3.82 -40.84 -1.57
N PRO A 102 3.17 -40.82 -0.41
CA PRO A 102 3.26 -41.94 0.53
C PRO A 102 2.34 -43.08 0.11
N PRO A 103 2.89 -44.26 -0.14
CA PRO A 103 2.04 -45.40 -0.49
C PRO A 103 1.03 -45.77 0.59
N ILE A 104 1.40 -45.58 1.87
CA ILE A 104 0.48 -45.93 2.96
C ILE A 104 -0.58 -44.85 3.10
N LYS A 105 -1.80 -45.27 3.46
CA LYS A 105 -2.92 -44.36 3.63
C LYS A 105 -3.30 -44.12 5.07
N ASP A 106 -2.82 -44.94 6.00
CA ASP A 106 -3.14 -44.81 7.42
C ASP A 106 -1.91 -44.38 8.20
N PHE A 107 -2.07 -43.37 9.04
CA PHE A 107 -0.98 -42.83 9.87
C PHE A 107 -1.47 -42.77 11.31
N GLY A 108 -1.22 -43.85 12.06
CA GLY A 108 -1.63 -43.88 13.45
C GLY A 108 -3.12 -43.97 13.69
N GLY A 109 -3.86 -44.53 12.73
CA GLY A 109 -5.30 -44.67 12.83
C GLY A 109 -6.09 -43.64 12.06
N PHE A 110 -5.46 -42.53 11.69
CA PHE A 110 -6.14 -41.52 10.89
C PHE A 110 -6.30 -42.00 9.46
N ASN A 111 -7.50 -41.83 8.90
CA ASN A 111 -7.81 -42.28 7.55
C ASN A 111 -7.75 -41.10 6.60
N PHE A 112 -6.86 -41.18 5.61
CA PHE A 112 -6.69 -40.13 4.60
C PHE A 112 -7.07 -40.62 3.21
N SER A 113 -7.97 -41.61 3.12
CA SER A 113 -8.36 -42.14 1.83
C SER A 113 -9.07 -41.09 0.98
N GLN A 114 -9.94 -40.29 1.59
CA GLN A 114 -10.67 -39.27 0.87
C GLN A 114 -9.81 -38.06 0.52
N ILE A 115 -8.66 -37.90 1.16
CA ILE A 115 -7.77 -36.77 0.92
C ILE A 115 -6.63 -37.14 -0.01
N LEU A 116 -5.95 -38.25 0.27
CA LEU A 116 -4.82 -38.66 -0.55
C LEU A 116 -5.32 -39.15 -1.92
N PRO A 117 -4.66 -38.75 -3.00
CA PRO A 117 -5.06 -39.22 -4.33
C PRO A 117 -4.85 -40.73 -4.47
N ASP A 118 -5.68 -41.34 -5.31
CA ASP A 118 -5.61 -42.77 -5.55
C ASP A 118 -4.83 -43.04 -6.82
N PRO A 119 -3.63 -43.63 -6.74
CA PRO A 119 -2.87 -43.90 -7.97
C PRO A 119 -3.54 -44.88 -8.91
N SER A 120 -4.43 -45.74 -8.40
CA SER A 120 -5.10 -46.71 -9.25
C SER A 120 -5.96 -46.03 -10.31
N LYS A 121 -6.70 -45.00 -9.91
CA LYS A 121 -7.54 -44.29 -10.87
C LYS A 121 -6.67 -43.46 -11.81
N PRO A 122 -6.94 -43.48 -13.11
CA PRO A 122 -6.12 -42.70 -14.05
C PRO A 122 -6.20 -41.20 -13.81
N SER A 123 -7.29 -40.70 -13.23
CA SER A 123 -7.44 -39.28 -12.98
C SER A 123 -6.45 -38.76 -11.95
N LYS A 124 -5.92 -39.64 -11.10
CA LYS A 124 -4.96 -39.26 -10.06
C LYS A 124 -5.51 -38.17 -9.15
N ARG A 125 -6.79 -38.28 -8.81
CA ARG A 125 -7.46 -37.32 -7.95
C ARG A 125 -7.93 -38.01 -6.66
N SER A 126 -8.63 -37.25 -5.83
CA SER A 126 -9.20 -37.72 -4.59
C SER A 126 -10.71 -37.82 -4.70
N PRO A 127 -11.35 -38.67 -3.89
CA PRO A 127 -12.82 -38.75 -3.94
C PRO A 127 -13.51 -37.42 -3.69
N ILE A 128 -12.98 -36.62 -2.76
CA ILE A 128 -13.52 -35.28 -2.56
C ILE A 128 -13.31 -34.42 -3.79
N GLU A 129 -12.12 -34.48 -4.37
CA GLU A 129 -11.84 -33.73 -5.59
C GLU A 129 -12.71 -34.21 -6.75
N ASP A 130 -12.89 -35.52 -6.86
CA ASP A 130 -13.75 -36.06 -7.91
C ASP A 130 -15.19 -35.58 -7.75
N LEU A 131 -15.69 -35.59 -6.50
CA LEU A 131 -17.05 -35.10 -6.26
C LEU A 131 -17.17 -33.61 -6.59
N LEU A 132 -16.15 -32.82 -6.22
CA LEU A 132 -16.18 -31.39 -6.52
C LEU A 132 -16.17 -31.15 -8.03
N PHE A 133 -15.35 -31.90 -8.76
CA PHE A 133 -15.30 -31.74 -10.21
C PHE A 133 -16.61 -32.17 -10.86
N ASN A 134 -17.22 -33.25 -10.37
CA ASN A 134 -18.46 -33.72 -10.96
C ASN A 134 -19.62 -32.77 -10.68
N LYS A 135 -19.70 -32.24 -9.46
CA LYS A 135 -20.81 -31.38 -9.09
C LYS A 135 -20.68 -29.95 -9.60
N VAL A 136 -19.50 -29.56 -10.09
CA VAL A 136 -19.27 -28.22 -10.62
C VAL A 136 -19.02 -28.38 -12.11
N THR A 137 -20.00 -27.98 -12.92
CA THR A 137 -19.88 -28.10 -14.38
C THR A 137 -20.28 -26.79 -15.05
N LEU A 138 -20.38 -26.81 -16.37
CA LEU A 138 -20.76 -25.63 -17.15
C LEU A 138 -21.90 -26.00 -18.08
N ALA A 139 -22.71 -24.99 -18.43
CA ALA A 139 -23.86 -25.22 -19.29
C ALA A 139 -23.42 -25.65 -20.69
N ASP A 140 -24.05 -26.71 -21.19
CA ASP A 140 -23.68 -27.23 -22.52
C ASP A 140 -23.99 -26.21 -23.61
N ALA A 141 -25.12 -25.52 -23.51
CA ALA A 141 -25.50 -24.50 -24.50
C ALA A 141 -24.88 -23.15 -24.13
N GLY A 142 -23.54 -23.13 -24.16
CA GLY A 142 -22.80 -21.93 -23.85
C GLY A 142 -21.71 -21.69 -24.87
N PHE A 143 -21.18 -20.46 -24.83
CA PHE A 143 -20.12 -20.09 -25.77
C PHE A 143 -18.83 -20.86 -25.47
N ILE A 144 -18.54 -21.09 -24.19
CA ILE A 144 -17.31 -21.79 -23.82
C ILE A 144 -17.31 -23.21 -24.37
N LYS A 145 -18.44 -23.92 -24.21
CA LYS A 145 -18.52 -25.30 -24.70
C LYS A 145 -18.40 -25.35 -26.22
N GLN A 146 -19.07 -24.44 -26.93
CA GLN A 146 -18.98 -24.41 -28.38
C GLN A 146 -17.55 -24.11 -28.84
N TYR A 147 -16.89 -23.16 -28.17
CA TYR A 147 -15.51 -22.84 -28.52
C TYR A 147 -14.58 -24.03 -28.27
N GLY A 148 -14.78 -24.72 -27.15
CA GLY A 148 -13.97 -25.90 -26.87
C GLY A 148 -14.19 -27.00 -27.90
N ASP A 149 -15.44 -27.22 -28.31
CA ASP A 149 -15.72 -28.23 -29.31
C ASP A 149 -15.12 -27.86 -30.66
N CYS A 150 -15.21 -26.58 -31.04
CA CYS A 150 -14.70 -26.14 -32.34
C CYS A 150 -13.18 -26.00 -32.36
N LEU A 151 -12.53 -25.91 -31.20
CA LEU A 151 -11.08 -25.71 -31.18
C LEU A 151 -10.35 -26.90 -31.79
N GLY A 152 -10.78 -28.12 -31.47
CA GLY A 152 -10.13 -29.29 -32.01
C GLY A 152 -8.76 -29.56 -31.45
N ASP A 153 -8.42 -28.98 -30.29
CA ASP A 153 -7.13 -29.17 -29.64
C ASP A 153 -5.97 -28.81 -30.56
N ILE A 154 -6.14 -27.72 -31.31
CA ILE A 154 -5.10 -27.24 -32.22
C ILE A 154 -5.17 -25.72 -32.26
N ALA A 155 -4.00 -25.08 -32.21
CA ALA A 155 -3.93 -23.63 -32.24
C ALA A 155 -4.09 -23.05 -33.64
N ALA A 156 -3.90 -23.87 -34.68
CA ALA A 156 -4.04 -23.37 -36.05
C ALA A 156 -5.49 -23.09 -36.40
N ARG A 157 -6.43 -23.75 -35.73
CA ARG A 157 -7.85 -23.55 -35.99
C ARG A 157 -8.48 -22.46 -35.13
N ASP A 158 -7.68 -21.77 -34.32
CA ASP A 158 -8.23 -20.74 -33.44
C ASP A 158 -8.85 -19.61 -34.24
N LEU A 159 -8.17 -19.15 -35.29
CA LEU A 159 -8.68 -18.04 -36.09
C LEU A 159 -9.93 -18.45 -36.88
N ILE A 160 -9.97 -19.68 -37.38
CA ILE A 160 -11.10 -20.14 -38.18
C ILE A 160 -12.38 -20.09 -37.35
N CYS A 161 -12.33 -20.59 -36.11
CA CYS A 161 -13.50 -20.54 -35.26
C CYS A 161 -13.75 -19.15 -34.69
N ALA A 162 -12.68 -18.37 -34.47
CA ALA A 162 -12.86 -17.00 -34.00
C ALA A 162 -13.58 -16.15 -35.03
N GLN A 163 -13.42 -16.46 -36.31
CA GLN A 163 -14.18 -15.78 -37.35
C GLN A 163 -15.67 -15.99 -37.17
N LYS A 164 -16.07 -17.19 -36.74
CA LYS A 164 -17.48 -17.46 -36.49
C LYS A 164 -18.02 -16.60 -35.34
N PHE A 165 -17.22 -16.43 -34.28
CA PHE A 165 -17.62 -15.66 -33.11
C PHE A 165 -17.16 -14.21 -33.17
N ASN A 166 -16.66 -13.76 -34.33
CA ASN A 166 -16.23 -12.38 -34.54
C ASN A 166 -15.13 -11.99 -33.54
N GLY A 167 -14.11 -12.84 -33.45
CA GLY A 167 -12.97 -12.57 -32.61
C GLY A 167 -13.08 -13.02 -31.17
N LEU A 168 -14.23 -13.57 -30.76
CA LEU A 168 -14.38 -14.04 -29.39
C LEU A 168 -13.64 -15.35 -29.20
N THR A 169 -12.64 -15.35 -28.32
CA THR A 169 -11.81 -16.50 -28.06
C THR A 169 -11.69 -16.73 -26.56
N VAL A 170 -11.46 -17.99 -26.19
CA VAL A 170 -11.27 -18.37 -24.79
C VAL A 170 -9.80 -18.68 -24.60
N LEU A 171 -9.12 -17.87 -23.79
CA LEU A 171 -7.70 -18.07 -23.53
C LEU A 171 -7.52 -19.24 -22.57
N PRO A 172 -6.76 -20.27 -22.92
CA PRO A 172 -6.56 -21.39 -22.00
C PRO A 172 -5.79 -20.94 -20.77
N PRO A 173 -6.05 -21.54 -19.61
CA PRO A 173 -5.30 -21.17 -18.41
C PRO A 173 -3.83 -21.56 -18.53
N LEU A 174 -2.98 -20.77 -17.87
CA LEU A 174 -1.55 -21.05 -17.89
C LEU A 174 -1.24 -22.40 -17.24
N LEU A 175 -1.88 -22.69 -16.10
CA LEU A 175 -1.70 -23.95 -15.40
C LEU A 175 -2.89 -24.85 -15.68
N THR A 176 -2.63 -26.06 -16.17
CA THR A 176 -3.68 -27.01 -16.47
C THR A 176 -4.18 -27.67 -15.20
N ASP A 177 -5.22 -28.49 -15.35
CA ASP A 177 -5.78 -29.20 -14.21
C ASP A 177 -4.77 -30.20 -13.63
N GLU A 178 -3.97 -30.83 -14.49
CA GLU A 178 -2.99 -31.79 -14.02
C GLU A 178 -1.94 -31.13 -13.13
N MET A 179 -1.45 -29.95 -13.53
CA MET A 179 -0.45 -29.25 -12.73
C MET A 179 -1.02 -28.84 -11.37
N ILE A 180 -2.26 -28.32 -11.36
CA ILE A 180 -2.88 -27.92 -10.11
C ILE A 180 -3.08 -29.14 -9.20
N ALA A 181 -3.52 -30.26 -9.78
CA ALA A 181 -3.69 -31.47 -9.00
C ALA A 181 -2.37 -31.96 -8.43
N GLN A 182 -1.30 -31.91 -9.22
CA GLN A 182 0.01 -32.33 -8.73
C GLN A 182 0.49 -31.42 -7.60
N TYR A 183 0.31 -30.11 -7.74
CA TYR A 183 0.70 -29.20 -6.68
C TYR A 183 -0.10 -29.45 -5.40
N THR A 184 -1.40 -29.67 -5.53
CA THR A 184 -2.24 -29.95 -4.38
C THR A 184 -1.82 -31.25 -3.71
N SER A 185 -1.52 -32.29 -4.51
CA SER A 185 -1.07 -33.56 -3.95
C SER A 185 0.25 -33.39 -3.21
N CYS A 186 1.18 -32.62 -3.78
CA CYS A 186 2.45 -32.39 -3.12
C CYS A 186 2.27 -31.64 -1.81
N LEU A 187 1.38 -30.64 -1.80
CA LEU A 187 1.09 -29.93 -0.55
C LEU A 187 0.49 -30.86 0.49
N LEU A 188 -0.41 -31.76 0.06
CA LEU A 188 -1.00 -32.72 0.98
C LEU A 188 0.05 -33.66 1.55
N ALA A 189 1.00 -34.11 0.72
CA ALA A 189 2.07 -34.97 1.21
C ALA A 189 2.93 -34.22 2.21
N GLY A 190 3.27 -32.96 1.90
CA GLY A 190 4.11 -32.20 2.79
C GLY A 190 3.44 -31.83 4.10
N THR A 191 2.11 -31.77 4.11
CA THR A 191 1.40 -31.46 5.34
C THR A 191 1.17 -32.73 6.18
N ILE A 192 0.71 -33.80 5.55
CA ILE A 192 0.43 -35.04 6.28
C ILE A 192 1.69 -35.64 6.86
N CYS A 193 2.78 -35.67 6.09
CA CYS A 193 4.04 -36.23 6.53
C CYS A 193 5.09 -35.13 6.68
N SER A 194 6.07 -35.39 7.53
CA SER A 194 7.14 -34.45 7.83
C SER A 194 6.55 -33.12 8.31
N GLY A 195 6.75 -32.06 7.54
CA GLY A 195 6.21 -30.77 7.91
C GLY A 195 6.75 -29.68 6.99
N TRP A 196 6.24 -28.47 7.21
CA TRP A 196 6.65 -27.30 6.46
C TRP A 196 7.27 -26.29 7.40
N THR A 197 8.48 -25.83 7.05
CA THR A 197 9.16 -24.79 7.82
C THR A 197 8.81 -23.42 7.27
N PHE A 198 9.15 -22.39 8.04
CA PHE A 198 8.89 -21.01 7.63
C PHE A 198 9.92 -20.63 6.57
N GLY A 199 9.66 -21.09 5.35
CA GLY A 199 10.58 -20.93 4.24
C GLY A 199 11.19 -22.24 3.80
N ALA A 200 12.17 -22.12 2.91
CA ALA A 200 12.90 -23.27 2.36
C ALA A 200 11.96 -24.28 1.74
N GLY A 201 11.87 -25.48 2.33
CA GLY A 201 11.02 -26.52 1.81
C GLY A 201 10.52 -27.45 2.90
N PRO A 202 10.38 -28.74 2.55
CA PRO A 202 9.88 -29.71 3.54
C PRO A 202 10.84 -29.88 4.70
N ALA A 203 10.28 -30.14 5.88
CA ALA A 203 11.07 -30.37 7.08
C ALA A 203 11.51 -31.82 7.16
N LEU A 204 12.18 -32.17 8.25
CA LEU A 204 12.63 -33.54 8.46
C LEU A 204 11.44 -34.48 8.68
N GLN A 205 11.63 -35.73 8.31
CA GLN A 205 10.57 -36.72 8.45
C GLN A 205 10.24 -36.96 9.91
N ILE A 206 8.94 -37.03 10.21
CA ILE A 206 8.46 -37.23 11.57
C ILE A 206 7.09 -37.90 11.51
N PRO A 207 6.80 -38.88 12.38
CA PRO A 207 5.48 -39.52 12.36
C PRO A 207 4.34 -38.54 12.60
N PHE A 208 3.21 -38.78 11.94
CA PHE A 208 2.06 -37.90 12.04
C PHE A 208 1.53 -37.70 13.46
N PRO A 209 1.40 -38.75 14.31
CA PRO A 209 1.00 -38.48 15.70
C PRO A 209 1.93 -37.55 16.44
N MET A 210 3.24 -37.65 16.20
CA MET A 210 4.17 -36.73 16.85
C MET A 210 3.98 -35.30 16.36
N GLN A 211 3.71 -35.13 15.06
CA GLN A 211 3.43 -33.79 14.54
C GLN A 211 2.16 -33.22 15.15
N MET A 212 1.13 -34.06 15.30
CA MET A 212 -0.10 -33.60 15.93
C MET A 212 0.11 -33.24 17.39
N ALA A 213 0.95 -34.00 18.08
CA ALA A 213 1.30 -33.67 19.47
C ALA A 213 2.05 -32.34 19.54
N TYR A 214 2.94 -32.10 18.57
CA TYR A 214 3.61 -30.80 18.51
C TYR A 214 2.63 -29.67 18.26
N ARG A 215 1.63 -29.90 17.41
CA ARG A 215 0.60 -28.90 17.19
C ARG A 215 -0.19 -28.62 18.46
N PHE A 216 -0.55 -29.67 19.20
CA PHE A 216 -1.23 -29.47 20.48
C PHE A 216 -0.37 -28.70 21.47
N ASN A 217 0.93 -28.99 21.50
CA ASN A 217 1.83 -28.22 22.34
C ASN A 217 1.87 -26.76 21.91
N GLY A 218 1.81 -26.52 20.61
CA GLY A 218 1.79 -25.15 20.12
C GLY A 218 0.53 -24.40 20.53
N ILE A 219 -0.63 -25.06 20.45
CA ILE A 219 -1.87 -24.41 20.84
C ILE A 219 -2.03 -24.30 22.36
N GLY A 220 -1.18 -24.97 23.13
CA GLY A 220 -1.22 -24.84 24.57
C GLY A 220 -1.79 -26.05 25.30
N VAL A 221 -1.63 -27.24 24.71
CA VAL A 221 -2.11 -28.48 25.31
C VAL A 221 -0.94 -29.46 25.37
N THR A 222 -0.75 -30.07 26.54
CA THR A 222 0.34 -31.03 26.70
C THR A 222 0.10 -32.25 25.82
N GLN A 223 1.19 -32.80 25.27
CA GLN A 223 1.10 -33.92 24.34
C GLN A 223 0.55 -35.18 25.00
N ASN A 224 0.62 -35.29 26.32
CA ASN A 224 0.07 -36.45 27.00
C ASN A 224 -1.44 -36.55 26.80
N VAL A 225 -2.11 -35.41 26.62
CA VAL A 225 -3.54 -35.43 26.33
C VAL A 225 -3.80 -36.14 25.00
N LEU A 226 -3.01 -35.81 23.97
CA LEU A 226 -3.14 -36.50 22.69
C LEU A 226 -2.79 -37.97 22.83
N TYR A 227 -1.71 -38.28 23.55
CA TYR A 227 -1.27 -39.67 23.65
C TYR A 227 -2.26 -40.53 24.42
N GLU A 228 -2.99 -39.94 25.36
CA GLU A 228 -4.01 -40.67 26.11
C GLU A 228 -5.38 -40.64 25.44
N ASN A 229 -5.55 -39.82 24.38
CA ASN A 229 -6.82 -39.71 23.69
C ASN A 229 -6.64 -39.81 22.17
N GLN A 230 -5.64 -40.58 21.73
CA GLN A 230 -5.40 -40.71 20.30
C GLN A 230 -6.56 -41.40 19.60
N LYS A 231 -7.13 -42.44 20.22
CA LYS A 231 -8.24 -43.16 19.60
C LYS A 231 -9.46 -42.27 19.43
N LEU A 232 -9.78 -41.46 20.46
CA LEU A 232 -10.96 -40.61 20.39
C LEU A 232 -10.81 -39.56 19.30
N ILE A 233 -9.66 -38.90 19.23
CA ILE A 233 -9.47 -37.86 18.22
C ILE A 233 -9.42 -38.47 16.82
N ALA A 234 -8.82 -39.65 16.69
CA ALA A 234 -8.81 -40.33 15.39
C ALA A 234 -10.21 -40.68 14.94
N ASN A 235 -11.04 -41.20 15.85
CA ASN A 235 -12.42 -41.53 15.52
C ASN A 235 -13.21 -40.28 15.15
N GLN A 236 -13.01 -39.19 15.89
CA GLN A 236 -13.71 -37.94 15.58
C GLN A 236 -13.30 -37.42 14.20
N PHE A 237 -12.00 -37.47 13.89
CA PHE A 237 -11.53 -37.00 12.58
C PHE A 237 -12.09 -37.87 11.47
N ASN A 238 -12.11 -39.20 11.65
CA ASN A 238 -12.66 -40.08 10.63
C ASN A 238 -14.15 -39.82 10.44
N SER A 239 -14.89 -39.63 11.53
CA SER A 239 -16.32 -39.35 11.41
C SER A 239 -16.56 -38.03 10.70
N ALA A 240 -15.78 -37.00 11.02
CA ALA A 240 -15.94 -35.72 10.35
C ALA A 240 -15.62 -35.82 8.86
N ILE A 241 -14.57 -36.56 8.52
CA ILE A 241 -14.20 -36.73 7.11
C ILE A 241 -15.31 -37.47 6.37
N GLY A 242 -15.86 -38.52 6.98
CA GLY A 242 -16.95 -39.25 6.34
C GLY A 242 -18.21 -38.40 6.19
N LYS A 243 -18.50 -37.57 7.18
CA LYS A 243 -19.71 -36.76 7.14
C LYS A 243 -19.59 -35.58 6.18
N ILE A 244 -18.38 -35.06 5.98
CA ILE A 244 -18.22 -33.91 5.09
C ILE A 244 -18.54 -34.29 3.64
N GLN A 245 -18.20 -35.51 3.23
CA GLN A 245 -18.53 -35.95 1.88
C GLN A 245 -20.03 -36.04 1.67
N ASP A 246 -20.75 -36.58 2.65
CA ASP A 246 -22.20 -36.65 2.56
C ASP A 246 -22.82 -35.26 2.57
N SER A 247 -22.28 -34.36 3.38
CA SER A 247 -22.79 -32.98 3.40
C SER A 247 -22.58 -32.29 2.06
N LEU A 248 -21.41 -32.48 1.45
CA LEU A 248 -21.15 -31.88 0.15
C LEU A 248 -22.05 -32.48 -0.93
N SER A 249 -22.25 -33.79 -0.89
CA SER A 249 -23.05 -34.44 -1.93
C SER A 249 -24.53 -34.09 -1.80
N SER A 250 -25.03 -33.97 -0.57
CA SER A 250 -26.46 -33.75 -0.36
C SER A 250 -26.81 -32.26 -0.49
N THR A 251 -26.19 -31.42 0.31
CA THR A 251 -26.51 -30.00 0.33
C THR A 251 -26.02 -29.33 -0.95
N PRO A 252 -26.91 -28.70 -1.74
CA PRO A 252 -26.44 -28.00 -2.94
C PRO A 252 -25.88 -26.62 -2.69
N SER A 253 -26.18 -26.01 -1.53
CA SER A 253 -25.71 -24.67 -1.23
C SER A 253 -24.27 -24.63 -0.74
N ALA A 254 -23.66 -25.79 -0.47
CA ALA A 254 -22.26 -25.80 -0.03
C ALA A 254 -21.34 -25.25 -1.10
N LEU A 255 -21.57 -25.64 -2.36
CA LEU A 255 -20.76 -25.19 -3.49
C LEU A 255 -21.35 -23.98 -4.20
N GLY A 256 -22.04 -23.11 -3.45
CA GLY A 256 -22.76 -22.02 -4.09
C GLY A 256 -21.85 -21.02 -4.78
N LYS A 257 -20.68 -20.74 -4.21
CA LYS A 257 -19.82 -19.69 -4.74
C LYS A 257 -19.29 -20.04 -6.12
N LEU A 258 -18.71 -21.23 -6.27
CA LEU A 258 -18.12 -21.61 -7.56
C LEU A 258 -19.19 -21.75 -8.63
N GLN A 259 -20.31 -22.38 -8.30
CA GLN A 259 -21.40 -22.53 -9.26
C GLN A 259 -21.97 -21.18 -9.67
N ASP A 260 -22.12 -20.28 -8.71
CA ASP A 260 -22.64 -18.94 -9.01
C ASP A 260 -21.68 -18.18 -9.92
N VAL A 261 -20.36 -18.27 -9.66
CA VAL A 261 -19.40 -17.59 -10.52
C VAL A 261 -19.43 -18.15 -11.92
N VAL A 262 -19.48 -19.48 -12.04
CA VAL A 262 -19.51 -20.12 -13.35
C VAL A 262 -20.77 -19.72 -14.11
N ASN A 263 -21.92 -19.73 -13.43
CA ASN A 263 -23.17 -19.36 -14.07
C ASN A 263 -23.18 -17.90 -14.48
N GLN A 264 -22.60 -17.01 -13.66
CA GLN A 264 -22.53 -15.61 -14.01
C GLN A 264 -21.68 -15.40 -15.26
N ASN A 265 -20.52 -16.07 -15.31
CA ASN A 265 -19.68 -15.95 -16.50
C ASN A 265 -20.38 -16.50 -17.74
N ALA A 266 -21.06 -17.64 -17.59
CA ALA A 266 -21.75 -18.26 -18.71
C ALA A 266 -22.87 -17.36 -19.22
N GLN A 267 -23.66 -16.77 -18.31
CA GLN A 267 -24.76 -15.91 -18.74
C GLN A 267 -24.25 -14.60 -19.33
N ALA A 268 -23.13 -14.08 -18.82
CA ALA A 268 -22.56 -12.89 -19.43
C ALA A 268 -22.11 -13.18 -20.86
N LEU A 269 -21.43 -14.30 -21.07
CA LEU A 269 -21.01 -14.67 -22.42
C LEU A 269 -22.22 -14.92 -23.33
N ASN A 270 -23.26 -15.56 -22.79
CA ASN A 270 -24.45 -15.85 -23.57
C ASN A 270 -25.17 -14.56 -23.99
N THR A 271 -25.30 -13.60 -23.07
CA THR A 271 -25.96 -12.35 -23.45
C THR A 271 -25.07 -11.53 -24.40
N LEU A 272 -23.75 -11.62 -24.26
CA LEU A 272 -22.87 -10.94 -25.21
C LEU A 272 -23.03 -11.51 -26.62
N VAL A 273 -23.03 -12.84 -26.74
CA VAL A 273 -23.16 -13.45 -28.07
C VAL A 273 -24.57 -13.25 -28.62
N LYS A 274 -25.58 -13.17 -27.75
CA LYS A 274 -26.93 -12.87 -28.22
C LYS A 274 -27.03 -11.45 -28.75
N GLN A 275 -26.42 -10.47 -28.05
CA GLN A 275 -26.38 -9.11 -28.55
C GLN A 275 -25.52 -8.99 -29.79
N LEU A 276 -24.57 -9.90 -30.00
CA LEU A 276 -23.76 -9.88 -31.22
C LEU A 276 -24.62 -10.09 -32.45
N SER A 277 -25.58 -11.02 -32.38
CA SER A 277 -26.44 -11.31 -33.52
C SER A 277 -27.57 -10.32 -33.70
N SER A 278 -27.75 -9.38 -32.76
CA SER A 278 -28.82 -8.40 -32.88
C SER A 278 -28.54 -7.45 -34.04
N ASN A 279 -29.60 -7.10 -34.77
CA ASN A 279 -29.49 -6.19 -35.90
C ASN A 279 -29.64 -4.73 -35.51
N PHE A 280 -29.96 -4.44 -34.25
CA PHE A 280 -30.12 -3.08 -33.75
C PHE A 280 -31.14 -2.31 -34.57
N GLY A 281 -30.68 -1.27 -35.29
CA GLY A 281 -31.58 -0.45 -36.08
C GLY A 281 -31.15 -0.30 -37.53
N ALA A 282 -30.60 -1.36 -38.11
CA ALA A 282 -30.15 -1.36 -39.49
C ALA A 282 -30.96 -2.38 -40.29
N ILE A 283 -30.72 -2.41 -41.61
CA ILE A 283 -31.43 -3.33 -42.48
C ILE A 283 -31.05 -4.77 -42.14
N SER A 284 -29.76 -5.04 -42.00
CA SER A 284 -29.28 -6.38 -41.69
C SER A 284 -27.95 -6.29 -40.95
N SER A 285 -27.59 -7.39 -40.30
CA SER A 285 -26.34 -7.43 -39.54
C SER A 285 -25.13 -7.53 -40.46
N VAL A 286 -25.31 -7.86 -41.73
CA VAL A 286 -24.18 -7.97 -42.65
C VAL A 286 -23.71 -6.57 -43.02
N LEU A 287 -22.41 -6.33 -42.83
CA LEU A 287 -21.86 -5.01 -43.13
C LEU A 287 -21.83 -4.74 -44.63
N ASN A 288 -21.50 -5.75 -45.44
CA ASN A 288 -21.42 -5.56 -46.88
C ASN A 288 -22.80 -5.34 -47.50
N ASP A 289 -23.83 -5.98 -46.95
CA ASP A 289 -25.17 -5.84 -47.51
C ASP A 289 -25.68 -4.41 -47.38
N ILE A 290 -25.34 -3.74 -46.27
CA ILE A 290 -25.79 -2.37 -46.06
C ILE A 290 -25.22 -1.45 -47.14
N LEU A 291 -23.92 -1.58 -47.42
CA LEU A 291 -23.31 -0.73 -48.44
C LEU A 291 -23.70 -1.15 -49.85
N SER A 292 -24.06 -2.43 -50.04
CA SER A 292 -24.49 -2.88 -51.36
C SER A 292 -25.89 -2.39 -51.70
N ARG A 293 -26.80 -2.42 -50.73
CA ARG A 293 -28.20 -2.06 -50.97
C ARG A 293 -28.50 -0.59 -50.71
N LEU A 294 -27.52 0.20 -50.27
CA LEU A 294 -27.73 1.61 -49.98
C LEU A 294 -26.55 2.41 -50.52
N ASP A 295 -26.81 3.69 -50.77
CA ASP A 295 -25.76 4.59 -51.22
C ASP A 295 -24.76 4.85 -50.10
N LYS A 296 -23.57 5.30 -50.49
CA LYS A 296 -22.47 5.47 -49.54
C LYS A 296 -22.79 6.43 -48.40
N PRO A 297 -23.35 7.63 -48.64
CA PRO A 297 -23.61 8.54 -47.51
C PRO A 297 -24.56 7.95 -46.46
N GLU A 298 -25.59 7.23 -46.89
CA GLU A 298 -26.50 6.60 -45.92
C GLU A 298 -25.89 5.34 -45.32
N ALA A 299 -25.15 4.57 -46.13
CA ALA A 299 -24.50 3.37 -45.62
C ALA A 299 -23.49 3.70 -44.54
N GLU A 300 -22.86 4.86 -44.63
CA GLU A 300 -21.89 5.26 -43.61
C GLU A 300 -22.53 5.30 -42.23
N VAL A 301 -23.65 6.02 -42.10
CA VAL A 301 -24.32 6.10 -40.80
C VAL A 301 -24.99 4.77 -40.45
N GLN A 302 -25.51 4.05 -41.45
CA GLN A 302 -26.14 2.76 -41.16
C GLN A 302 -25.15 1.73 -40.64
N ILE A 303 -23.87 1.88 -40.97
CA ILE A 303 -22.84 1.03 -40.40
C ILE A 303 -22.30 1.61 -39.09
N ASP A 304 -22.23 2.94 -39.00
CA ASP A 304 -21.74 3.58 -37.78
C ASP A 304 -22.64 3.28 -36.59
N ARG A 305 -23.97 3.23 -36.81
CA ARG A 305 -24.87 2.90 -35.71
C ARG A 305 -24.64 1.49 -35.21
N LEU A 306 -24.45 0.53 -36.12
CA LEU A 306 -24.15 -0.84 -35.71
C LEU A 306 -22.83 -0.92 -34.97
N ILE A 307 -21.82 -0.19 -35.46
CA ILE A 307 -20.52 -0.18 -34.80
C ILE A 307 -20.63 0.38 -33.40
N THR A 308 -21.39 1.48 -33.25
CA THR A 308 -21.57 2.09 -31.93
C THR A 308 -22.31 1.15 -30.99
N GLY A 309 -23.34 0.46 -31.48
CA GLY A 309 -24.06 -0.48 -30.64
C GLY A 309 -23.17 -1.63 -30.18
N ARG A 310 -22.40 -2.20 -31.10
CA ARG A 310 -21.48 -3.28 -30.74
C ARG A 310 -20.43 -2.79 -29.76
N LEU A 311 -19.91 -1.58 -29.96
CA LEU A 311 -18.92 -1.02 -29.05
C LEU A 311 -19.50 -0.81 -27.67
N GLN A 312 -20.74 -0.31 -27.57
CA GLN A 312 -21.37 -0.14 -26.27
C GLN A 312 -21.59 -1.48 -25.57
N SER A 313 -22.03 -2.49 -26.32
CA SER A 313 -22.21 -3.82 -25.73
C SER A 313 -20.87 -4.37 -25.23
N LEU A 314 -19.81 -4.21 -26.02
CA LEU A 314 -18.49 -4.68 -25.61
C LEU A 314 -17.99 -3.92 -24.38
N GLN A 315 -18.27 -2.62 -24.31
CA GLN A 315 -17.87 -1.83 -23.15
C GLN A 315 -18.60 -2.30 -21.89
N THR A 316 -19.90 -2.56 -22.00
CA THR A 316 -20.63 -3.09 -20.85
C THR A 316 -20.07 -4.44 -20.43
N TYR A 317 -19.79 -5.32 -21.40
CA TYR A 317 -19.23 -6.62 -21.07
C TYR A 317 -17.87 -6.49 -20.40
N VAL A 318 -17.02 -5.58 -20.90
CA VAL A 318 -15.67 -5.47 -20.35
C VAL A 318 -15.70 -4.83 -18.97
N THR A 319 -16.62 -3.90 -18.70
CA THR A 319 -16.68 -3.33 -17.36
C THR A 319 -17.27 -4.33 -16.37
N GLN A 320 -18.23 -5.15 -16.79
CA GLN A 320 -18.69 -6.23 -15.93
C GLN A 320 -17.57 -7.22 -15.64
N GLN A 321 -16.78 -7.54 -16.67
CA GLN A 321 -15.66 -8.44 -16.48
C GLN A 321 -14.62 -7.83 -15.56
N LEU A 322 -14.41 -6.52 -15.65
CA LEU A 322 -13.47 -5.85 -14.74
C LEU A 322 -13.94 -5.93 -13.29
N ILE A 323 -15.23 -5.71 -13.06
CA ILE A 323 -15.77 -5.81 -11.71
C ILE A 323 -15.61 -7.24 -11.18
N ARG A 324 -15.96 -8.22 -12.00
CA ARG A 324 -15.82 -9.62 -11.58
C ARG A 324 -14.37 -9.98 -11.34
N ALA A 325 -13.45 -9.45 -12.16
CA ALA A 325 -12.03 -9.72 -11.99
C ALA A 325 -11.51 -9.11 -10.70
N ALA A 326 -11.97 -7.91 -10.35
CA ALA A 326 -11.59 -7.31 -9.07
C ALA A 326 -12.08 -8.15 -7.90
N GLU A 327 -13.33 -8.61 -7.97
CA GLU A 327 -13.86 -9.45 -6.90
C GLU A 327 -13.07 -10.76 -6.78
N ILE A 328 -12.78 -11.39 -7.91
CA ILE A 328 -12.02 -12.64 -7.89
C ILE A 328 -10.59 -12.41 -7.43
N ARG A 329 -10.00 -11.26 -7.76
CA ARG A 329 -8.68 -10.93 -7.26
C ARG A 329 -8.67 -10.79 -5.75
N ALA A 330 -9.69 -10.13 -5.19
CA ALA A 330 -9.79 -10.04 -3.73
C ALA A 330 -9.95 -11.41 -3.11
N SER A 331 -10.81 -12.26 -3.70
CA SER A 331 -11.00 -13.60 -3.17
C SER A 331 -9.72 -14.43 -3.25
N ALA A 332 -8.97 -14.29 -4.35
CA ALA A 332 -7.72 -15.04 -4.51
C ALA A 332 -6.66 -14.55 -3.54
N ASN A 333 -6.61 -13.24 -3.28
CA ASN A 333 -5.69 -12.74 -2.27
C ASN A 333 -6.03 -13.28 -0.89
N LEU A 334 -7.33 -13.33 -0.56
CA LEU A 334 -7.75 -13.91 0.71
C LEU A 334 -7.36 -15.39 0.79
N ALA A 335 -7.57 -16.14 -0.29
CA ALA A 335 -7.19 -17.55 -0.30
C ALA A 335 -5.69 -17.72 -0.16
N ALA A 336 -4.91 -16.88 -0.83
CA ALA A 336 -3.46 -16.99 -0.76
C ALA A 336 -2.95 -16.70 0.64
N THR A 337 -3.47 -15.65 1.28
CA THR A 337 -3.02 -15.36 2.64
C THR A 337 -3.50 -16.42 3.62
N LYS A 338 -4.69 -16.99 3.40
CA LYS A 338 -5.14 -18.10 4.24
C LYS A 338 -4.22 -19.31 4.11
N MET A 339 -3.82 -19.63 2.88
CA MET A 339 -2.89 -20.74 2.66
C MET A 339 -1.54 -20.46 3.30
N SER A 340 -1.06 -19.22 3.18
CA SER A 340 0.23 -18.87 3.76
C SER A 340 0.20 -18.96 5.29
N GLU A 341 -0.90 -18.54 5.90
CA GLU A 341 -0.97 -18.49 7.37
C GLU A 341 -1.32 -19.84 8.00
N CYS A 342 -2.22 -20.59 7.39
CA CYS A 342 -2.75 -21.81 8.00
C CYS A 342 -2.19 -23.09 7.39
N VAL A 343 -2.03 -23.15 6.07
CA VAL A 343 -1.62 -24.40 5.43
C VAL A 343 -0.14 -24.67 5.70
N LEU A 344 0.72 -23.68 5.46
CA LEU A 344 2.15 -23.87 5.58
C LEU A 344 2.64 -23.90 7.03
N GLY A 345 1.80 -23.53 7.98
CA GLY A 345 2.21 -23.55 9.37
C GLY A 345 1.04 -23.23 10.28
N GLN A 346 1.29 -23.41 11.58
CA GLN A 346 0.27 -23.13 12.58
C GLN A 346 -0.03 -21.63 12.62
N SER A 347 -1.31 -21.31 12.74
CA SER A 347 -1.78 -19.92 12.79
C SER A 347 -2.21 -19.59 14.21
N LYS A 348 -1.70 -18.48 14.74
CA LYS A 348 -2.02 -18.05 16.09
C LYS A 348 -3.37 -17.37 16.19
N ARG A 349 -3.97 -16.97 15.07
CA ARG A 349 -5.26 -16.29 15.11
C ARG A 349 -6.37 -17.27 15.48
N VAL A 350 -7.35 -16.77 16.23
CA VAL A 350 -8.48 -17.56 16.69
C VAL A 350 -9.67 -17.31 15.78
N ASP A 351 -10.34 -18.39 15.36
CA ASP A 351 -11.51 -18.41 14.50
C ASP A 351 -11.22 -17.96 13.08
N PHE A 352 -9.95 -17.73 12.71
CA PHE A 352 -9.63 -17.37 11.34
C PHE A 352 -9.77 -18.58 10.42
N CYS A 353 -9.26 -19.73 10.85
CA CYS A 353 -9.38 -20.98 10.11
C CYS A 353 -10.27 -21.91 10.93
N GLY A 354 -11.58 -21.83 10.70
CA GLY A 354 -12.53 -22.60 11.48
C GLY A 354 -13.15 -21.78 12.59
N LYS A 355 -13.74 -22.47 13.55
CA LYS A 355 -14.37 -21.86 14.72
C LYS A 355 -13.76 -22.50 15.97
N GLY A 356 -12.65 -21.94 16.41
CA GLY A 356 -11.92 -22.46 17.55
C GLY A 356 -10.43 -22.24 17.36
N TYR A 357 -9.64 -23.28 17.64
CA TYR A 357 -8.20 -23.24 17.50
C TYR A 357 -7.79 -24.03 16.26
N HIS A 358 -7.08 -23.38 15.34
CA HIS A 358 -6.64 -24.05 14.13
C HIS A 358 -5.51 -25.03 14.44
N LEU A 359 -5.59 -26.20 13.82
CA LEU A 359 -4.56 -27.23 14.01
C LEU A 359 -3.86 -27.57 12.71
N MET A 360 -4.59 -27.94 11.66
CA MET A 360 -4.00 -28.33 10.39
C MET A 360 -4.96 -28.00 9.26
N SER A 361 -4.43 -27.94 8.05
CA SER A 361 -5.20 -27.67 6.86
C SER A 361 -4.81 -28.65 5.76
N PHE A 362 -5.80 -29.11 5.00
CA PHE A 362 -5.59 -30.07 3.92
C PHE A 362 -6.23 -29.50 2.64
N PRO A 363 -5.49 -28.69 1.89
CA PRO A 363 -6.08 -28.09 0.69
C PRO A 363 -6.41 -29.12 -0.37
N GLN A 364 -7.45 -28.82 -1.13
CA GLN A 364 -7.86 -29.63 -2.28
C GLN A 364 -8.30 -28.70 -3.40
N SER A 365 -8.19 -29.17 -4.63
CA SER A 365 -8.50 -28.37 -5.79
C SER A 365 -9.89 -28.68 -6.32
N ALA A 366 -10.57 -27.65 -6.81
CA ALA A 366 -11.88 -27.75 -7.43
C ALA A 366 -11.86 -26.85 -8.65
N PRO A 367 -12.79 -27.06 -9.61
CA PRO A 367 -12.81 -26.21 -10.80
C PRO A 367 -12.85 -24.73 -10.47
N HIS A 368 -11.75 -24.04 -10.78
CA HIS A 368 -11.60 -22.61 -10.49
C HIS A 368 -11.81 -22.30 -9.01
N GLY A 369 -11.22 -23.12 -8.14
CA GLY A 369 -11.35 -22.87 -6.71
C GLY A 369 -10.49 -23.81 -5.90
N VAL A 370 -10.32 -23.43 -4.63
CA VAL A 370 -9.57 -24.21 -3.65
C VAL A 370 -10.43 -24.39 -2.40
N VAL A 371 -10.44 -25.60 -1.86
CA VAL A 371 -11.19 -25.91 -0.66
C VAL A 371 -10.21 -26.28 0.45
N PHE A 372 -10.36 -25.64 1.61
CA PHE A 372 -9.52 -25.88 2.77
C PHE A 372 -10.29 -26.68 3.79
N LEU A 373 -9.68 -27.78 4.26
CA LEU A 373 -10.26 -28.64 5.30
C LEU A 373 -9.56 -28.30 6.61
N HIS A 374 -10.07 -27.27 7.27
CA HIS A 374 -9.47 -26.81 8.52
C HIS A 374 -9.81 -27.75 9.66
N VAL A 375 -8.80 -28.15 10.43
CA VAL A 375 -8.99 -28.94 11.64
C VAL A 375 -9.08 -27.98 12.81
N THR A 376 -10.12 -28.13 13.63
CA THR A 376 -10.43 -27.18 14.68
C THR A 376 -10.52 -27.89 16.03
N TYR A 377 -9.83 -27.33 17.02
CA TYR A 377 -9.89 -27.78 18.40
C TYR A 377 -10.82 -26.83 19.16
N VAL A 378 -11.84 -27.39 19.80
CA VAL A 378 -12.85 -26.61 20.50
C VAL A 378 -12.94 -27.08 21.94
N PRO A 379 -12.64 -26.24 22.93
CA PRO A 379 -12.89 -26.61 24.32
C PRO A 379 -14.38 -26.54 24.65
N ALA A 380 -14.77 -27.28 25.69
CA ALA A 380 -16.17 -27.34 26.09
C ALA A 380 -16.24 -27.79 27.54
N GLN A 381 -17.41 -27.58 28.14
CA GLN A 381 -17.67 -27.90 29.55
C GLN A 381 -16.73 -27.11 30.46
N GLU A 382 -16.78 -25.79 30.32
CA GLU A 382 -15.98 -24.91 31.16
C GLU A 382 -16.48 -24.98 32.61
N LYS A 383 -15.55 -25.16 33.54
CA LYS A 383 -15.88 -25.25 34.95
C LYS A 383 -14.97 -24.33 35.75
N ASN A 384 -15.54 -23.69 36.77
CA ASN A 384 -14.80 -22.76 37.62
C ASN A 384 -14.46 -23.42 38.95
N PHE A 385 -13.22 -23.26 39.38
CA PHE A 385 -12.73 -23.82 40.63
C PHE A 385 -11.96 -22.75 41.39
N THR A 386 -11.93 -22.91 42.72
CA THR A 386 -11.18 -22.00 43.57
C THR A 386 -9.69 -22.18 43.34
N THR A 387 -8.98 -21.05 43.28
CA THR A 387 -7.54 -21.05 43.06
C THR A 387 -6.84 -20.25 44.15
N ALA A 388 -5.57 -20.60 44.40
CA ALA A 388 -4.76 -19.91 45.39
C ALA A 388 -3.39 -19.65 44.78
N PRO A 389 -2.85 -18.44 44.94
CA PRO A 389 -1.53 -18.14 44.34
C PRO A 389 -0.39 -19.01 44.84
N ALA A 390 -0.41 -19.40 46.11
CA ALA A 390 0.72 -20.15 46.66
C ALA A 390 0.26 -21.06 47.79
N ILE A 391 1.06 -22.08 48.05
CA ILE A 391 0.77 -23.12 49.04
C ILE A 391 1.88 -23.12 50.08
N CYS A 392 1.49 -23.09 51.35
CA CYS A 392 2.43 -23.14 52.47
C CYS A 392 2.38 -24.52 53.10
N HIS A 393 3.55 -25.13 53.25
CA HIS A 393 3.67 -26.47 53.82
C HIS A 393 4.43 -26.47 55.14
N ASP A 394 5.65 -25.94 55.15
CA ASP A 394 6.49 -25.90 56.34
C ASP A 394 7.04 -24.49 56.55
N GLY A 395 6.15 -23.50 56.47
CA GLY A 395 6.57 -22.12 56.57
C GLY A 395 7.42 -21.65 55.42
N LYS A 396 7.14 -22.15 54.20
CA LYS A 396 7.89 -21.77 53.02
C LYS A 396 6.94 -21.77 51.83
N ALA A 397 6.84 -20.63 51.14
CA ALA A 397 5.93 -20.52 50.03
C ALA A 397 6.37 -21.41 48.87
N HIS A 398 5.40 -22.08 48.25
CA HIS A 398 5.65 -22.96 47.11
C HIS A 398 4.86 -22.46 45.92
N PHE A 399 5.52 -22.38 44.76
CA PHE A 399 4.87 -21.92 43.54
C PHE A 399 5.00 -22.97 42.45
N PRO A 400 3.97 -23.18 41.64
CA PRO A 400 4.05 -24.21 40.59
C PRO A 400 5.01 -23.80 39.49
N ARG A 401 5.74 -24.78 38.98
CA ARG A 401 6.68 -24.51 37.88
C ARG A 401 5.94 -24.17 36.59
N GLU A 402 4.95 -24.99 36.23
CA GLU A 402 4.16 -24.78 35.02
C GLU A 402 2.73 -25.25 35.31
N GLY A 403 1.87 -24.30 35.66
CA GLY A 403 0.48 -24.60 35.95
C GLY A 403 -0.05 -23.69 37.03
N VAL A 404 -1.27 -24.01 37.49
CA VAL A 404 -1.94 -23.26 38.53
C VAL A 404 -2.55 -24.23 39.54
N PHE A 405 -2.81 -23.72 40.73
CA PHE A 405 -3.41 -24.51 41.80
C PHE A 405 -4.93 -24.46 41.68
N VAL A 406 -5.56 -25.63 41.62
CA VAL A 406 -6.99 -25.76 41.44
C VAL A 406 -7.52 -26.71 42.51
N SER A 407 -8.61 -26.30 43.18
CA SER A 407 -9.25 -27.13 44.18
C SER A 407 -10.53 -27.72 43.62
N ASN A 408 -10.66 -29.06 43.72
CA ASN A 408 -11.83 -29.77 43.24
C ASN A 408 -12.96 -29.76 44.26
N GLY A 409 -12.84 -28.96 45.32
CA GLY A 409 -13.82 -28.90 46.38
C GLY A 409 -13.30 -29.34 47.73
N THR A 410 -12.46 -30.37 47.78
CA THR A 410 -11.92 -30.85 49.04
C THR A 410 -10.39 -30.89 49.00
N HIS A 411 -9.82 -31.25 47.85
CA HIS A 411 -8.38 -31.40 47.71
C HIS A 411 -7.83 -30.42 46.68
N TRP A 412 -6.54 -30.14 46.79
CA TRP A 412 -5.85 -29.22 45.90
C TRP A 412 -4.94 -29.99 44.95
N PHE A 413 -4.87 -29.52 43.70
CA PHE A 413 -4.03 -30.14 42.68
C PHE A 413 -3.41 -29.05 41.84
N VAL A 414 -2.46 -29.45 40.99
CA VAL A 414 -1.84 -28.55 40.02
C VAL A 414 -2.30 -28.95 38.62
N THR A 415 -2.82 -27.99 37.87
CA THR A 415 -3.37 -28.25 36.55
C THR A 415 -2.88 -27.20 35.57
N GLN A 416 -2.82 -27.58 34.30
CA GLN A 416 -2.49 -26.62 33.25
C GLN A 416 -3.63 -25.64 33.04
N ARG A 417 -3.30 -24.49 32.45
CA ARG A 417 -4.28 -23.42 32.31
C ARG A 417 -5.39 -23.81 31.33
N ASN A 418 -5.03 -24.46 30.23
CA ASN A 418 -5.96 -24.70 29.13
C ASN A 418 -6.70 -26.04 29.23
N PHE A 419 -6.43 -26.84 30.26
CA PHE A 419 -7.09 -28.13 30.39
C PHE A 419 -7.12 -28.53 31.85
N TYR A 420 -8.01 -29.47 32.17
CA TYR A 420 -8.17 -29.97 33.53
C TYR A 420 -7.45 -31.31 33.64
N GLU A 421 -6.25 -31.29 34.23
CA GLU A 421 -5.45 -32.48 34.46
C GLU A 421 -5.03 -32.50 35.92
N PRO A 422 -5.90 -33.00 36.81
CA PRO A 422 -5.60 -32.97 38.25
C PRO A 422 -4.41 -33.86 38.57
N GLN A 423 -3.35 -33.25 39.11
CA GLN A 423 -2.15 -33.96 39.52
C GLN A 423 -1.83 -33.59 40.96
N ILE A 424 -1.41 -34.59 41.74
CA ILE A 424 -1.13 -34.36 43.16
C ILE A 424 0.08 -33.43 43.29
N ILE A 425 0.14 -32.73 44.42
CA ILE A 425 1.21 -31.77 44.67
C ILE A 425 2.46 -32.54 45.13
N THR A 426 3.56 -32.34 44.43
CA THR A 426 4.82 -32.99 44.75
C THR A 426 5.94 -31.96 44.70
N THR A 427 7.10 -32.33 45.25
CA THR A 427 8.23 -31.40 45.32
C THR A 427 8.83 -31.12 43.96
N ASP A 428 8.55 -31.94 42.95
CA ASP A 428 9.10 -31.72 41.62
C ASP A 428 8.25 -30.77 40.77
N ASN A 429 6.96 -30.65 41.08
CA ASN A 429 6.08 -29.75 40.34
C ASN A 429 6.04 -28.34 40.90
N THR A 430 6.67 -28.10 42.05
CA THR A 430 6.67 -26.80 42.69
C THR A 430 8.08 -26.44 43.15
N PHE A 431 8.34 -25.15 43.26
CA PHE A 431 9.61 -24.63 43.74
C PHE A 431 9.37 -23.67 44.89
N VAL A 432 10.31 -23.65 45.83
CA VAL A 432 10.21 -22.82 47.01
C VAL A 432 10.86 -21.48 46.76
N SER A 433 10.24 -20.41 47.25
CA SER A 433 10.77 -19.05 47.10
C SER A 433 10.12 -18.16 48.14
N GLY A 434 10.93 -17.63 49.07
CA GLY A 434 10.41 -16.74 50.08
C GLY A 434 9.64 -17.46 51.17
N ASN A 435 8.97 -16.66 51.99
CA ASN A 435 8.16 -17.16 53.10
C ASN A 435 6.68 -16.97 52.80
N CYS A 436 5.86 -17.63 53.61
CA CYS A 436 4.41 -17.63 53.40
C CYS A 436 3.75 -16.33 53.83
N ASP A 437 4.40 -15.54 54.69
CA ASP A 437 3.78 -14.31 55.18
C ASP A 437 3.76 -13.21 54.14
N VAL A 438 4.79 -13.12 53.30
CA VAL A 438 4.86 -12.04 52.31
C VAL A 438 3.76 -12.18 51.27
N VAL A 439 3.55 -13.40 50.77
CA VAL A 439 2.58 -13.60 49.70
C VAL A 439 1.17 -13.45 50.23
N ILE A 440 0.31 -12.83 49.43
CA ILE A 440 -1.10 -12.63 49.76
C ILE A 440 -1.91 -13.70 49.03
N GLY A 441 -2.80 -14.38 49.75
CA GLY A 441 -3.55 -15.48 49.20
C GLY A 441 -2.98 -16.85 49.48
N ILE A 442 -2.01 -16.96 50.41
CA ILE A 442 -1.42 -18.24 50.74
C ILE A 442 -2.50 -19.21 51.23
N VAL A 443 -2.35 -20.48 50.88
CA VAL A 443 -3.28 -21.51 51.34
C VAL A 443 -2.48 -22.62 52.02
N ASN A 444 -3.05 -23.16 53.09
CA ASN A 444 -2.40 -24.20 53.87
C ASN A 444 -2.69 -25.57 53.24
N ASN A 445 -1.64 -26.27 52.84
CA ASN A 445 -1.78 -27.59 52.25
C ASN A 445 -0.46 -28.34 52.43
N THR A 446 -0.54 -29.66 52.28
CA THR A 446 0.62 -30.53 52.45
C THR A 446 1.20 -30.87 51.08
N VAL A 447 2.52 -30.73 50.94
CA VAL A 447 3.22 -31.04 49.71
C VAL A 447 3.90 -32.39 49.89
N TYR A 448 3.51 -33.37 49.08
CA TYR A 448 4.05 -34.72 49.21
C TYR A 448 5.48 -34.77 48.68
N ASP A 449 6.35 -35.45 49.44
CA ASP A 449 7.74 -35.66 49.03
C ASP A 449 7.93 -37.14 48.71
N PRO A 450 8.26 -37.50 47.47
CA PRO A 450 8.41 -38.93 47.14
C PRO A 450 9.54 -39.61 47.88
N LEU A 451 10.52 -38.87 48.39
CA LEU A 451 11.64 -39.48 49.10
C LEU A 451 11.23 -39.98 50.47
N GLN A 452 10.23 -39.35 51.09
CA GLN A 452 9.83 -39.73 52.44
C GLN A 452 9.30 -41.15 52.55
N PRO A 453 8.36 -41.61 51.71
CA PRO A 453 7.94 -43.02 51.84
C PRO A 453 9.06 -44.02 51.55
N GLU A 454 9.94 -43.70 50.61
CA GLU A 454 11.05 -44.61 50.31
C GLU A 454 12.01 -44.69 51.49
N LEU A 455 12.27 -43.56 52.16
CA LEU A 455 13.12 -43.59 53.34
C LEU A 455 12.44 -44.28 54.52
N ASP A 456 11.12 -44.14 54.64
CA ASP A 456 10.42 -44.77 55.75
C ASP A 456 10.28 -46.28 55.56
N SER A 457 10.24 -46.73 54.31
CA SER A 457 10.14 -48.17 54.06
C SER A 457 11.37 -48.92 54.57
N PHE A 458 12.52 -48.25 54.62
CA PHE A 458 13.72 -48.89 55.15
C PHE A 458 13.57 -49.22 56.62
N LYS A 459 12.98 -48.31 57.39
CA LYS A 459 12.77 -48.52 58.82
C LYS A 459 11.68 -49.57 59.07
N ALA B 16 32.08 -0.05 27.47
CA ALA B 16 31.32 -0.85 28.42
C ALA B 16 31.15 -2.27 27.92
N CYS B 17 32.26 -2.93 27.61
CA CYS B 17 32.25 -4.29 27.11
C CYS B 17 33.24 -5.13 27.90
N SER B 18 32.84 -6.34 28.27
CA SER B 18 33.69 -7.26 29.00
C SER B 18 33.36 -8.68 28.58
N ASN B 19 34.36 -9.57 28.70
CA ASN B 19 34.21 -10.95 28.33
C ASN B 19 33.96 -11.87 29.53
N ASN B 20 33.88 -11.32 30.75
CA ASN B 20 33.66 -12.14 31.93
C ASN B 20 32.69 -11.50 32.92
N SER B 21 31.95 -10.47 32.49
CA SER B 21 31.02 -9.78 33.37
C SER B 21 29.68 -9.62 32.67
N ILE B 22 28.60 -9.66 33.46
CA ILE B 22 27.24 -9.50 32.96
C ILE B 22 26.52 -8.47 33.83
N ALA B 23 25.77 -7.58 33.19
CA ALA B 23 25.03 -6.54 33.88
C ALA B 23 23.56 -6.92 33.95
N ILE B 24 23.01 -6.95 35.16
CA ILE B 24 21.62 -7.30 35.38
C ILE B 24 20.95 -6.24 36.25
N PRO B 25 19.65 -5.99 36.08
CA PRO B 25 18.98 -5.03 36.95
C PRO B 25 18.82 -5.56 38.36
N THR B 26 18.70 -4.62 39.30
CA THR B 26 18.48 -4.94 40.71
C THR B 26 17.10 -4.54 41.21
N ASN B 27 16.61 -3.36 40.82
CA ASN B 27 15.31 -2.89 41.26
C ASN B 27 14.41 -2.66 40.05
N PHE B 28 13.11 -2.57 40.31
CA PHE B 28 12.14 -2.37 39.26
C PHE B 28 11.08 -1.37 39.73
N THR B 29 10.51 -0.64 38.77
CA THR B 29 9.50 0.36 39.05
C THR B 29 8.33 0.20 38.09
N ILE B 30 7.14 0.57 38.57
CA ILE B 30 5.91 0.53 37.78
C ILE B 30 5.39 1.95 37.66
N SER B 31 5.13 2.38 36.42
CA SER B 31 4.68 3.74 36.14
C SER B 31 3.44 3.70 35.26
N VAL B 32 2.70 4.80 35.28
CA VAL B 32 1.50 4.96 34.45
C VAL B 32 1.71 6.19 33.58
N THR B 33 1.57 6.02 32.27
CA THR B 33 1.74 7.10 31.31
C THR B 33 0.44 7.34 30.55
N THR B 34 0.19 8.59 30.21
CA THR B 34 -1.03 8.98 29.51
C THR B 34 -0.70 9.39 28.08
N GLU B 35 -1.37 8.79 27.11
CA GLU B 35 -1.19 9.11 25.70
C GLU B 35 -2.54 9.52 25.12
N ILE B 36 -2.64 10.77 24.68
CA ILE B 36 -3.89 11.32 24.16
C ILE B 36 -3.81 11.37 22.64
N LEU B 37 -4.84 10.85 21.97
CA LEU B 37 -4.87 10.86 20.52
C LEU B 37 -6.26 11.20 19.99
N PRO B 38 -6.38 12.23 19.17
CA PRO B 38 -7.69 12.53 18.56
C PRO B 38 -8.10 11.46 17.56
N VAL B 39 -9.41 11.27 17.42
CA VAL B 39 -9.94 10.23 16.53
C VAL B 39 -10.95 10.77 15.53
N SER B 40 -11.59 11.91 15.76
CA SER B 40 -12.62 12.40 14.85
C SER B 40 -12.78 13.90 15.03
N MET B 41 -13.45 14.52 14.07
CA MET B 41 -13.73 15.95 14.11
C MET B 41 -15.23 16.21 13.97
N THR B 42 -15.61 17.48 13.81
CA THR B 42 -17.01 17.86 13.64
C THR B 42 -17.33 17.89 12.15
N LYS B 43 -18.15 16.94 11.70
CA LYS B 43 -18.52 16.88 10.29
C LYS B 43 -19.44 18.03 9.92
N THR B 44 -19.32 18.50 8.68
CA THR B 44 -20.12 19.60 8.19
C THR B 44 -20.37 19.43 6.70
N SER B 45 -21.41 20.10 6.22
CA SER B 45 -21.78 20.03 4.82
C SER B 45 -22.43 21.35 4.41
N VAL B 46 -22.46 21.59 3.10
CA VAL B 46 -23.02 22.81 2.53
C VAL B 46 -24.07 22.44 1.50
N ASP B 47 -25.19 23.18 1.50
CA ASP B 47 -26.29 22.93 0.58
C ASP B 47 -26.06 23.73 -0.70
N CYS B 48 -25.97 23.02 -1.83
CA CYS B 48 -25.73 23.69 -3.11
C CYS B 48 -26.91 24.56 -3.51
N THR B 49 -28.14 24.07 -3.29
CA THR B 49 -29.33 24.79 -3.70
C THR B 49 -29.57 26.07 -2.90
N MET B 50 -28.85 26.27 -1.80
CA MET B 50 -29.02 27.45 -0.97
C MET B 50 -27.77 28.32 -0.86
N TYR B 51 -26.58 27.73 -0.91
CA TYR B 51 -25.36 28.53 -0.86
C TYR B 51 -25.21 29.40 -2.10
N ILE B 52 -25.34 28.78 -3.28
CA ILE B 52 -25.22 29.53 -4.53
C ILE B 52 -26.43 30.43 -4.73
N CYS B 53 -27.63 29.92 -4.46
CA CYS B 53 -28.85 30.67 -4.72
C CYS B 53 -29.08 31.75 -3.68
N GLY B 54 -29.17 31.36 -2.40
CA GLY B 54 -29.48 32.32 -1.36
C GLY B 54 -30.95 32.73 -1.38
N ASP B 55 -31.22 33.94 -0.89
CA ASP B 55 -32.58 34.47 -0.84
C ASP B 55 -32.92 35.12 -2.19
N SER B 56 -33.05 34.26 -3.20
CA SER B 56 -33.37 34.68 -4.55
C SER B 56 -34.66 34.01 -5.00
N THR B 57 -35.56 34.78 -5.61
CA THR B 57 -36.83 34.23 -6.08
C THR B 57 -36.60 33.21 -7.19
N GLU B 58 -35.71 33.52 -8.13
CA GLU B 58 -35.40 32.63 -9.24
C GLU B 58 -33.89 32.56 -9.40
N CYS B 59 -33.34 31.35 -9.33
CA CYS B 59 -31.89 31.16 -9.41
C CYS B 59 -31.52 29.94 -10.25
N SER B 60 -32.38 29.56 -11.20
CA SER B 60 -32.09 28.38 -12.02
C SER B 60 -30.87 28.61 -12.89
N ASN B 61 -30.77 29.78 -13.52
CA ASN B 61 -29.62 30.07 -14.37
C ASN B 61 -28.33 30.14 -13.57
N LEU B 62 -28.36 30.77 -12.39
CA LEU B 62 -27.17 30.82 -11.55
C LEU B 62 -26.74 29.42 -11.11
N LEU B 63 -27.71 28.58 -10.74
CA LEU B 63 -27.38 27.21 -10.36
C LEU B 63 -26.76 26.45 -11.52
N LEU B 64 -27.35 26.58 -12.71
CA LEU B 64 -26.79 25.91 -13.88
C LEU B 64 -25.39 26.42 -14.19
N GLN B 65 -25.12 27.69 -13.93
CA GLN B 65 -23.82 28.26 -14.21
C GLN B 65 -22.76 27.81 -13.21
N TYR B 66 -23.12 27.75 -11.92
CA TYR B 66 -22.12 27.58 -10.86
C TYR B 66 -22.35 26.35 -10.00
N GLY B 67 -23.01 25.31 -10.52
CA GLY B 67 -23.18 24.11 -9.73
C GLY B 67 -22.05 23.11 -9.74
N SER B 68 -21.15 23.17 -10.72
CA SER B 68 -20.11 22.14 -10.83
C SER B 68 -19.15 22.19 -9.66
N PHE B 69 -18.61 23.37 -9.35
CA PHE B 69 -17.68 23.50 -8.25
C PHE B 69 -18.35 23.25 -6.91
N CYS B 70 -19.61 23.66 -6.77
CA CYS B 70 -20.36 23.37 -5.55
C CYS B 70 -20.54 21.86 -5.36
N THR B 71 -20.85 21.14 -6.44
CA THR B 71 -20.98 19.69 -6.35
C THR B 71 -19.65 19.04 -5.99
N GLN B 72 -18.55 19.53 -6.57
CA GLN B 72 -17.24 18.99 -6.23
C GLN B 72 -16.92 19.21 -4.76
N LEU B 73 -17.20 20.41 -4.24
CA LEU B 73 -16.95 20.69 -2.84
C LEU B 73 -17.83 19.85 -1.94
N ASN B 74 -19.09 19.65 -2.32
CA ASN B 74 -19.99 18.81 -1.54
C ASN B 74 -19.49 17.36 -1.51
N ARG B 75 -18.99 16.86 -2.65
CA ARG B 75 -18.42 15.52 -2.68
C ARG B 75 -17.20 15.43 -1.78
N ALA B 76 -16.35 16.46 -1.79
CA ALA B 76 -15.18 16.46 -0.91
C ALA B 76 -15.59 16.46 0.55
N LEU B 77 -16.60 17.25 0.91
CA LEU B 77 -17.08 17.27 2.29
C LEU B 77 -17.68 15.93 2.69
N THR B 78 -18.43 15.30 1.79
CA THR B 78 -18.98 13.98 2.05
C THR B 78 -17.88 12.96 2.26
N GLY B 79 -16.83 13.02 1.44
CA GLY B 79 -15.69 12.13 1.63
C GLY B 79 -15.00 12.35 2.97
N ILE B 80 -14.84 13.61 3.36
CA ILE B 80 -14.24 13.91 4.67
C ILE B 80 -15.09 13.32 5.79
N ALA B 81 -16.41 13.52 5.71
CA ALA B 81 -17.30 13.02 6.75
C ALA B 81 -17.28 11.51 6.83
N VAL B 82 -17.32 10.83 5.68
CA VAL B 82 -17.31 9.37 5.69
C VAL B 82 -15.96 8.85 6.18
N GLU B 83 -14.86 9.54 5.86
CA GLU B 83 -13.56 9.13 6.38
C GLU B 83 -13.51 9.27 7.90
N GLN B 84 -14.04 10.38 8.43
CA GLN B 84 -14.05 10.56 9.88
C GLN B 84 -14.90 9.49 10.56
N ASP B 85 -16.08 9.20 10.00
CA ASP B 85 -16.93 8.17 10.59
C ASP B 85 -16.29 6.80 10.53
N LYS B 86 -15.64 6.48 9.41
CA LYS B 86 -14.93 5.20 9.31
C LYS B 86 -13.80 5.11 10.32
N ASN B 87 -13.06 6.21 10.49
CA ASN B 87 -11.96 6.22 11.45
C ASN B 87 -12.46 6.00 12.87
N THR B 88 -13.50 6.71 13.27
CA THR B 88 -13.98 6.56 14.64
C THR B 88 -14.61 5.18 14.86
N GLN B 89 -15.30 4.65 13.85
CA GLN B 89 -15.86 3.31 13.97
C GLN B 89 -14.75 2.26 14.09
N GLU B 90 -13.69 2.40 13.29
CA GLU B 90 -12.57 1.45 13.37
C GLU B 90 -11.87 1.54 14.71
N VAL B 91 -11.68 2.75 15.24
CA VAL B 91 -10.89 2.88 16.47
C VAL B 91 -11.73 2.53 17.70
N PHE B 92 -13.07 2.65 17.63
CA PHE B 92 -13.90 2.46 18.81
C PHE B 92 -14.84 1.27 18.71
N ALA B 93 -14.69 0.41 17.70
CA ALA B 93 -15.53 -0.77 17.57
C ALA B 93 -14.71 -1.97 17.13
N GLN B 94 -13.53 -2.15 17.74
CA GLN B 94 -12.68 -3.29 17.40
C GLN B 94 -13.28 -4.61 17.86
N VAL B 95 -13.93 -4.61 19.02
CA VAL B 95 -14.50 -5.82 19.61
C VAL B 95 -16.00 -5.66 19.73
N LYS B 96 -16.72 -6.71 19.37
CA LYS B 96 -18.18 -6.73 19.40
C LYS B 96 -18.75 -7.43 20.61
N GLN B 97 -18.13 -8.53 21.06
CA GLN B 97 -18.63 -9.25 22.22
C GLN B 97 -18.51 -8.41 23.48
N CYS B 98 -19.50 -8.54 24.37
CA CYS B 98 -19.55 -7.73 25.57
C CYS B 98 -20.24 -8.50 26.69
N TYR B 99 -20.00 -8.06 27.92
CA TYR B 99 -20.64 -8.65 29.09
C TYR B 99 -20.68 -7.60 30.20
N LYS B 100 -21.46 -7.90 31.24
CA LYS B 100 -21.81 -6.90 32.24
C LYS B 100 -20.60 -6.46 33.06
N THR B 101 -20.75 -5.31 33.70
CA THR B 101 -19.66 -4.72 34.47
C THR B 101 -19.45 -5.48 35.78
N PRO B 102 -18.22 -5.52 36.28
CA PRO B 102 -17.97 -6.12 37.59
C PRO B 102 -18.33 -5.16 38.71
N PRO B 103 -19.24 -5.55 39.60
CA PRO B 103 -19.62 -4.65 40.70
C PRO B 103 -18.46 -4.29 41.62
N ILE B 104 -17.51 -5.21 41.82
CA ILE B 104 -16.40 -4.93 42.72
C ILE B 104 -15.41 -3.98 42.05
N LYS B 105 -14.81 -3.10 42.85
CA LYS B 105 -13.87 -2.10 42.36
C LYS B 105 -12.42 -2.41 42.72
N ASP B 106 -12.18 -3.36 43.63
CA ASP B 106 -10.84 -3.70 44.07
C ASP B 106 -10.52 -5.13 43.64
N PHE B 107 -9.34 -5.31 43.04
CA PHE B 107 -8.88 -6.62 42.57
C PHE B 107 -7.48 -6.85 43.12
N GLY B 108 -7.40 -7.48 44.28
CA GLY B 108 -6.11 -7.78 44.89
C GLY B 108 -5.37 -6.57 45.41
N GLY B 109 -6.07 -5.50 45.76
CA GLY B 109 -5.48 -4.28 46.28
C GLY B 109 -5.38 -3.16 45.26
N PHE B 110 -5.48 -3.47 43.97
CA PHE B 110 -5.46 -2.43 42.96
C PHE B 110 -6.78 -1.66 42.96
N ASN B 111 -6.68 -0.34 42.92
CA ASN B 111 -7.85 0.54 42.96
C ASN B 111 -8.18 1.01 41.54
N PHE B 112 -9.37 0.68 41.08
CA PHE B 112 -9.84 1.07 39.75
C PHE B 112 -11.04 2.01 39.82
N SER B 113 -11.15 2.78 40.92
CA SER B 113 -12.27 3.70 41.06
C SER B 113 -12.25 4.78 40.00
N GLN B 114 -11.07 5.31 39.68
CA GLN B 114 -10.95 6.37 38.69
C GLN B 114 -11.09 5.86 37.27
N ILE B 115 -10.98 4.55 37.05
CA ILE B 115 -11.08 3.96 35.72
C ILE B 115 -12.45 3.35 35.48
N LEU B 116 -12.94 2.54 36.42
CA LEU B 116 -14.24 1.91 36.25
C LEU B 116 -15.35 2.94 36.36
N PRO B 117 -16.34 2.89 35.47
CA PRO B 117 -17.47 3.83 35.57
C PRO B 117 -18.27 3.61 36.84
N ASP B 118 -18.88 4.70 37.33
CA ASP B 118 -19.68 4.65 38.54
C ASP B 118 -21.15 4.53 38.16
N PRO B 119 -21.80 3.39 38.42
CA PRO B 119 -23.23 3.27 38.09
C PRO B 119 -24.12 4.24 38.84
N SER B 120 -23.70 4.74 40.00
CA SER B 120 -24.54 5.66 40.77
C SER B 120 -24.78 6.95 40.02
N LYS B 121 -23.74 7.50 39.39
CA LYS B 121 -23.90 8.72 38.62
C LYS B 121 -24.68 8.44 37.34
N PRO B 122 -25.65 9.28 37.00
CA PRO B 122 -26.43 9.06 35.76
C PRO B 122 -25.60 9.11 34.50
N SER B 123 -24.48 9.84 34.52
CA SER B 123 -23.64 9.95 33.32
C SER B 123 -22.97 8.64 32.96
N LYS B 124 -22.84 7.70 33.92
CA LYS B 124 -22.22 6.40 33.68
C LYS B 124 -20.81 6.54 33.11
N ARG B 125 -20.06 7.49 33.64
CA ARG B 125 -18.70 7.76 33.21
C ARG B 125 -17.74 7.53 34.37
N SER B 126 -16.46 7.81 34.12
CA SER B 126 -15.40 7.71 35.12
C SER B 126 -14.93 9.09 35.53
N PRO B 127 -14.35 9.22 36.74
CA PRO B 127 -13.83 10.54 37.15
C PRO B 127 -12.81 11.11 36.18
N ILE B 128 -11.94 10.27 35.63
CA ILE B 128 -11.01 10.73 34.61
C ILE B 128 -11.77 11.18 33.36
N GLU B 129 -12.75 10.39 32.94
CA GLU B 129 -13.55 10.76 31.78
C GLU B 129 -14.35 12.03 32.04
N ASP B 130 -14.90 12.17 33.26
CA ASP B 130 -15.64 13.38 33.61
C ASP B 130 -14.73 14.61 33.58
N LEU B 131 -13.51 14.48 34.11
CA LEU B 131 -12.57 15.59 34.07
C LEU B 131 -12.20 15.95 32.64
N LEU B 132 -11.97 14.93 31.80
CA LEU B 132 -11.63 15.20 30.40
C LEU B 132 -12.77 15.90 29.69
N PHE B 133 -14.01 15.47 29.92
CA PHE B 133 -15.16 16.11 29.29
C PHE B 133 -15.34 17.53 29.78
N ASN B 134 -15.13 17.78 31.07
CA ASN B 134 -15.31 19.12 31.61
C ASN B 134 -14.23 20.07 31.13
N LYS B 135 -12.98 19.60 31.06
CA LYS B 135 -11.87 20.47 30.66
C LYS B 135 -11.77 20.69 29.16
N VAL B 136 -12.48 19.90 28.37
CA VAL B 136 -12.47 20.04 26.91
C VAL B 136 -13.87 20.50 26.50
N THR B 137 -13.98 21.77 26.11
CA THR B 137 -15.26 22.33 25.70
C THR B 137 -15.13 23.08 24.38
N LEU B 138 -16.18 23.78 23.98
CA LEU B 138 -16.19 24.56 22.75
C LEU B 138 -16.65 25.98 23.06
N ALA B 139 -16.21 26.92 22.22
CA ALA B 139 -16.54 28.32 22.42
C ALA B 139 -18.04 28.54 22.25
N ASP B 140 -18.63 29.28 23.19
CA ASP B 140 -20.07 29.53 23.13
C ASP B 140 -20.44 30.38 21.92
N ALA B 141 -19.62 31.37 21.60
CA ALA B 141 -19.86 32.23 20.43
C ALA B 141 -19.27 31.60 19.17
N GLY B 142 -19.82 30.44 18.82
CA GLY B 142 -19.37 29.72 17.65
C GLY B 142 -20.55 29.23 16.83
N PHE B 143 -20.24 28.84 15.59
CA PHE B 143 -21.28 28.37 14.69
C PHE B 143 -21.86 27.04 15.17
N ILE B 144 -21.02 26.18 15.75
CA ILE B 144 -21.50 24.87 16.21
C ILE B 144 -22.52 25.03 17.32
N LYS B 145 -22.23 25.91 18.28
CA LYS B 145 -23.16 26.11 19.39
C LYS B 145 -24.47 26.70 18.92
N GLN B 146 -24.42 27.69 18.01
CA GLN B 146 -25.64 28.28 17.49
C GLN B 146 -26.46 27.26 16.71
N TYR B 147 -25.80 26.43 15.91
CA TYR B 147 -26.51 25.39 15.16
C TYR B 147 -27.14 24.38 16.10
N GLY B 148 -26.44 23.98 17.16
CA GLY B 148 -27.01 23.06 18.12
C GLY B 148 -28.22 23.65 18.84
N ASP B 149 -28.13 24.94 19.21
CA ASP B 149 -29.26 25.59 19.87
C ASP B 149 -30.45 25.70 18.93
N CYS B 150 -30.21 26.04 17.66
CA CYS B 150 -31.30 26.22 16.71
C CYS B 150 -31.87 24.91 16.20
N LEU B 151 -31.15 23.80 16.34
CA LEU B 151 -31.63 22.53 15.82
C LEU B 151 -32.91 22.09 16.51
N GLY B 152 -32.96 22.23 17.84
CA GLY B 152 -34.14 21.82 18.57
C GLY B 152 -34.35 20.33 18.69
N ASP B 153 -33.29 19.55 18.45
CA ASP B 153 -33.35 18.09 18.53
C ASP B 153 -34.43 17.52 17.61
N ILE B 154 -34.54 18.08 16.41
CA ILE B 154 -35.50 17.63 15.41
C ILE B 154 -34.89 17.80 14.03
N ALA B 155 -35.06 16.79 13.18
CA ALA B 155 -34.51 16.84 11.83
C ALA B 155 -35.38 17.67 10.88
N ALA B 156 -36.63 17.93 11.23
CA ALA B 156 -37.50 18.71 10.37
C ALA B 156 -37.10 20.18 10.33
N ARG B 157 -36.44 20.67 11.39
CA ARG B 157 -36.01 22.05 11.47
C ARG B 157 -34.61 22.28 10.91
N ASP B 158 -33.98 21.24 10.35
CA ASP B 158 -32.62 21.39 9.84
C ASP B 158 -32.56 22.39 8.70
N LEU B 159 -33.50 22.30 7.76
CA LEU B 159 -33.49 23.21 6.62
C LEU B 159 -33.82 24.64 7.03
N ILE B 160 -34.72 24.81 8.00
CA ILE B 160 -35.10 26.16 8.43
C ILE B 160 -33.89 26.92 8.97
N CYS B 161 -33.10 26.26 9.81
CA CYS B 161 -31.90 26.91 10.35
C CYS B 161 -30.77 26.95 9.32
N ALA B 162 -30.71 25.97 8.43
CA ALA B 162 -29.70 25.99 7.37
C ALA B 162 -29.89 27.17 6.43
N GLN B 163 -31.15 27.60 6.25
CA GLN B 163 -31.42 28.79 5.47
C GLN B 163 -30.75 30.01 6.08
N LYS B 164 -30.73 30.09 7.42
CA LYS B 164 -30.06 31.20 8.10
C LYS B 164 -28.56 31.19 7.81
N PHE B 165 -27.94 30.00 7.83
CA PHE B 165 -26.52 29.86 7.61
C PHE B 165 -26.16 29.58 6.15
N ASN B 166 -27.12 29.70 5.24
CA ASN B 166 -26.91 29.51 3.81
C ASN B 166 -26.37 28.10 3.51
N GLY B 167 -27.04 27.11 4.08
CA GLY B 167 -26.71 25.73 3.83
C GLY B 167 -25.67 25.12 4.74
N LEU B 168 -25.10 25.91 5.65
CA LEU B 168 -24.09 25.38 6.57
C LEU B 168 -24.78 24.55 7.65
N THR B 169 -24.45 23.26 7.69
CA THR B 169 -25.04 22.32 8.64
C THR B 169 -23.95 21.51 9.31
N VAL B 170 -24.24 21.05 10.52
CA VAL B 170 -23.33 20.21 11.29
C VAL B 170 -23.89 18.80 11.28
N LEU B 171 -23.16 17.88 10.65
CA LEU B 171 -23.59 16.49 10.59
C LEU B 171 -23.35 15.80 11.92
N PRO B 172 -24.37 15.24 12.55
CA PRO B 172 -24.14 14.54 13.82
C PRO B 172 -23.26 13.33 13.61
N PRO B 173 -22.44 12.99 14.61
CA PRO B 173 -21.61 11.79 14.48
C PRO B 173 -22.45 10.52 14.45
N LEU B 174 -21.93 9.51 13.75
CA LEU B 174 -22.63 8.24 13.66
C LEU B 174 -22.77 7.57 15.03
N LEU B 175 -21.70 7.61 15.82
CA LEU B 175 -21.70 7.04 17.16
C LEU B 175 -21.82 8.16 18.18
N THR B 176 -22.82 8.06 19.05
CA THR B 176 -23.03 9.07 20.06
C THR B 176 -22.06 8.87 21.22
N ASP B 177 -22.10 9.82 22.18
CA ASP B 177 -21.22 9.72 23.34
C ASP B 177 -21.56 8.50 24.19
N GLU B 178 -22.84 8.16 24.29
CA GLU B 178 -23.24 7.00 25.08
C GLU B 178 -22.66 5.70 24.52
N MET B 179 -22.70 5.54 23.19
CA MET B 179 -22.16 4.33 22.58
C MET B 179 -20.65 4.23 22.78
N ILE B 180 -19.94 5.35 22.62
CA ILE B 180 -18.50 5.35 22.83
C ILE B 180 -18.17 5.03 24.27
N ALA B 181 -18.92 5.61 25.21
CA ALA B 181 -18.69 5.31 26.62
C ALA B 181 -18.96 3.84 26.94
N GLN B 182 -20.01 3.27 26.36
CA GLN B 182 -20.31 1.86 26.59
C GLN B 182 -19.20 0.97 26.02
N TYR B 183 -18.71 1.28 24.82
CA TYR B 183 -17.63 0.51 24.23
C TYR B 183 -16.37 0.60 25.08
N THR B 184 -16.04 1.81 25.56
CA THR B 184 -14.87 1.97 26.41
C THR B 184 -15.01 1.22 27.71
N SER B 185 -16.21 1.25 28.32
CA SER B 185 -16.43 0.51 29.55
C SER B 185 -16.29 -1.00 29.32
N CYS B 186 -16.84 -1.49 28.20
CA CYS B 186 -16.71 -2.92 27.89
C CYS B 186 -15.24 -3.31 27.69
N LEU B 187 -14.48 -2.46 27.00
CA LEU B 187 -13.05 -2.74 26.82
C LEU B 187 -12.34 -2.75 28.17
N LEU B 188 -12.68 -1.82 29.06
CA LEU B 188 -12.07 -1.79 30.39
C LEU B 188 -12.40 -3.06 31.17
N ALA B 189 -13.65 -3.53 31.08
CA ALA B 189 -14.03 -4.75 31.76
C ALA B 189 -13.25 -5.94 31.19
N GLY B 190 -13.14 -6.01 29.86
CA GLY B 190 -12.43 -7.12 29.25
C GLY B 190 -10.95 -7.12 29.53
N THR B 191 -10.37 -5.94 29.77
CA THR B 191 -8.95 -5.86 30.09
C THR B 191 -8.69 -6.15 31.56
N ILE B 192 -9.38 -5.45 32.46
CA ILE B 192 -9.17 -5.65 33.89
C ILE B 192 -9.61 -7.04 34.33
N CYS B 193 -10.73 -7.53 33.81
CA CYS B 193 -11.26 -8.83 34.18
C CYS B 193 -11.14 -9.79 33.00
N SER B 194 -10.83 -11.05 33.30
CA SER B 194 -10.64 -12.11 32.29
C SER B 194 -9.50 -11.66 31.39
N GLY B 195 -9.67 -11.65 30.07
CA GLY B 195 -8.61 -11.21 29.18
C GLY B 195 -9.09 -11.23 27.74
N TRP B 196 -8.21 -10.77 26.86
CA TRP B 196 -8.49 -10.71 25.43
C TRP B 196 -7.54 -11.64 24.68
N THR B 197 -8.11 -12.50 23.85
CA THR B 197 -7.32 -13.38 23.00
C THR B 197 -7.06 -12.71 21.64
N PHE B 198 -6.16 -13.31 20.87
CA PHE B 198 -5.82 -12.80 19.54
C PHE B 198 -6.96 -13.20 18.60
N GLY B 199 -8.05 -12.44 18.68
CA GLY B 199 -9.24 -12.73 17.92
C GLY B 199 -10.39 -13.14 18.82
N ALA B 200 -11.50 -13.54 18.15
CA ALA B 200 -12.70 -13.98 18.84
C ALA B 200 -13.22 -12.92 19.79
N GLY B 201 -13.21 -13.22 21.09
CA GLY B 201 -13.69 -12.30 22.09
C GLY B 201 -12.98 -12.46 23.42
N PRO B 202 -13.73 -12.30 24.52
CA PRO B 202 -13.13 -12.42 25.85
C PRO B 202 -12.64 -13.84 26.11
N ALA B 203 -11.58 -13.92 26.93
CA ALA B 203 -10.99 -15.20 27.30
C ALA B 203 -11.66 -15.73 28.57
N LEU B 204 -11.11 -16.79 29.14
CA LEU B 204 -11.65 -17.37 30.35
C LEU B 204 -11.42 -16.45 31.54
N GLN B 205 -12.27 -16.57 32.54
CA GLN B 205 -12.18 -15.71 33.73
C GLN B 205 -10.94 -16.08 34.53
N ILE B 206 -10.11 -15.07 34.83
CA ILE B 206 -8.90 -15.27 35.60
C ILE B 206 -8.75 -14.11 36.58
N PRO B 207 -8.30 -14.35 37.81
CA PRO B 207 -8.06 -13.24 38.74
C PRO B 207 -7.03 -12.26 38.20
N PHE B 208 -7.23 -10.98 38.50
CA PHE B 208 -6.33 -9.94 38.02
C PHE B 208 -4.88 -10.13 38.45
N PRO B 209 -4.56 -10.47 39.70
CA PRO B 209 -3.14 -10.74 40.03
C PRO B 209 -2.53 -11.84 39.20
N MET B 210 -3.29 -12.90 38.89
CA MET B 210 -2.77 -13.97 38.04
C MET B 210 -2.50 -13.47 36.62
N GLN B 211 -3.39 -12.61 36.10
CA GLN B 211 -3.15 -12.03 34.78
C GLN B 211 -1.91 -11.16 34.77
N MET B 212 -1.71 -10.37 35.84
CA MET B 212 -0.51 -9.55 35.93
C MET B 212 0.74 -10.41 36.03
N ALA B 213 0.66 -11.52 36.76
CA ALA B 213 1.79 -12.45 36.83
C ALA B 213 2.08 -13.05 35.45
N TYR B 214 1.04 -13.37 34.69
CA TYR B 214 1.24 -13.86 33.33
C TYR B 214 1.90 -12.79 32.46
N ARG B 215 1.50 -11.53 32.64
CA ARG B 215 2.15 -10.44 31.89
C ARG B 215 3.62 -10.32 32.26
N PHE B 216 3.95 -10.43 33.55
CA PHE B 216 5.35 -10.40 33.96
C PHE B 216 6.12 -11.56 33.38
N ASN B 217 5.51 -12.75 33.33
CA ASN B 217 6.16 -13.89 32.69
C ASN B 217 6.38 -13.63 31.21
N GLY B 218 5.43 -12.95 30.57
CA GLY B 218 5.60 -12.61 29.16
C GLY B 218 6.75 -11.64 28.93
N ILE B 219 6.88 -10.63 29.79
CA ILE B 219 7.96 -9.67 29.64
C ILE B 219 9.31 -10.22 30.07
N GLY B 220 9.34 -11.38 30.74
CA GLY B 220 10.58 -12.01 31.12
C GLY B 220 10.91 -11.93 32.59
N VAL B 221 9.89 -11.87 33.44
CA VAL B 221 10.06 -11.80 34.88
C VAL B 221 9.25 -12.93 35.51
N THR B 222 9.87 -13.68 36.41
CA THR B 222 9.18 -14.78 37.07
C THR B 222 8.05 -14.24 37.95
N GLN B 223 6.95 -14.99 37.99
CA GLN B 223 5.76 -14.56 38.73
C GLN B 223 6.01 -14.46 40.23
N ASN B 224 7.03 -15.15 40.74
CA ASN B 224 7.33 -15.06 42.16
C ASN B 224 7.74 -13.65 42.56
N VAL B 225 8.31 -12.89 41.62
CA VAL B 225 8.64 -11.49 41.89
C VAL B 225 7.37 -10.69 42.16
N LEU B 226 6.34 -10.89 41.34
CA LEU B 226 5.06 -10.23 41.59
C LEU B 226 4.43 -10.70 42.89
N TYR B 227 4.47 -12.01 43.14
CA TYR B 227 3.80 -12.55 44.32
C TYR B 227 4.50 -12.11 45.61
N GLU B 228 5.80 -11.83 45.55
CA GLU B 228 6.52 -11.33 46.71
C GLU B 228 6.54 -9.80 46.78
N ASN B 229 6.07 -9.11 45.75
CA ASN B 229 6.05 -7.65 45.72
C ASN B 229 4.70 -7.12 45.26
N GLN B 230 3.62 -7.83 45.58
CA GLN B 230 2.29 -7.40 45.17
C GLN B 230 1.91 -6.09 45.84
N LYS B 231 2.22 -5.96 47.13
CA LYS B 231 1.86 -4.73 47.85
C LYS B 231 2.59 -3.52 47.28
N LEU B 232 3.87 -3.66 46.97
CA LEU B 232 4.64 -2.53 46.46
C LEU B 232 4.12 -2.06 45.10
N ILE B 233 3.87 -3.02 44.20
CA ILE B 233 3.38 -2.64 42.86
C ILE B 233 1.96 -2.08 42.94
N ALA B 234 1.13 -2.63 43.84
CA ALA B 234 -0.21 -2.08 44.02
C ALA B 234 -0.16 -0.65 44.54
N ASN B 235 0.72 -0.39 45.51
CA ASN B 235 0.85 0.96 46.03
C ASN B 235 1.37 1.92 44.97
N GLN B 236 2.35 1.47 44.18
CA GLN B 236 2.87 2.32 43.10
C GLN B 236 1.80 2.63 42.07
N PHE B 237 1.00 1.63 41.69
CA PHE B 237 -0.07 1.85 40.72
C PHE B 237 -1.12 2.81 41.28
N ASN B 238 -1.49 2.64 42.55
CA ASN B 238 -2.46 3.54 43.15
C ASN B 238 -1.93 4.97 43.22
N SER B 239 -0.66 5.13 43.59
CA SER B 239 -0.06 6.46 43.64
C SER B 239 -0.02 7.11 42.26
N ALA B 240 0.35 6.33 41.23
CA ALA B 240 0.38 6.87 39.88
C ALA B 240 -1.01 7.27 39.40
N ILE B 241 -2.02 6.45 39.70
CA ILE B 241 -3.39 6.76 39.31
C ILE B 241 -3.85 8.04 40.02
N GLY B 242 -3.55 8.18 41.30
CA GLY B 242 -3.94 9.38 42.02
C GLY B 242 -3.22 10.62 41.51
N LYS B 243 -1.95 10.47 41.14
CA LYS B 243 -1.16 11.62 40.68
C LYS B 243 -1.53 12.04 39.27
N ILE B 244 -1.97 11.09 38.42
CA ILE B 244 -2.30 11.45 37.05
C ILE B 244 -3.51 12.37 36.99
N GLN B 245 -4.48 12.18 37.89
CA GLN B 245 -5.64 13.06 37.92
C GLN B 245 -5.24 14.48 38.29
N ASP B 246 -4.37 14.63 39.29
CA ASP B 246 -3.89 15.95 39.68
C ASP B 246 -3.07 16.59 38.55
N SER B 247 -2.26 15.79 37.87
CA SER B 247 -1.47 16.32 36.75
C SER B 247 -2.38 16.80 35.63
N LEU B 248 -3.43 16.04 35.31
CA LEU B 248 -4.36 16.45 34.27
C LEU B 248 -5.12 17.71 34.67
N SER B 249 -5.55 17.78 35.94
CA SER B 249 -6.34 18.93 36.38
C SER B 249 -5.50 20.20 36.46
N SER B 250 -4.24 20.08 36.89
CA SER B 250 -3.40 21.26 37.09
C SER B 250 -2.76 21.73 35.79
N THR B 251 -2.01 20.85 35.13
CA THR B 251 -1.30 21.24 33.92
C THR B 251 -2.27 21.44 32.77
N PRO B 252 -2.31 22.62 32.15
CA PRO B 252 -3.21 22.82 31.00
C PRO B 252 -2.66 22.31 29.68
N SER B 253 -1.35 22.07 29.59
CA SER B 253 -0.74 21.62 28.35
C SER B 253 -0.89 20.12 28.12
N ALA B 254 -1.39 19.37 29.12
CA ALA B 254 -1.58 17.94 28.93
C ALA B 254 -2.62 17.66 27.85
N LEU B 255 -3.72 18.41 27.85
CA LEU B 255 -4.79 18.24 26.87
C LEU B 255 -4.64 19.19 25.68
N GLY B 256 -3.40 19.51 25.30
CA GLY B 256 -3.19 20.51 24.26
C GLY B 256 -3.72 20.09 22.91
N LYS B 257 -3.61 18.81 22.56
CA LYS B 257 -3.96 18.37 21.21
C LYS B 257 -5.45 18.52 20.94
N LEU B 258 -6.29 18.00 21.85
CA LEU B 258 -7.73 18.05 21.63
C LEU B 258 -8.25 19.49 21.65
N GLN B 259 -7.78 20.29 22.62
CA GLN B 259 -8.19 21.67 22.69
C GLN B 259 -7.75 22.46 21.47
N ASP B 260 -6.53 22.21 20.99
CA ASP B 260 -6.04 22.88 19.80
C ASP B 260 -6.87 22.52 18.57
N VAL B 261 -7.20 21.24 18.42
CA VAL B 261 -8.02 20.81 17.28
C VAL B 261 -9.40 21.47 17.34
N VAL B 262 -10.01 21.48 18.53
CA VAL B 262 -11.33 22.07 18.68
C VAL B 262 -11.29 23.57 18.38
N ASN B 263 -10.27 24.26 18.89
CA ASN B 263 -10.14 25.69 18.65
C ASN B 263 -9.89 25.98 17.16
N GLN B 264 -9.09 25.14 16.50
CA GLN B 264 -8.83 25.34 15.07
C GLN B 264 -10.12 25.18 14.27
N ASN B 265 -10.90 24.14 14.57
CA ASN B 265 -12.17 23.95 13.87
C ASN B 265 -13.11 25.12 14.14
N ALA B 266 -13.18 25.56 15.39
CA ALA B 266 -14.09 26.66 15.75
C ALA B 266 -13.68 27.95 15.04
N GLN B 267 -12.39 28.25 14.99
CA GLN B 267 -11.95 29.48 14.34
C GLN B 267 -12.11 29.40 12.82
N ALA B 268 -11.93 28.21 12.23
CA ALA B 268 -12.18 28.06 10.81
C ALA B 268 -13.64 28.31 10.49
N LEU B 269 -14.54 27.74 11.29
CA LEU B 269 -15.97 27.97 11.07
C LEU B 269 -16.32 29.44 11.29
N ASN B 270 -15.73 30.06 12.31
CA ASN B 270 -16.01 31.46 12.60
C ASN B 270 -15.55 32.37 11.46
N THR B 271 -14.35 32.15 10.93
CA THR B 271 -13.90 32.98 9.82
C THR B 271 -14.69 32.69 8.55
N LEU B 272 -15.15 31.45 8.35
CA LEU B 272 -16.00 31.16 7.20
C LEU B 272 -17.32 31.91 7.30
N VAL B 273 -17.96 31.89 8.47
CA VAL B 273 -19.24 32.58 8.61
C VAL B 273 -19.05 34.08 8.59
N LYS B 274 -17.90 34.58 9.05
CA LYS B 274 -17.62 36.01 8.95
C LYS B 274 -17.45 36.44 7.50
N GLN B 275 -16.73 35.65 6.70
CA GLN B 275 -16.59 35.93 5.28
C GLN B 275 -17.91 35.76 4.54
N LEU B 276 -18.83 34.95 5.08
CA LEU B 276 -20.15 34.81 4.46
C LEU B 276 -20.91 36.13 4.45
N SER B 277 -20.84 36.87 5.55
CA SER B 277 -21.55 38.14 5.66
C SER B 277 -20.84 39.29 4.96
N SER B 278 -19.62 39.08 4.48
CA SER B 278 -18.89 40.14 3.80
C SER B 278 -19.57 40.50 2.47
N ASN B 279 -19.59 41.80 2.17
CA ASN B 279 -20.20 42.28 0.95
C ASN B 279 -19.24 42.33 -0.22
N PHE B 280 -17.95 42.04 0.01
CA PHE B 280 -16.93 42.05 -1.04
C PHE B 280 -16.88 43.38 -1.77
N GLY B 281 -17.24 43.39 -3.05
CA GLY B 281 -17.19 44.59 -3.85
C GLY B 281 -18.49 44.89 -4.57
N ALA B 282 -19.62 44.61 -3.93
CA ALA B 282 -20.94 44.86 -4.50
C ALA B 282 -21.69 45.88 -3.64
N ILE B 283 -22.87 46.27 -4.10
CA ILE B 283 -23.67 47.24 -3.37
C ILE B 283 -24.14 46.65 -2.04
N SER B 284 -24.64 45.42 -2.07
CA SER B 284 -25.13 44.78 -0.86
C SER B 284 -25.01 43.27 -1.02
N SER B 285 -25.07 42.57 0.11
CA SER B 285 -24.97 41.12 0.10
C SER B 285 -26.25 40.45 -0.41
N VAL B 286 -27.35 41.19 -0.49
CA VAL B 286 -28.60 40.62 -0.96
C VAL B 286 -28.54 40.46 -2.48
N LEU B 287 -28.79 39.24 -2.96
CA LEU B 287 -28.72 38.97 -4.39
C LEU B 287 -29.85 39.68 -5.13
N ASN B 288 -31.06 39.68 -4.57
CA ASN B 288 -32.20 40.28 -5.24
C ASN B 288 -32.07 41.80 -5.31
N ASP B 289 -31.48 42.42 -4.28
CA ASP B 289 -31.33 43.87 -4.27
C ASP B 289 -30.45 44.35 -5.42
N ILE B 290 -29.40 43.59 -5.73
CA ILE B 290 -28.49 43.98 -6.81
C ILE B 290 -29.23 44.04 -8.15
N LEU B 291 -30.03 43.02 -8.43
CA LEU B 291 -30.78 43.00 -9.69
C LEU B 291 -31.95 43.98 -9.67
N SER B 292 -32.47 44.30 -8.49
CA SER B 292 -33.58 45.26 -8.42
C SER B 292 -33.09 46.69 -8.64
N ARG B 293 -31.94 47.04 -8.07
CA ARG B 293 -31.43 48.40 -8.13
C ARG B 293 -30.50 48.65 -9.31
N LEU B 294 -30.22 47.63 -10.13
CA LEU B 294 -29.33 47.79 -11.26
C LEU B 294 -29.91 47.05 -12.46
N ASP B 295 -29.49 47.48 -13.65
CA ASP B 295 -29.92 46.82 -14.88
C ASP B 295 -29.29 45.43 -14.99
N LYS B 296 -29.92 44.59 -15.82
CA LYS B 296 -29.50 43.20 -15.92
C LYS B 296 -28.05 43.02 -16.34
N PRO B 297 -27.53 43.70 -17.38
CA PRO B 297 -26.13 43.46 -17.75
C PRO B 297 -25.14 43.76 -16.65
N GLU B 298 -25.35 44.83 -15.88
CA GLU B 298 -24.46 45.15 -14.78
C GLU B 298 -24.73 44.25 -13.57
N ALA B 299 -25.99 43.92 -13.32
CA ALA B 299 -26.32 43.03 -12.20
C ALA B 299 -25.71 41.65 -12.40
N GLU B 300 -25.55 41.21 -13.65
CA GLU B 300 -24.95 39.91 -13.91
C GLU B 300 -23.54 39.84 -13.33
N VAL B 301 -22.69 40.82 -13.66
CA VAL B 301 -21.32 40.80 -13.14
C VAL B 301 -21.31 41.15 -11.65
N GLN B 302 -22.21 42.02 -11.20
CA GLN B 302 -22.24 42.37 -9.78
C GLN B 302 -22.63 41.17 -8.91
N ILE B 303 -23.36 40.22 -9.47
CA ILE B 303 -23.64 38.98 -8.75
C ILE B 303 -22.55 37.94 -8.99
N ASP B 304 -21.96 37.93 -10.18
CA ASP B 304 -20.90 36.97 -10.48
C ASP B 304 -19.68 37.20 -9.59
N ARG B 305 -19.36 38.46 -9.30
CA ARG B 305 -18.22 38.72 -8.42
C ARG B 305 -18.47 38.19 -7.01
N LEU B 306 -19.68 38.39 -6.50
CA LEU B 306 -20.02 37.84 -5.17
C LEU B 306 -19.98 36.33 -5.18
N ILE B 307 -20.49 35.70 -6.25
CA ILE B 307 -20.47 34.25 -6.35
C ILE B 307 -19.03 33.74 -6.38
N THR B 308 -18.17 34.41 -7.14
CA THR B 308 -16.77 34.00 -7.22
C THR B 308 -16.07 34.15 -5.87
N GLY B 309 -16.34 35.24 -5.16
CA GLY B 309 -15.75 35.42 -3.85
C GLY B 309 -16.19 34.35 -2.86
N ARG B 310 -17.49 34.06 -2.84
CA ARG B 310 -18.00 33.02 -1.96
C ARG B 310 -17.42 31.65 -2.33
N LEU B 311 -17.29 31.38 -3.63
CA LEU B 311 -16.72 30.12 -4.08
C LEU B 311 -15.26 29.99 -3.67
N GLN B 312 -14.50 31.08 -3.79
CA GLN B 312 -13.10 31.04 -3.36
C GLN B 312 -12.98 30.82 -1.87
N SER B 313 -13.83 31.50 -1.08
CA SER B 313 -13.81 31.29 0.37
C SER B 313 -14.16 29.85 0.71
N LEU B 314 -15.16 29.28 0.05
CA LEU B 314 -15.55 27.89 0.30
C LEU B 314 -14.44 26.93 -0.12
N GLN B 315 -13.73 27.24 -1.21
CA GLN B 315 -12.63 26.40 -1.64
C GLN B 315 -11.49 26.42 -0.62
N THR B 316 -11.17 27.61 -0.10
CA THR B 316 -10.14 27.68 0.95
C THR B 316 -10.56 26.90 2.18
N TYR B 317 -11.83 27.04 2.59
CA TYR B 317 -12.32 26.31 3.75
C TYR B 317 -12.25 24.80 3.51
N VAL B 318 -12.63 24.34 2.33
CA VAL B 318 -12.68 22.91 2.07
C VAL B 318 -11.27 22.33 1.95
N THR B 319 -10.31 23.09 1.42
CA THR B 319 -8.95 22.56 1.35
C THR B 319 -8.31 22.54 2.74
N GLN B 320 -8.60 23.54 3.58
CA GLN B 320 -8.14 23.48 4.96
C GLN B 320 -8.76 22.29 5.69
N GLN B 321 -10.05 22.05 5.46
CA GLN B 321 -10.72 20.90 6.05
C GLN B 321 -10.13 19.59 5.56
N LEU B 322 -9.75 19.54 4.27
CA LEU B 322 -9.11 18.33 3.74
C LEU B 322 -7.76 18.08 4.41
N ILE B 323 -6.96 19.12 4.60
CA ILE B 323 -5.67 18.95 5.26
C ILE B 323 -5.89 18.47 6.70
N ARG B 324 -6.82 19.11 7.42
CA ARG B 324 -7.10 18.70 8.78
C ARG B 324 -7.63 17.26 8.84
N ALA B 325 -8.46 16.88 7.87
CA ALA B 325 -8.99 15.53 7.82
C ALA B 325 -7.89 14.51 7.57
N ALA B 326 -6.93 14.84 6.70
CA ALA B 326 -5.80 13.94 6.49
C ALA B 326 -4.98 13.78 7.76
N GLU B 327 -4.73 14.89 8.46
CA GLU B 327 -3.98 14.80 9.72
C GLU B 327 -4.72 13.96 10.76
N ILE B 328 -6.02 14.18 10.88
CA ILE B 328 -6.82 13.42 11.85
C ILE B 328 -6.91 11.96 11.44
N ARG B 329 -6.96 11.67 10.13
CA ARG B 329 -6.94 10.29 9.67
C ARG B 329 -5.64 9.59 10.06
N ALA B 330 -4.51 10.27 9.88
CA ALA B 330 -3.24 9.70 10.31
C ALA B 330 -3.22 9.46 11.81
N SER B 331 -3.70 10.43 12.59
CA SER B 331 -3.74 10.27 14.04
C SER B 331 -4.65 9.11 14.45
N ALA B 332 -5.80 8.97 13.77
CA ALA B 332 -6.73 7.90 14.10
C ALA B 332 -6.16 6.54 13.73
N ASN B 333 -5.44 6.46 12.61
CA ASN B 333 -4.77 5.21 12.26
C ASN B 333 -3.72 4.84 13.30
N LEU B 334 -2.95 5.82 13.76
CA LEU B 334 -1.98 5.56 14.82
C LEU B 334 -2.66 5.08 16.09
N ALA B 335 -3.77 5.72 16.47
CA ALA B 335 -4.50 5.31 17.66
C ALA B 335 -5.06 3.90 17.50
N ALA B 336 -5.58 3.58 16.32
CA ALA B 336 -6.15 2.26 16.09
C ALA B 336 -5.09 1.17 16.16
N THR B 337 -3.92 1.41 15.55
CA THR B 337 -2.86 0.40 15.63
C THR B 337 -2.30 0.30 17.04
N LYS B 338 -2.24 1.41 17.77
CA LYS B 338 -1.82 1.34 19.17
C LYS B 338 -2.79 0.51 20.00
N MET B 339 -4.09 0.71 19.79
CA MET B 339 -5.08 -0.08 20.51
C MET B 339 -4.99 -1.56 20.13
N SER B 340 -4.78 -1.84 18.84
CA SER B 340 -4.66 -3.23 18.40
C SER B 340 -3.45 -3.92 19.00
N GLU B 341 -2.32 -3.20 19.09
CA GLU B 341 -1.08 -3.81 19.54
C GLU B 341 -0.96 -3.88 21.07
N CYS B 342 -1.41 -2.85 21.78
CA CYS B 342 -1.19 -2.74 23.22
C CYS B 342 -2.42 -3.04 24.05
N VAL B 343 -3.60 -2.60 23.62
CA VAL B 343 -4.80 -2.76 24.44
C VAL B 343 -5.29 -4.19 24.42
N LEU B 344 -5.44 -4.76 23.22
CA LEU B 344 -6.00 -6.10 23.08
C LEU B 344 -5.02 -7.20 23.47
N GLY B 345 -3.75 -6.88 23.66
CA GLY B 345 -2.78 -7.89 24.04
C GLY B 345 -1.43 -7.27 24.34
N GLN B 346 -0.53 -8.09 24.87
CA GLN B 346 0.81 -7.64 25.19
C GLN B 346 1.57 -7.29 23.92
N SER B 347 2.32 -6.19 23.98
CA SER B 347 3.11 -5.71 22.85
C SER B 347 4.58 -5.97 23.12
N LYS B 348 5.27 -6.60 22.15
CA LYS B 348 6.68 -6.91 22.30
C LYS B 348 7.59 -5.72 22.04
N ARG B 349 7.06 -4.64 21.45
CA ARG B 349 7.88 -3.49 21.15
C ARG B 349 8.22 -2.73 22.43
N VAL B 350 9.44 -2.19 22.47
CA VAL B 350 9.96 -1.46 23.62
C VAL B 350 9.80 0.03 23.36
N ASP B 351 9.28 0.74 24.37
CA ASP B 351 9.05 2.19 24.38
C ASP B 351 7.94 2.61 23.42
N PHE B 352 7.23 1.68 22.79
CA PHE B 352 6.11 2.05 21.93
C PHE B 352 4.92 2.53 22.76
N CYS B 353 4.61 1.81 23.83
CA CYS B 353 3.55 2.18 24.77
C CYS B 353 4.22 2.51 26.10
N GLY B 354 4.52 3.78 26.30
CA GLY B 354 5.25 4.21 27.48
C GLY B 354 6.74 4.28 27.24
N LYS B 355 7.49 4.34 28.34
CA LYS B 355 8.95 4.40 28.31
C LYS B 355 9.48 3.23 29.13
N GLY B 356 9.61 2.07 28.48
CA GLY B 356 10.06 0.86 29.16
C GLY B 356 9.43 -0.39 28.58
N TYR B 357 8.87 -1.24 29.43
CA TYR B 357 8.20 -2.47 28.99
C TYR B 357 6.70 -2.31 29.20
N HIS B 358 5.93 -2.43 28.12
CA HIS B 358 4.49 -2.31 28.23
C HIS B 358 3.90 -3.52 28.94
N LEU B 359 2.94 -3.26 29.84
CA LEU B 359 2.27 -4.31 30.58
C LEU B 359 0.77 -4.36 30.29
N MET B 360 0.07 -3.25 30.46
CA MET B 360 -1.38 -3.21 30.27
C MET B 360 -1.77 -1.80 29.82
N SER B 361 -2.96 -1.71 29.23
CA SER B 361 -3.52 -0.45 28.78
C SER B 361 -4.98 -0.35 29.21
N PHE B 362 -5.39 0.85 29.62
CA PHE B 362 -6.76 1.10 30.08
C PHE B 362 -7.31 2.29 29.30
N PRO B 363 -7.89 2.05 28.14
CA PRO B 363 -8.40 3.15 27.32
C PRO B 363 -9.56 3.88 27.99
N GLN B 364 -9.65 5.18 27.73
CA GLN B 364 -10.76 6.00 28.18
C GLN B 364 -11.12 6.97 27.07
N SER B 365 -12.37 7.40 27.07
CA SER B 365 -12.87 8.28 26.01
C SER B 365 -12.86 9.73 26.47
N ALA B 366 -12.58 10.62 25.53
CA ALA B 366 -12.60 12.06 25.73
C ALA B 366 -13.24 12.68 24.51
N PRO B 367 -13.75 13.92 24.61
CA PRO B 367 -14.38 14.55 23.45
C PRO B 367 -13.49 14.53 22.22
N HIS B 368 -13.90 13.76 21.22
CA HIS B 368 -13.15 13.59 19.97
C HIS B 368 -11.71 13.12 20.24
N GLY B 369 -11.58 12.12 21.12
CA GLY B 369 -10.26 11.61 21.40
C GLY B 369 -10.31 10.40 22.31
N VAL B 370 -9.17 9.69 22.35
CA VAL B 370 -9.00 8.52 23.20
C VAL B 370 -7.70 8.68 23.98
N VAL B 371 -7.73 8.35 25.27
CA VAL B 371 -6.58 8.43 26.14
C VAL B 371 -6.20 7.03 26.60
N PHE B 372 -4.94 6.68 26.43
CA PHE B 372 -4.42 5.37 26.82
C PHE B 372 -3.59 5.53 28.09
N LEU B 373 -3.90 4.70 29.10
CA LEU B 373 -3.16 4.68 30.35
C LEU B 373 -2.23 3.47 30.32
N HIS B 374 -1.06 3.67 29.72
CA HIS B 374 -0.09 2.59 29.57
C HIS B 374 0.60 2.31 30.89
N VAL B 375 0.66 1.03 31.26
CA VAL B 375 1.41 0.58 32.43
C VAL B 375 2.80 0.18 31.96
N THR B 376 3.82 0.71 32.62
CA THR B 376 5.20 0.55 32.17
C THR B 376 6.05 -0.05 33.29
N TYR B 377 6.81 -1.08 32.95
CA TYR B 377 7.79 -1.69 33.84
C TYR B 377 9.16 -1.17 33.45
N VAL B 378 9.88 -0.60 34.41
CA VAL B 378 11.17 0.03 34.17
C VAL B 378 12.20 -0.60 35.11
N PRO B 379 13.23 -1.27 34.59
CA PRO B 379 14.33 -1.70 35.46
C PRO B 379 15.21 -0.53 35.87
N ALA B 380 15.92 -0.71 36.98
CA ALA B 380 16.79 0.33 37.51
C ALA B 380 17.81 -0.31 38.44
N GLN B 381 18.86 0.47 38.73
CA GLN B 381 19.99 0.03 39.54
C GLN B 381 20.68 -1.18 38.91
N GLU B 382 21.11 -0.99 37.67
CA GLU B 382 21.83 -2.04 36.96
C GLU B 382 23.19 -2.28 37.62
N LYS B 383 23.51 -3.54 37.87
CA LYS B 383 24.76 -3.91 38.52
C LYS B 383 25.44 -5.01 37.72
N ASN B 384 26.76 -4.93 37.63
CA ASN B 384 27.55 -5.91 36.90
C ASN B 384 28.25 -6.88 37.85
N PHE B 385 28.23 -8.15 37.48
CA PHE B 385 28.83 -9.21 38.29
C PHE B 385 29.59 -10.17 37.38
N THR B 386 30.59 -10.83 37.96
CA THR B 386 31.35 -11.83 37.22
C THR B 386 30.49 -13.06 36.96
N THR B 387 30.60 -13.60 35.74
CA THR B 387 29.84 -14.76 35.32
C THR B 387 30.77 -15.82 34.77
N ALA B 388 30.34 -17.09 34.88
CA ALA B 388 31.10 -18.22 34.36
C ALA B 388 30.15 -19.12 33.59
N PRO B 389 30.55 -19.60 32.41
CA PRO B 389 29.63 -20.45 31.62
C PRO B 389 29.25 -21.75 32.31
N ALA B 390 30.14 -22.36 33.09
CA ALA B 390 29.85 -23.66 33.68
C ALA B 390 30.58 -23.82 35.00
N ILE B 391 30.06 -24.73 35.82
CA ILE B 391 30.57 -25.00 37.15
C ILE B 391 30.97 -26.47 37.24
N CYS B 392 32.19 -26.72 37.72
CA CYS B 392 32.71 -28.07 37.91
C CYS B 392 32.69 -28.42 39.38
N HIS B 393 32.07 -29.56 39.70
CA HIS B 393 31.96 -30.02 41.09
C HIS B 393 32.74 -31.30 41.33
N ASP B 394 32.48 -32.34 40.56
CA ASP B 394 33.14 -33.64 40.71
C ASP B 394 33.66 -34.13 39.36
N GLY B 395 34.34 -33.25 38.64
CA GLY B 395 34.82 -33.57 37.31
C GLY B 395 33.70 -33.75 36.30
N LYS B 396 32.65 -32.96 36.41
CA LYS B 396 31.52 -33.05 35.49
C LYS B 396 30.92 -31.66 35.33
N ALA B 397 30.85 -31.19 34.09
CA ALA B 397 30.34 -29.85 33.83
C ALA B 397 28.85 -29.77 34.16
N HIS B 398 28.47 -28.67 34.81
CA HIS B 398 27.08 -28.41 35.18
C HIS B 398 26.62 -27.12 34.51
N PHE B 399 25.43 -27.16 33.91
CA PHE B 399 24.88 -26.00 33.25
C PHE B 399 23.50 -25.68 33.81
N PRO B 400 23.16 -24.41 33.99
CA PRO B 400 21.85 -24.06 34.55
C PRO B 400 20.73 -24.38 33.57
N ARG B 401 19.61 -24.86 34.12
CA ARG B 401 18.45 -25.15 33.28
C ARG B 401 17.82 -23.88 32.74
N GLU B 402 17.59 -22.90 33.59
CA GLU B 402 16.99 -21.62 33.19
C GLU B 402 17.62 -20.52 34.04
N GLY B 403 18.63 -19.86 33.51
CA GLY B 403 19.29 -18.78 34.21
C GLY B 403 20.77 -18.76 33.87
N VAL B 404 21.49 -17.91 34.60
CA VAL B 404 22.93 -17.74 34.43
C VAL B 404 23.60 -17.72 35.79
N PHE B 405 24.89 -18.04 35.79
CA PHE B 405 25.69 -18.05 37.01
C PHE B 405 26.21 -16.65 37.29
N VAL B 406 25.96 -16.15 38.50
CA VAL B 406 26.35 -14.81 38.91
C VAL B 406 27.10 -14.91 40.23
N SER B 407 28.25 -14.26 40.32
CA SER B 407 29.06 -14.21 41.52
C SER B 407 28.99 -12.82 42.12
N ASN B 408 28.59 -12.74 43.40
CA ASN B 408 28.52 -11.46 44.09
C ASN B 408 29.86 -11.02 44.64
N GLY B 409 30.90 -11.84 44.53
CA GLY B 409 32.22 -11.48 45.01
C GLY B 409 32.89 -12.59 45.78
N THR B 410 32.10 -13.41 46.48
CA THR B 410 32.64 -14.51 47.26
C THR B 410 31.95 -15.83 46.93
N HIS B 411 30.65 -15.77 46.64
CA HIS B 411 29.85 -16.95 46.39
C HIS B 411 29.21 -16.87 45.00
N TRP B 412 28.77 -18.02 44.52
CA TRP B 412 28.14 -18.15 43.21
C TRP B 412 26.68 -18.56 43.37
N PHE B 413 25.81 -17.99 42.55
CA PHE B 413 24.39 -18.31 42.58
C PHE B 413 23.88 -18.38 41.15
N VAL B 414 22.65 -18.85 40.99
CA VAL B 414 21.97 -18.90 39.70
C VAL B 414 20.84 -17.88 39.73
N THR B 415 20.82 -17.00 38.73
CA THR B 415 19.84 -15.92 38.67
C THR B 415 19.28 -15.81 37.27
N GLN B 416 18.05 -15.29 37.18
CA GLN B 416 17.46 -15.03 35.88
C GLN B 416 18.15 -13.86 35.20
N ARG B 417 18.01 -13.79 33.88
CA ARG B 417 18.71 -12.78 33.11
C ARG B 417 18.20 -11.37 33.41
N ASN B 418 16.89 -11.22 33.55
CA ASN B 418 16.27 -9.90 33.65
C ASN B 418 16.09 -9.40 35.08
N PHE B 419 16.51 -10.18 36.08
CA PHE B 419 16.35 -9.74 37.46
C PHE B 419 17.40 -10.43 38.32
N TYR B 420 17.65 -9.86 39.50
CA TYR B 420 18.63 -10.38 40.45
C TYR B 420 17.89 -11.16 41.53
N GLU B 421 17.90 -12.49 41.40
CA GLU B 421 17.27 -13.38 42.37
C GLU B 421 18.30 -14.44 42.77
N PRO B 422 19.18 -14.12 43.72
CA PRO B 422 20.25 -15.05 44.09
C PRO B 422 19.68 -16.31 44.73
N GLN B 423 19.94 -17.45 44.10
CA GLN B 423 19.51 -18.75 44.59
C GLN B 423 20.72 -19.68 44.66
N ILE B 424 20.79 -20.47 45.74
CA ILE B 424 21.93 -21.36 45.93
C ILE B 424 21.93 -22.42 44.83
N ILE B 425 23.12 -22.95 44.55
CA ILE B 425 23.28 -23.95 43.50
C ILE B 425 22.85 -25.31 44.04
N THR B 426 21.91 -25.95 43.35
CA THR B 426 21.41 -27.26 43.74
C THR B 426 21.32 -28.15 42.52
N THR B 427 21.18 -29.45 42.75
CA THR B 427 21.16 -30.42 41.66
C THR B 427 19.90 -30.30 40.80
N ASP B 428 18.85 -29.64 41.28
CA ASP B 428 17.63 -29.49 40.50
C ASP B 428 17.66 -28.28 39.58
N ASN B 429 18.50 -27.29 39.87
CA ASN B 429 18.61 -26.10 39.03
C ASN B 429 19.66 -26.23 37.93
N THR B 430 20.44 -27.32 37.94
CA THR B 430 21.49 -27.52 36.96
C THR B 430 21.45 -28.95 36.45
N PHE B 431 21.96 -29.14 35.24
CA PHE B 431 22.05 -30.46 34.62
C PHE B 431 23.49 -30.71 34.18
N VAL B 432 23.88 -31.99 34.23
CA VAL B 432 25.24 -32.40 33.89
C VAL B 432 25.31 -32.76 32.41
N SER B 433 26.40 -32.35 31.77
CA SER B 433 26.61 -32.67 30.35
C SER B 433 28.10 -32.52 30.05
N GLY B 434 28.75 -33.62 29.68
CA GLY B 434 30.15 -33.58 29.32
C GLY B 434 31.06 -33.45 30.53
N ASN B 435 32.32 -33.18 30.24
CA ASN B 435 33.36 -33.03 31.26
C ASN B 435 33.78 -31.56 31.36
N CYS B 436 34.51 -31.25 32.43
CA CYS B 436 34.91 -29.88 32.71
C CYS B 436 36.06 -29.40 31.83
N ASP B 437 36.83 -30.32 31.23
CA ASP B 437 37.99 -29.93 30.44
C ASP B 437 37.58 -29.35 29.08
N VAL B 438 36.52 -29.86 28.48
CA VAL B 438 36.12 -29.40 27.14
C VAL B 438 35.65 -27.95 27.20
N VAL B 439 34.83 -27.61 28.19
CA VAL B 439 34.25 -26.28 28.26
C VAL B 439 35.31 -25.26 28.64
N ILE B 440 35.25 -24.08 28.01
CA ILE B 440 36.17 -22.99 28.29
C ILE B 440 35.46 -22.01 29.20
N GLY B 441 36.13 -21.59 30.27
CA GLY B 441 35.54 -20.75 31.28
C GLY B 441 34.98 -21.48 32.48
N ILE B 442 35.31 -22.76 32.65
CA ILE B 442 34.82 -23.52 33.79
C ILE B 442 35.27 -22.87 35.10
N VAL B 443 34.40 -22.91 36.10
CA VAL B 443 34.73 -22.38 37.42
C VAL B 443 34.51 -23.48 38.46
N ASN B 444 35.39 -23.50 39.46
CA ASN B 444 35.34 -24.52 40.50
C ASN B 444 34.40 -24.07 41.62
N ASN B 445 33.36 -24.85 41.87
CA ASN B 445 32.41 -24.55 42.93
C ASN B 445 31.71 -25.84 43.34
N THR B 446 31.11 -25.80 44.52
CA THR B 446 30.41 -26.96 45.08
C THR B 446 28.92 -26.86 44.80
N VAL B 447 28.34 -27.94 44.30
CA VAL B 447 26.91 -28.02 44.01
C VAL B 447 26.24 -28.79 45.13
N TYR B 448 25.34 -28.13 45.85
CA TYR B 448 24.68 -28.77 46.98
C TYR B 448 23.65 -29.79 46.50
N ASP B 449 23.65 -30.95 47.15
CA ASP B 449 22.67 -32.00 46.88
C ASP B 449 21.74 -32.13 48.08
N PRO B 450 20.44 -31.87 47.91
CA PRO B 450 19.52 -31.95 49.06
C PRO B 450 19.41 -33.33 49.66
N LEU B 451 19.73 -34.39 48.91
CA LEU B 451 19.62 -35.74 49.44
C LEU B 451 20.71 -36.05 50.44
N GLN B 452 21.87 -35.40 50.32
CA GLN B 452 22.99 -35.71 51.21
C GLN B 452 22.71 -35.39 52.67
N PRO B 453 22.22 -34.20 53.04
CA PRO B 453 21.91 -33.98 54.47
C PRO B 453 20.84 -34.91 55.01
N GLU B 454 19.82 -35.23 54.19
CA GLU B 454 18.78 -36.14 54.65
C GLU B 454 19.34 -37.54 54.88
N LEU B 455 20.23 -38.00 54.02
CA LEU B 455 20.85 -39.30 54.23
C LEU B 455 21.81 -39.29 55.41
N ASP B 456 22.50 -38.17 55.64
CA ASP B 456 23.44 -38.09 56.75
C ASP B 456 22.72 -37.99 58.09
N SER B 457 21.52 -37.42 58.11
CA SER B 457 20.78 -37.30 59.36
C SER B 457 20.40 -38.67 59.92
N PHE B 458 20.25 -39.67 59.05
CA PHE B 458 19.94 -41.01 59.51
C PHE B 458 21.08 -41.59 60.34
N LYS B 459 22.31 -41.36 59.91
CA LYS B 459 23.49 -41.85 60.62
C LYS B 459 23.71 -41.08 61.92
N ALA C 16 9.63 -40.40 1.24
CA ALA C 16 10.22 -40.69 2.53
C ALA C 16 9.22 -40.46 3.66
N CYS C 17 8.34 -41.45 3.87
CA CYS C 17 7.32 -41.37 4.91
C CYS C 17 7.35 -42.64 5.73
N SER C 18 7.24 -42.48 7.06
CA SER C 18 7.23 -43.60 7.97
C SER C 18 6.42 -43.24 9.21
N ASN C 19 5.97 -44.27 9.92
CA ASN C 19 5.16 -44.10 11.12
C ASN C 19 5.90 -44.48 12.39
N ASN C 20 7.13 -45.01 12.28
CA ASN C 20 7.89 -45.41 13.46
C ASN C 20 9.36 -45.02 13.35
N SER C 21 9.67 -43.96 12.58
CA SER C 21 11.04 -43.53 12.42
C SER C 21 11.09 -42.01 12.38
N ILE C 22 12.11 -41.43 13.00
CA ILE C 22 12.31 -39.99 13.01
C ILE C 22 13.72 -39.69 12.50
N ALA C 23 13.83 -38.63 11.70
CA ALA C 23 15.09 -38.22 11.10
C ALA C 23 15.60 -36.99 11.85
N ILE C 24 16.81 -37.09 12.38
CA ILE C 24 17.43 -35.99 13.12
C ILE C 24 18.84 -35.75 12.58
N PRO C 25 19.35 -34.52 12.64
CA PRO C 25 20.72 -34.26 12.20
C PRO C 25 21.73 -34.83 13.20
N THR C 26 22.94 -35.08 12.69
CA THR C 26 24.04 -35.56 13.52
C THR C 26 25.16 -34.55 13.65
N ASN C 27 25.52 -33.86 12.58
CA ASN C 27 26.60 -32.88 12.60
C ASN C 27 26.06 -31.51 12.21
N PHE C 28 26.83 -30.47 12.54
CA PHE C 28 26.44 -29.10 12.24
C PHE C 28 27.65 -28.33 11.74
N THR C 29 27.39 -27.33 10.90
CA THR C 29 28.43 -26.49 10.33
C THR C 29 28.04 -25.02 10.44
N ILE C 30 29.06 -24.17 10.57
CA ILE C 30 28.89 -22.73 10.64
C ILE C 30 29.57 -22.10 9.43
N SER C 31 28.83 -21.28 8.69
CA SER C 31 29.34 -20.66 7.48
C SER C 31 29.09 -19.16 7.52
N VAL C 32 29.86 -18.43 6.71
CA VAL C 32 29.72 -16.98 6.57
C VAL C 32 29.41 -16.68 5.12
N THR C 33 28.32 -15.97 4.87
CA THR C 33 27.90 -15.60 3.54
C THR C 33 27.89 -14.09 3.38
N THR C 34 28.23 -13.62 2.19
CA THR C 34 28.30 -12.19 1.89
C THR C 34 27.17 -11.80 0.96
N GLU C 35 26.39 -10.80 1.36
CA GLU C 35 25.29 -10.27 0.54
C GLU C 35 25.52 -8.79 0.31
N ILE C 36 25.70 -8.41 -0.95
CA ILE C 36 26.00 -7.03 -1.32
C ILE C 36 24.75 -6.38 -1.89
N LEU C 37 24.40 -5.19 -1.39
CA LEU C 37 23.22 -4.50 -1.87
C LEU C 37 23.49 -3.01 -2.01
N PRO C 38 23.28 -2.43 -3.20
CA PRO C 38 23.43 -0.99 -3.35
C PRO C 38 22.34 -0.24 -2.60
N VAL C 39 22.67 0.98 -2.16
CA VAL C 39 21.73 1.78 -1.39
C VAL C 39 21.52 3.18 -1.96
N SER C 40 22.44 3.72 -2.76
CA SER C 40 22.30 5.08 -3.26
C SER C 40 23.12 5.23 -4.54
N MET C 41 22.84 6.32 -5.26
CA MET C 41 23.57 6.65 -6.48
C MET C 41 24.16 8.05 -6.40
N THR C 42 24.70 8.54 -7.51
CA THR C 42 25.27 9.87 -7.58
C THR C 42 24.19 10.86 -8.02
N LYS C 43 23.77 11.72 -7.10
CA LYS C 43 22.74 12.70 -7.42
C LYS C 43 23.27 13.76 -8.38
N THR C 44 22.39 14.26 -9.23
CA THR C 44 22.76 15.27 -10.22
C THR C 44 21.56 16.17 -10.48
N SER C 45 21.86 17.36 -11.01
CA SER C 45 20.82 18.34 -11.32
C SER C 45 21.28 19.20 -12.49
N VAL C 46 20.32 19.84 -13.14
CA VAL C 46 20.58 20.68 -14.31
C VAL C 46 19.99 22.06 -14.05
N ASP C 47 20.73 23.09 -14.45
CA ASP C 47 20.31 24.47 -14.26
C ASP C 47 19.51 24.92 -15.48
N CYS C 48 18.25 25.31 -15.25
CA CYS C 48 17.38 25.73 -16.35
C CYS C 48 17.87 27.02 -16.98
N THR C 49 18.33 27.97 -16.15
CA THR C 49 18.76 29.27 -16.65
C THR C 49 20.05 29.20 -17.48
N MET C 50 20.75 28.06 -17.46
CA MET C 50 21.98 27.91 -18.22
C MET C 50 21.92 26.83 -19.28
N TYR C 51 21.17 25.74 -19.06
CA TYR C 51 21.06 24.70 -20.06
C TYR C 51 20.33 25.21 -21.30
N ILE C 52 19.15 25.82 -21.10
CA ILE C 52 18.38 26.34 -22.23
C ILE C 52 19.07 27.57 -22.82
N CYS C 53 19.57 28.46 -21.97
CA CYS C 53 20.14 29.72 -22.45
C CYS C 53 21.54 29.50 -23.03
N GLY C 54 22.46 28.99 -22.23
CA GLY C 54 23.83 28.84 -22.68
C GLY C 54 24.57 30.17 -22.68
N ASP C 55 25.57 30.27 -23.56
CA ASP C 55 26.37 31.49 -23.70
C ASP C 55 25.67 32.45 -24.64
N SER C 56 24.54 32.98 -24.17
CA SER C 56 23.73 33.92 -24.93
C SER C 56 23.60 35.22 -24.15
N THR C 57 23.78 36.35 -24.85
CA THR C 57 23.66 37.65 -24.19
C THR C 57 22.24 37.89 -23.69
N GLU C 58 21.25 37.56 -24.50
CA GLU C 58 19.84 37.73 -24.13
C GLU C 58 19.09 36.47 -24.49
N CYS C 59 18.43 35.86 -23.50
CA CYS C 59 17.70 34.62 -23.72
C CYS C 59 16.37 34.60 -22.97
N SER C 60 15.78 35.77 -22.72
CA SER C 60 14.52 35.82 -22.01
C SER C 60 13.40 35.15 -22.80
N ASN C 61 13.33 35.43 -24.11
CA ASN C 61 12.28 34.84 -24.94
C ASN C 61 12.45 33.33 -25.05
N LEU C 62 13.69 32.85 -25.22
CA LEU C 62 13.93 31.41 -25.28
C LEU C 62 13.55 30.74 -23.96
N LEU C 63 13.90 31.37 -22.84
CA LEU C 63 13.53 30.81 -21.54
C LEU C 63 12.01 30.74 -21.39
N LEU C 64 11.31 31.82 -21.75
CA LEU C 64 9.86 31.82 -21.67
C LEU C 64 9.25 30.77 -22.58
N GLN C 65 9.88 30.50 -23.72
CA GLN C 65 9.36 29.51 -24.65
C GLN C 65 9.59 28.08 -24.17
N TYR C 66 10.76 27.80 -23.58
CA TYR C 66 11.17 26.41 -23.33
C TYR C 66 11.47 26.14 -21.86
N GLY C 67 10.87 26.88 -20.93
CA GLY C 67 11.11 26.60 -19.53
C GLY C 67 10.24 25.55 -18.87
N SER C 68 9.08 25.23 -19.44
CA SER C 68 8.15 24.32 -18.79
C SER C 68 8.73 22.92 -18.67
N PHE C 69 9.22 22.37 -19.78
CA PHE C 69 9.75 21.02 -19.76
C PHE C 69 11.03 20.94 -18.95
N CYS C 70 11.85 22.00 -18.99
CA CYS C 70 13.04 22.06 -18.16
C CYS C 70 12.67 22.06 -16.68
N THR C 71 11.63 22.79 -16.29
CA THR C 71 11.18 22.77 -14.90
C THR C 71 10.68 21.39 -14.51
N GLN C 72 9.96 20.73 -15.41
CA GLN C 72 9.50 19.37 -15.13
C GLN C 72 10.67 18.42 -14.90
N LEU C 73 11.71 18.52 -15.74
CA LEU C 73 12.88 17.66 -15.56
C LEU C 73 13.65 18.01 -14.29
N ASN C 74 13.74 19.29 -13.95
CA ASN C 74 14.38 19.67 -12.69
C ASN C 74 13.62 19.11 -11.49
N ARG C 75 12.28 19.15 -11.55
CA ARG C 75 11.48 18.55 -10.49
C ARG C 75 11.69 17.05 -10.41
N ALA C 76 11.77 16.38 -11.57
CA ALA C 76 12.02 14.94 -11.57
C ALA C 76 13.39 14.61 -10.97
N LEU C 77 14.41 15.38 -11.33
CA LEU C 77 15.74 15.16 -10.78
C LEU C 77 15.77 15.42 -9.29
N THR C 78 15.06 16.46 -8.83
CA THR C 78 14.97 16.73 -7.39
C THR C 78 14.27 15.58 -6.67
N GLY C 79 13.22 15.03 -7.26
CA GLY C 79 12.56 13.88 -6.66
C GLY C 79 13.46 12.67 -6.59
N ILE C 80 14.24 12.43 -7.64
CA ILE C 80 15.19 11.32 -7.64
C ILE C 80 16.22 11.51 -6.52
N ALA C 81 16.75 12.72 -6.40
CA ALA C 81 17.76 13.00 -5.38
C ALA C 81 17.19 12.84 -3.98
N VAL C 82 15.99 13.37 -3.74
CA VAL C 82 15.40 13.25 -2.41
C VAL C 82 15.06 11.79 -2.10
N GLU C 83 14.63 11.03 -3.11
CA GLU C 83 14.38 9.60 -2.88
C GLU C 83 15.66 8.87 -2.52
N GLN C 84 16.75 9.16 -3.22
CA GLN C 84 18.02 8.52 -2.90
C GLN C 84 18.49 8.88 -1.50
N ASP C 85 18.37 10.15 -1.13
CA ASP C 85 18.79 10.57 0.21
C ASP C 85 17.92 9.93 1.29
N LYS C 86 16.61 9.86 1.05
CA LYS C 86 15.72 9.20 2.01
C LYS C 86 16.07 7.71 2.14
N ASN C 87 16.36 7.06 1.02
CA ASN C 87 16.71 5.64 1.05
C ASN C 87 17.99 5.41 1.85
N THR C 88 19.03 6.20 1.60
CA THR C 88 20.29 5.98 2.31
C THR C 88 20.15 6.34 3.78
N GLN C 89 19.37 7.38 4.11
CA GLN C 89 19.14 7.72 5.51
C GLN C 89 18.38 6.62 6.24
N GLU C 90 17.35 6.06 5.58
CA GLU C 90 16.59 4.97 6.19
C GLU C 90 17.45 3.73 6.39
N VAL C 91 18.30 3.40 5.42
CA VAL C 91 19.05 2.16 5.51
C VAL C 91 20.25 2.30 6.45
N PHE C 92 20.77 3.51 6.64
CA PHE C 92 22.00 3.70 7.40
C PHE C 92 21.81 4.49 8.70
N ALA C 93 20.56 4.78 9.10
CA ALA C 93 20.31 5.49 10.34
C ALA C 93 19.13 4.88 11.09
N GLN C 94 19.09 3.54 11.16
CA GLN C 94 18.01 2.87 11.87
C GLN C 94 18.10 3.10 13.37
N VAL C 95 19.31 3.14 13.92
CA VAL C 95 19.53 3.27 15.36
C VAL C 95 20.30 4.56 15.62
N LYS C 96 19.83 5.31 16.62
CA LYS C 96 20.44 6.58 17.01
C LYS C 96 21.37 6.47 18.19
N GLN C 97 21.06 5.64 19.19
CA GLN C 97 21.91 5.51 20.36
C GLN C 97 23.24 4.88 19.98
N CYS C 98 24.30 5.31 20.64
CA CYS C 98 25.65 4.86 20.31
C CYS C 98 26.53 4.90 21.56
N TYR C 99 27.62 4.14 21.52
CA TYR C 99 28.60 4.14 22.59
C TYR C 99 29.96 3.73 22.01
N LYS C 100 30.99 3.89 22.83
CA LYS C 100 32.37 3.81 22.35
C LYS C 100 32.73 2.39 21.92
N THR C 101 33.80 2.30 21.12
CA THR C 101 34.24 1.03 20.57
C THR C 101 34.91 0.18 21.65
N PRO C 102 34.82 -1.14 21.54
CA PRO C 102 35.56 -2.01 22.47
C PRO C 102 37.00 -2.14 22.05
N PRO C 103 37.95 -1.77 22.93
CA PRO C 103 39.36 -1.89 22.57
C PRO C 103 39.80 -3.32 22.27
N ILE C 104 39.22 -4.31 22.94
CA ILE C 104 39.61 -5.69 22.71
C ILE C 104 39.05 -6.19 21.38
N LYS C 105 39.84 -7.03 20.70
CA LYS C 105 39.45 -7.57 19.40
C LYS C 105 39.05 -9.04 19.46
N ASP C 106 39.32 -9.74 20.55
CA ASP C 106 38.99 -11.15 20.69
C ASP C 106 37.94 -11.33 21.76
N PHE C 107 36.90 -12.10 21.44
CA PHE C 107 35.78 -12.36 22.37
C PHE C 107 35.58 -13.88 22.42
N GLY C 108 36.25 -14.54 23.36
CA GLY C 108 36.10 -15.97 23.50
C GLY C 108 36.73 -16.79 22.40
N GLY C 109 37.75 -16.26 21.73
CA GLY C 109 38.44 -16.94 20.66
C GLY C 109 38.03 -16.48 19.27
N PHE C 110 36.88 -15.82 19.14
CA PHE C 110 36.46 -15.30 17.85
C PHE C 110 37.31 -14.09 17.47
N ASN C 111 37.76 -14.05 16.22
CA ASN C 111 38.61 -12.98 15.72
C ASN C 111 37.78 -12.01 14.90
N PHE C 112 37.74 -10.75 15.34
CA PHE C 112 37.00 -9.70 14.66
C PHE C 112 37.92 -8.61 14.12
N SER C 113 39.17 -8.97 13.81
CA SER C 113 40.12 -7.99 13.29
C SER C 113 39.67 -7.44 11.94
N GLN C 114 39.17 -8.30 11.07
CA GLN C 114 38.73 -7.86 9.75
C GLN C 114 37.42 -7.10 9.78
N ILE C 115 36.65 -7.22 10.86
CA ILE C 115 35.35 -6.55 10.99
C ILE C 115 35.46 -5.26 11.79
N LEU C 116 36.10 -5.32 12.95
CA LEU C 116 36.21 -4.14 13.80
C LEU C 116 37.17 -3.14 13.16
N PRO C 117 36.83 -1.85 13.16
CA PRO C 117 37.74 -0.84 12.61
C PRO C 117 39.01 -0.73 13.43
N ASP C 118 40.09 -0.35 12.74
CA ASP C 118 41.39 -0.20 13.40
C ASP C 118 41.61 1.26 13.74
N PRO C 119 41.63 1.64 15.02
CA PRO C 119 41.88 3.04 15.37
C PRO C 119 43.25 3.55 14.96
N SER C 120 44.23 2.68 14.79
CA SER C 120 45.57 3.12 14.41
C SER C 120 45.57 3.77 13.04
N LYS C 121 44.86 3.18 12.08
CA LYS C 121 44.81 3.76 10.75
C LYS C 121 43.96 5.02 10.76
N PRO C 122 44.42 6.10 10.12
CA PRO C 122 43.62 7.35 10.11
C PRO C 122 42.26 7.20 9.44
N SER C 123 42.13 6.26 8.49
CA SER C 123 40.86 6.08 7.80
C SER C 123 39.75 5.56 8.72
N LYS C 124 40.12 4.94 9.84
CA LYS C 124 39.15 4.42 10.82
C LYS C 124 38.18 3.45 10.15
N ARG C 125 38.70 2.60 9.27
CA ARG C 125 37.91 1.61 8.55
C ARG C 125 38.40 0.21 8.90
N SER C 126 37.80 -0.79 8.26
CA SER C 126 38.14 -2.18 8.42
C SER C 126 38.86 -2.70 7.18
N PRO C 127 39.67 -3.76 7.32
CA PRO C 127 40.34 -4.32 6.13
C PRO C 127 39.37 -4.74 5.04
N ILE C 128 38.22 -5.31 5.41
CA ILE C 128 37.20 -5.62 4.42
C ILE C 128 36.67 -4.36 3.78
N GLU C 129 36.38 -3.34 4.60
CA GLU C 129 35.91 -2.06 4.08
C GLU C 129 36.96 -1.40 3.20
N ASP C 130 38.23 -1.47 3.62
CA ASP C 130 39.30 -0.89 2.81
C ASP C 130 39.41 -1.60 1.46
N LEU C 131 39.31 -2.93 1.46
CA LEU C 131 39.37 -3.67 0.20
C LEU C 131 38.18 -3.32 -0.69
N LEU C 132 36.99 -3.20 -0.11
CA LEU C 132 35.81 -2.83 -0.89
C LEU C 132 35.96 -1.44 -1.50
N PHE C 133 36.47 -0.49 -0.71
CA PHE C 133 36.67 0.87 -1.23
C PHE C 133 37.73 0.90 -2.33
N ASN C 134 38.81 0.13 -2.17
CA ASN C 134 39.87 0.13 -3.17
C ASN C 134 39.42 -0.54 -4.46
N LYS C 135 38.68 -1.64 -4.37
CA LYS C 135 38.27 -2.38 -5.55
C LYS C 135 37.08 -1.76 -6.27
N VAL C 136 36.38 -0.81 -5.64
CA VAL C 136 35.25 -0.14 -6.26
C VAL C 136 35.66 1.32 -6.47
N THR C 137 35.89 1.69 -7.72
CA THR C 137 36.30 3.04 -8.07
C THR C 137 35.46 3.58 -9.22
N LEU C 138 35.84 4.76 -9.73
CA LEU C 138 35.16 5.39 -10.84
C LEU C 138 36.16 5.76 -11.92
N ALA C 139 35.69 5.80 -13.16
CA ALA C 139 36.56 6.09 -14.29
C ALA C 139 37.10 7.52 -14.17
N ASP C 140 38.41 7.66 -14.39
CA ASP C 140 39.04 8.98 -14.29
C ASP C 140 38.52 9.91 -15.39
N ALA C 141 38.34 9.39 -16.60
CA ALA C 141 37.85 10.19 -17.72
C ALA C 141 36.32 10.24 -17.71
N GLY C 142 35.77 10.81 -16.63
CA GLY C 142 34.35 10.91 -16.47
C GLY C 142 33.94 12.29 -16.02
N PHE C 143 32.65 12.57 -16.15
CA PHE C 143 32.12 13.88 -15.76
C PHE C 143 32.21 14.08 -14.24
N ILE C 144 31.99 13.01 -13.47
CA ILE C 144 32.02 13.12 -12.01
C ILE C 144 33.42 13.53 -11.54
N LYS C 145 34.45 12.88 -12.08
CA LYS C 145 35.82 13.20 -11.68
C LYS C 145 36.19 14.63 -12.05
N GLN C 146 35.83 15.06 -13.26
CA GLN C 146 36.12 16.42 -13.68
C GLN C 146 35.40 17.44 -12.80
N TYR C 147 34.14 17.17 -12.47
CA TYR C 147 33.39 18.08 -11.61
C TYR C 147 34.00 18.14 -10.22
N GLY C 148 34.41 16.99 -9.68
CA GLY C 148 35.07 16.99 -8.38
C GLY C 148 36.38 17.76 -8.38
N ASP C 149 37.17 17.60 -9.45
CA ASP C 149 38.43 18.33 -9.55
C ASP C 149 38.18 19.84 -9.67
N CYS C 150 37.18 20.23 -10.46
CA CYS C 150 36.90 21.64 -10.68
C CYS C 150 36.18 22.30 -9.51
N LEU C 151 35.55 21.51 -8.63
CA LEU C 151 34.79 22.10 -7.53
C LEU C 151 35.70 22.88 -6.58
N GLY C 152 36.87 22.33 -6.26
CA GLY C 152 37.78 23.00 -5.35
C GLY C 152 37.34 23.03 -3.91
N ASP C 153 36.41 22.14 -3.53
CA ASP C 153 35.91 22.06 -2.16
C ASP C 153 35.35 23.41 -1.68
N ILE C 154 34.63 24.08 -2.57
CA ILE C 154 34.00 25.36 -2.25
C ILE C 154 32.70 25.48 -3.03
N ALA C 155 31.65 25.95 -2.34
CA ALA C 155 30.35 26.12 -2.98
C ALA C 155 30.25 27.36 -3.84
N ALA C 156 31.17 28.33 -3.65
CA ALA C 156 31.11 29.55 -4.43
C ALA C 156 31.53 29.31 -5.88
N ARG C 157 32.32 28.27 -6.12
CA ARG C 157 32.79 27.94 -7.47
C ARG C 157 31.85 26.98 -8.20
N ASP C 158 30.73 26.61 -7.60
CA ASP C 158 29.82 25.65 -8.23
C ASP C 158 29.26 26.20 -9.54
N LEU C 159 28.83 27.47 -9.54
CA LEU C 159 28.26 28.06 -10.75
C LEU C 159 29.31 28.25 -11.84
N ILE C 160 30.53 28.61 -11.45
CA ILE C 160 31.58 28.85 -12.44
C ILE C 160 31.86 27.58 -13.24
N CYS C 161 31.97 26.44 -12.56
CA CYS C 161 32.20 25.18 -13.26
C CYS C 161 30.93 24.66 -13.93
N ALA C 162 29.76 24.94 -13.33
CA ALA C 162 28.50 24.53 -13.97
C ALA C 162 28.30 25.23 -15.30
N GLN C 163 28.83 26.45 -15.44
CA GLN C 163 28.78 27.13 -16.73
C GLN C 163 29.51 26.35 -17.79
N LYS C 164 30.63 25.71 -17.43
CA LYS C 164 31.37 24.89 -18.38
C LYS C 164 30.54 23.69 -18.83
N PHE C 165 29.82 23.06 -17.90
CA PHE C 165 29.01 21.89 -18.19
C PHE C 165 27.56 22.23 -18.50
N ASN C 166 27.25 23.52 -18.69
CA ASN C 166 25.91 23.98 -19.04
C ASN C 166 24.88 23.56 -17.98
N GLY C 167 25.20 23.82 -16.73
CA GLY C 167 24.30 23.54 -15.63
C GLY C 167 24.39 22.16 -15.04
N LEU C 168 25.23 21.28 -15.58
CA LEU C 168 25.37 19.93 -15.05
C LEU C 168 26.19 19.97 -13.76
N THR C 169 25.56 19.58 -12.65
CA THR C 169 26.21 19.59 -11.34
C THR C 169 25.99 18.25 -10.66
N VAL C 170 26.91 17.93 -9.75
CA VAL C 170 26.84 16.71 -8.95
C VAL C 170 26.46 17.11 -7.53
N LEU C 171 25.28 16.69 -7.09
CA LEU C 171 24.84 17.03 -5.74
C LEU C 171 25.55 16.14 -4.73
N PRO C 172 26.25 16.72 -3.75
CA PRO C 172 26.92 15.89 -2.75
C PRO C 172 25.92 15.12 -1.93
N PRO C 173 26.27 13.91 -1.47
CA PRO C 173 25.34 13.15 -0.63
C PRO C 173 25.13 13.83 0.71
N LEU C 174 23.93 13.62 1.27
CA LEU C 174 23.62 14.19 2.57
C LEU C 174 24.51 13.63 3.65
N LEU C 175 24.76 12.33 3.63
CA LEU C 175 25.63 11.67 4.61
C LEU C 175 26.97 11.38 3.95
N THR C 176 28.04 11.85 4.57
CA THR C 176 29.37 11.63 4.05
C THR C 176 29.85 10.22 4.37
N ASP C 177 31.03 9.88 3.84
CA ASP C 177 31.59 8.55 4.09
C ASP C 177 31.94 8.37 5.57
N GLU C 178 32.38 9.44 6.23
CA GLU C 178 32.73 9.34 7.65
C GLU C 178 31.51 9.00 8.50
N MET C 179 30.37 9.65 8.21
CA MET C 179 29.15 9.37 8.98
C MET C 179 28.68 7.94 8.77
N ILE C 180 28.73 7.46 7.52
CA ILE C 180 28.32 6.09 7.23
C ILE C 180 29.24 5.10 7.94
N ALA C 181 30.55 5.37 7.91
CA ALA C 181 31.50 4.50 8.59
C ALA C 181 31.27 4.48 10.09
N GLN C 182 30.97 5.66 10.68
CA GLN C 182 30.70 5.71 12.11
C GLN C 182 29.43 4.94 12.46
N TYR C 183 28.38 5.08 11.66
CA TYR C 183 27.15 4.34 11.91
C TYR C 183 27.38 2.84 11.80
N THR C 184 28.13 2.42 10.77
CA THR C 184 28.43 0.99 10.61
C THR C 184 29.25 0.46 11.78
N SER C 185 30.23 1.23 12.24
CA SER C 185 31.03 0.82 13.39
C SER C 185 30.17 0.69 14.63
N CYS C 186 29.27 1.66 14.85
CA CYS C 186 28.39 1.59 16.01
C CYS C 186 27.48 0.37 15.94
N LEU C 187 26.95 0.07 14.76
CA LEU C 187 26.12 -1.13 14.61
C LEU C 187 26.93 -2.39 14.89
N LEU C 188 28.18 -2.43 14.42
CA LEU C 188 29.03 -3.58 14.69
C LEU C 188 29.30 -3.74 16.17
N ALA C 189 29.53 -2.63 16.88
CA ALA C 189 29.73 -2.69 18.32
C ALA C 189 28.48 -3.20 19.03
N GLY C 190 27.32 -2.68 18.62
CA GLY C 190 26.08 -3.09 19.25
C GLY C 190 25.71 -4.53 18.97
N THR C 191 26.17 -5.08 17.84
CA THR C 191 25.89 -6.48 17.53
C THR C 191 26.87 -7.41 18.22
N ILE C 192 28.17 -7.16 18.04
CA ILE C 192 29.18 -8.02 18.65
C ILE C 192 29.15 -7.95 20.17
N CYS C 193 28.97 -6.75 20.72
CA CYS C 193 28.96 -6.53 22.16
C CYS C 193 27.55 -6.17 22.61
N SER C 194 27.16 -6.66 23.78
CA SER C 194 25.83 -6.44 24.36
C SER C 194 24.81 -6.99 23.37
N GLY C 195 23.80 -6.22 22.97
CA GLY C 195 22.83 -6.72 22.02
C GLY C 195 21.84 -5.63 21.67
N TRP C 196 20.95 -5.96 20.74
CA TRP C 196 19.91 -5.04 20.28
C TRP C 196 18.54 -5.60 20.65
N THR C 197 17.73 -4.78 21.29
CA THR C 197 16.36 -5.14 21.61
C THR C 197 15.41 -4.70 20.50
N PHE C 198 14.17 -5.17 20.57
CA PHE C 198 13.15 -4.82 19.59
C PHE C 198 12.66 -3.42 19.91
N GLY C 199 13.47 -2.44 19.51
CA GLY C 199 13.21 -1.04 19.82
C GLY C 199 14.23 -0.47 20.77
N ALA C 200 13.96 0.78 21.18
CA ALA C 200 14.82 1.51 22.11
C ALA C 200 16.25 1.61 21.59
N GLY C 201 17.19 0.96 22.29
CA GLY C 201 18.57 1.00 21.89
C GLY C 201 19.33 -0.26 22.29
N PRO C 202 20.59 -0.09 22.69
CA PRO C 202 21.39 -1.26 23.08
C PRO C 202 20.84 -1.93 24.33
N ALA C 203 21.06 -3.25 24.41
CA ALA C 203 20.63 -4.04 25.54
C ALA C 203 21.70 -4.04 26.62
N LEU C 204 21.51 -4.84 27.66
CA LEU C 204 22.49 -4.94 28.73
C LEU C 204 23.74 -5.66 28.26
N GLN C 205 24.86 -5.37 28.93
CA GLN C 205 26.13 -5.97 28.55
C GLN C 205 26.10 -7.47 28.83
N ILE C 206 26.64 -8.25 27.88
CA ILE C 206 26.67 -9.70 27.99
C ILE C 206 27.86 -10.22 27.17
N PRO C 207 28.60 -11.21 27.66
CA PRO C 207 29.71 -11.76 26.88
C PRO C 207 29.22 -12.36 25.57
N PHE C 208 30.07 -12.25 24.54
CA PHE C 208 29.71 -12.75 23.21
C PHE C 208 29.39 -14.24 23.20
N PRO C 209 30.16 -15.14 23.86
CA PRO C 209 29.75 -16.55 23.85
C PRO C 209 28.36 -16.77 24.44
N MET C 210 27.99 -16.02 25.47
CA MET C 210 26.65 -16.15 26.04
C MET C 210 25.59 -15.70 25.05
N GLN C 211 25.85 -14.62 24.31
CA GLN C 211 24.91 -14.18 23.28
C GLN C 211 24.77 -15.21 22.18
N MET C 212 25.89 -15.84 21.77
CA MET C 212 25.81 -16.88 20.76
C MET C 212 25.05 -18.10 21.27
N ALA C 213 25.22 -18.44 22.55
CA ALA C 213 24.45 -19.52 23.15
C ALA C 213 22.96 -19.18 23.16
N TYR C 214 22.62 -17.93 23.46
CA TYR C 214 21.22 -17.51 23.40
C TYR C 214 20.68 -17.62 21.98
N ARG C 215 21.49 -17.27 20.98
CA ARG C 215 21.07 -17.42 19.60
C ARG C 215 20.83 -18.88 19.25
N PHE C 216 21.72 -19.77 19.70
CA PHE C 216 21.50 -21.20 19.46
C PHE C 216 20.24 -21.70 20.14
N ASN C 217 19.96 -21.21 21.35
CA ASN C 217 18.72 -21.56 22.02
C ASN C 217 17.51 -21.06 21.23
N GLY C 218 17.65 -19.87 20.63
CA GLY C 218 16.56 -19.34 19.81
C GLY C 218 16.31 -20.18 18.57
N ILE C 219 17.38 -20.63 17.90
CA ILE C 219 17.20 -21.46 16.71
C ILE C 219 16.79 -22.89 17.03
N GLY C 220 16.86 -23.29 18.30
CA GLY C 220 16.41 -24.61 18.69
C GLY C 220 17.52 -25.58 19.03
N VAL C 221 18.65 -25.07 19.51
CA VAL C 221 19.79 -25.89 19.89
C VAL C 221 20.18 -25.54 21.32
N THR C 222 20.36 -26.55 22.15
CA THR C 222 20.74 -26.33 23.55
C THR C 222 22.13 -25.69 23.62
N GLN C 223 22.30 -24.80 24.59
CA GLN C 223 23.56 -24.07 24.72
C GLN C 223 24.73 -24.97 25.07
N ASN C 224 24.46 -26.16 25.63
CA ASN C 224 25.55 -27.09 25.94
C ASN C 224 26.29 -27.52 24.68
N VAL C 225 25.59 -27.55 23.54
CA VAL C 225 26.25 -27.87 22.27
C VAL C 225 27.31 -26.82 21.95
N LEU C 226 26.97 -25.54 22.11
CA LEU C 226 27.95 -24.48 21.90
C LEU C 226 29.08 -24.57 22.92
N TYR C 227 28.74 -24.80 24.19
CA TYR C 227 29.76 -24.80 25.23
C TYR C 227 30.71 -25.98 25.09
N GLU C 228 30.26 -27.08 24.49
CA GLU C 228 31.13 -28.22 24.24
C GLU C 228 31.80 -28.17 22.88
N ASN C 229 31.43 -27.22 22.02
CA ASN C 229 32.00 -27.09 20.68
C ASN C 229 32.40 -25.65 20.38
N GLN C 230 32.79 -24.89 21.41
CA GLN C 230 33.16 -23.50 21.20
C GLN C 230 34.41 -23.38 20.33
N LYS C 231 35.39 -24.25 20.56
CA LYS C 231 36.62 -24.19 19.77
C LYS C 231 36.36 -24.47 18.30
N LEU C 232 35.53 -25.48 18.00
CA LEU C 232 35.26 -25.84 16.62
C LEU C 232 34.54 -24.72 15.88
N ILE C 233 33.51 -24.13 16.50
CA ILE C 233 32.77 -23.06 15.84
C ILE C 233 33.63 -21.81 15.70
N ALA C 234 34.48 -21.54 16.70
CA ALA C 234 35.38 -20.39 16.59
C ALA C 234 36.37 -20.58 15.45
N ASN C 235 36.93 -21.79 15.32
CA ASN C 235 37.85 -22.06 14.22
C ASN C 235 37.15 -21.96 12.87
N GLN C 236 35.93 -22.49 12.78
CA GLN C 236 35.18 -22.39 11.52
C GLN C 236 34.89 -20.94 11.16
N PHE C 237 34.50 -20.13 12.15
CA PHE C 237 34.22 -18.72 11.88
C PHE C 237 35.49 -17.98 11.44
N ASN C 238 36.61 -18.26 12.11
CA ASN C 238 37.87 -17.62 11.73
C ASN C 238 38.28 -18.02 10.32
N SER C 239 38.14 -19.31 9.98
CA SER C 239 38.49 -19.78 8.64
C SER C 239 37.60 -19.12 7.59
N ALA C 240 36.29 -19.03 7.86
CA ALA C 240 35.38 -18.40 6.91
C ALA C 240 35.72 -16.91 6.73
N ILE C 241 36.03 -16.22 7.83
CA ILE C 241 36.39 -14.81 7.74
C ILE C 241 37.67 -14.63 6.92
N GLY C 242 38.66 -15.49 7.16
CA GLY C 242 39.89 -15.40 6.39
C GLY C 242 39.70 -15.72 4.92
N LYS C 243 38.83 -16.68 4.62
CA LYS C 243 38.60 -17.08 3.23
C LYS C 243 37.75 -16.08 2.46
N ILE C 244 36.85 -15.36 3.15
CA ILE C 244 35.99 -14.40 2.45
C ILE C 244 36.81 -13.25 1.89
N GLN C 245 37.86 -12.82 2.61
CA GLN C 245 38.71 -11.74 2.09
C GLN C 245 39.42 -12.18 0.82
N ASP C 246 39.95 -13.40 0.81
CA ASP C 246 40.62 -13.92 -0.38
C ASP C 246 39.64 -14.07 -1.54
N SER C 247 38.42 -14.53 -1.23
CA SER C 247 37.40 -14.67 -2.28
C SER C 247 37.04 -13.32 -2.88
N LEU C 248 36.89 -12.29 -2.03
CA LEU C 248 36.58 -10.96 -2.53
C LEU C 248 37.73 -10.38 -3.35
N SER C 249 38.96 -10.59 -2.89
CA SER C 249 40.12 -10.02 -3.59
C SER C 249 40.36 -10.72 -4.93
N SER C 250 40.15 -12.03 -4.98
CA SER C 250 40.46 -12.78 -6.20
C SER C 250 39.33 -12.71 -7.21
N THR C 251 38.14 -13.13 -6.82
CA THR C 251 37.02 -13.18 -7.75
C THR C 251 36.54 -11.77 -8.09
N PRO C 252 36.53 -11.37 -9.36
CA PRO C 252 36.03 -10.03 -9.70
C PRO C 252 34.51 -9.95 -9.80
N SER C 253 33.82 -11.07 -9.94
CA SER C 253 32.37 -11.07 -10.08
C SER C 253 31.63 -10.92 -8.75
N ALA C 254 32.35 -11.00 -7.62
CA ALA C 254 31.70 -10.84 -6.33
C ALA C 254 31.10 -9.44 -6.17
N LEU C 255 31.85 -8.41 -6.60
CA LEU C 255 31.41 -7.03 -6.52
C LEU C 255 30.76 -6.54 -7.81
N GLY C 256 30.08 -7.43 -8.53
CA GLY C 256 29.55 -7.07 -9.83
C GLY C 256 28.47 -6.00 -9.78
N LYS C 257 27.63 -6.03 -8.75
CA LYS C 257 26.48 -5.12 -8.71
C LYS C 257 26.92 -3.67 -8.58
N LEU C 258 27.77 -3.38 -7.59
CA LEU C 258 28.20 -2.00 -7.36
C LEU C 258 29.01 -1.47 -8.54
N GLN C 259 29.93 -2.27 -9.05
CA GLN C 259 30.74 -1.85 -10.19
C GLN C 259 29.87 -1.62 -11.42
N ASP C 260 28.89 -2.50 -11.65
CA ASP C 260 27.99 -2.34 -12.78
C ASP C 260 27.16 -1.06 -12.65
N VAL C 261 26.65 -0.77 -11.46
CA VAL C 261 25.87 0.45 -11.25
C VAL C 261 26.74 1.68 -11.49
N VAL C 262 27.96 1.67 -10.95
CA VAL C 262 28.87 2.81 -11.12
C VAL C 262 29.20 3.02 -12.59
N ASN C 263 29.50 1.92 -13.31
CA ASN C 263 29.82 2.02 -14.72
C ASN C 263 28.63 2.50 -15.54
N GLN C 264 27.42 2.05 -15.20
CA GLN C 264 26.24 2.49 -15.91
C GLN C 264 26.01 3.99 -15.72
N ASN C 265 26.15 4.46 -14.48
CA ASN C 265 26.01 5.91 -14.23
C ASN C 265 27.08 6.69 -14.97
N ALA C 266 28.32 6.21 -14.94
CA ALA C 266 29.41 6.91 -15.61
C ALA C 266 29.20 6.97 -17.11
N GLN C 267 28.77 5.87 -17.72
CA GLN C 267 28.56 5.87 -19.17
C GLN C 267 27.34 6.70 -19.56
N ALA C 268 26.30 6.73 -18.73
CA ALA C 268 25.17 7.61 -18.99
C ALA C 268 25.60 9.06 -18.97
N LEU C 269 26.38 9.45 -17.97
CA LEU C 269 26.86 10.83 -17.89
C LEU C 269 27.79 11.15 -19.07
N ASN C 270 28.64 10.18 -19.45
CA ASN C 270 29.56 10.40 -20.56
C ASN C 270 28.82 10.58 -21.88
N THR C 271 27.80 9.76 -22.14
CA THR C 271 27.04 9.92 -23.37
C THR C 271 26.21 11.19 -23.35
N LEU C 272 25.72 11.60 -22.16
CA LEU C 272 25.00 12.87 -22.07
C LEU C 272 25.92 14.05 -22.41
N VAL C 273 27.13 14.07 -21.84
CA VAL C 273 28.03 15.18 -22.10
C VAL C 273 28.55 15.12 -23.54
N LYS C 274 28.67 13.92 -24.11
CA LYS C 274 29.06 13.82 -25.51
C LYS C 274 27.97 14.37 -26.43
N GLN C 275 26.71 14.05 -26.15
CA GLN C 275 25.60 14.61 -26.92
C GLN C 275 25.45 16.10 -26.69
N LEU C 276 25.93 16.62 -25.55
CA LEU C 276 25.88 18.05 -25.30
C LEU C 276 26.72 18.82 -26.31
N SER C 277 27.90 18.30 -26.65
CA SER C 277 28.80 18.97 -27.59
C SER C 277 28.40 18.74 -29.05
N SER C 278 27.43 17.87 -29.31
CA SER C 278 27.01 17.61 -30.69
C SER C 278 26.35 18.84 -31.29
N ASN C 279 26.63 19.10 -32.56
CA ASN C 279 26.08 20.24 -33.26
C ASN C 279 24.75 19.93 -33.93
N PHE C 280 24.30 18.66 -33.91
CA PHE C 280 23.04 18.24 -34.51
C PHE C 280 22.96 18.64 -35.98
N GLY C 281 22.05 19.54 -36.31
CA GLY C 281 21.88 19.96 -37.70
C GLY C 281 21.92 21.45 -37.90
N ALA C 282 22.79 22.13 -37.15
CA ALA C 282 22.95 23.59 -37.24
C ALA C 282 24.37 23.91 -37.71
N ILE C 283 24.62 25.20 -37.92
CA ILE C 283 25.94 25.64 -38.36
C ILE C 283 26.98 25.39 -37.28
N SER C 284 26.65 25.77 -36.04
CA SER C 284 27.57 25.59 -34.93
C SER C 284 26.78 25.45 -33.64
N SER C 285 27.44 24.93 -32.61
CA SER C 285 26.81 24.76 -31.31
C SER C 285 26.62 26.08 -30.57
N VAL C 286 27.30 27.14 -31.00
CA VAL C 286 27.17 28.43 -30.33
C VAL C 286 25.84 29.06 -30.72
N LEU C 287 25.05 29.44 -29.71
CA LEU C 287 23.75 30.04 -29.97
C LEU C 287 23.89 31.44 -30.55
N ASN C 288 24.85 32.22 -30.06
CA ASN C 288 25.04 33.58 -30.55
C ASN C 288 25.51 33.59 -31.99
N ASP C 289 26.38 32.64 -32.38
CA ASP C 289 26.90 32.62 -33.74
C ASP C 289 25.80 32.38 -34.76
N ILE C 290 24.81 31.56 -34.41
CA ILE C 290 23.72 31.26 -35.35
C ILE C 290 22.94 32.52 -35.67
N LEU C 291 22.60 33.31 -34.65
CA LEU C 291 21.85 34.53 -34.89
C LEU C 291 22.73 35.63 -35.48
N SER C 292 24.05 35.56 -35.24
CA SER C 292 24.93 36.58 -35.81
C SER C 292 25.15 36.36 -37.31
N ARG C 293 25.31 35.10 -37.73
CA ARG C 293 25.61 34.78 -39.12
C ARG C 293 24.37 34.52 -39.96
N LEU C 294 23.17 34.58 -39.38
CA LEU C 294 21.95 34.33 -40.11
C LEU C 294 20.89 35.35 -39.70
N ASP C 295 19.93 35.58 -40.59
CA ASP C 295 18.83 36.48 -40.28
C ASP C 295 17.92 35.88 -39.21
N LYS C 296 17.14 36.76 -38.58
CA LYS C 296 16.32 36.33 -37.44
C LYS C 296 15.32 35.23 -37.78
N PRO C 297 14.53 35.30 -38.87
CA PRO C 297 13.57 34.22 -39.11
C PRO C 297 14.21 32.84 -39.27
N GLU C 298 15.36 32.75 -39.93
CA GLU C 298 16.03 31.47 -40.07
C GLU C 298 16.76 31.09 -38.78
N ALA C 299 17.34 32.07 -38.10
CA ALA C 299 18.03 31.79 -36.83
C ALA C 299 17.06 31.24 -35.79
N GLU C 300 15.79 31.65 -35.85
CA GLU C 300 14.81 31.15 -34.90
C GLU C 300 14.69 29.63 -34.99
N VAL C 301 14.47 29.11 -36.19
CA VAL C 301 14.35 27.66 -36.34
C VAL C 301 15.70 26.97 -36.17
N GLN C 302 16.80 27.61 -36.60
CA GLN C 302 18.11 27.01 -36.40
C GLN C 302 18.49 26.87 -34.94
N ILE C 303 17.94 27.72 -34.07
CA ILE C 303 18.15 27.55 -32.64
C ILE C 303 17.10 26.63 -32.03
N ASP C 304 15.86 26.66 -32.56
CA ASP C 304 14.81 25.79 -32.05
C ASP C 304 15.15 24.33 -32.25
N ARG C 305 15.77 23.99 -33.39
CA ARG C 305 16.15 22.59 -33.63
C ARG C 305 17.19 22.13 -32.62
N LEU C 306 18.19 22.97 -32.33
CA LEU C 306 19.18 22.62 -31.31
C LEU C 306 18.54 22.49 -29.94
N ILE C 307 17.63 23.39 -29.60
CA ILE C 307 16.94 23.32 -28.31
C ILE C 307 16.15 22.02 -28.21
N THR C 308 15.46 21.65 -29.28
CA THR C 308 14.67 20.42 -29.28
C THR C 308 15.56 19.18 -29.17
N GLY C 309 16.70 19.17 -29.87
CA GLY C 309 17.61 18.03 -29.77
C GLY C 309 18.18 17.87 -28.38
N ARG C 310 18.66 18.98 -27.79
CA ARG C 310 19.16 18.93 -26.42
C ARG C 310 18.06 18.52 -25.45
N LEU C 311 16.84 19.01 -25.68
CA LEU C 311 15.71 18.72 -24.81
C LEU C 311 15.35 17.25 -24.85
N GLN C 312 15.35 16.65 -26.05
CA GLN C 312 15.11 15.21 -26.18
C GLN C 312 16.20 14.39 -25.52
N SER C 313 17.46 14.81 -25.68
CA SER C 313 18.55 14.12 -25.01
C SER C 313 18.38 14.17 -23.49
N LEU C 314 17.99 15.33 -22.96
CA LEU C 314 17.78 15.47 -21.53
C LEU C 314 16.61 14.61 -21.07
N GLN C 315 15.56 14.52 -21.88
CA GLN C 315 14.44 13.64 -21.53
C GLN C 315 14.87 12.18 -21.48
N THR C 316 15.65 11.73 -22.47
CA THR C 316 16.14 10.35 -22.45
C THR C 316 17.00 10.10 -21.21
N TYR C 317 17.89 11.05 -20.90
CA TYR C 317 18.73 10.89 -19.71
C TYR C 317 17.90 10.84 -18.44
N VAL C 318 16.88 11.70 -18.33
CA VAL C 318 16.11 11.75 -17.09
C VAL C 318 15.22 10.53 -16.95
N THR C 319 14.70 9.97 -18.05
CA THR C 319 13.89 8.77 -17.92
C THR C 319 14.75 7.56 -17.59
N GLN C 320 15.97 7.49 -18.16
CA GLN C 320 16.90 6.44 -17.75
C GLN C 320 17.26 6.57 -16.28
N GLN C 321 17.48 7.81 -15.82
CA GLN C 321 17.77 8.04 -14.41
C GLN C 321 16.59 7.66 -13.53
N LEU C 322 15.36 7.91 -13.99
CA LEU C 322 14.18 7.52 -13.24
C LEU C 322 14.08 6.02 -13.10
N ILE C 323 14.35 5.28 -14.19
CA ILE C 323 14.31 3.82 -14.12
C ILE C 323 15.38 3.31 -13.16
N ARG C 324 16.59 3.85 -13.26
CA ARG C 324 17.67 3.43 -12.37
C ARG C 324 17.35 3.78 -10.93
N ALA C 325 16.72 4.93 -10.70
CA ALA C 325 16.34 5.33 -9.35
C ALA C 325 15.28 4.42 -8.77
N ALA C 326 14.32 3.99 -9.59
CA ALA C 326 13.33 3.03 -9.12
C ALA C 326 13.98 1.70 -8.75
N GLU C 327 14.90 1.22 -9.59
CA GLU C 327 15.60 -0.03 -9.28
C GLU C 327 16.40 0.10 -7.99
N ILE C 328 17.12 1.20 -7.82
CA ILE C 328 17.92 1.41 -6.62
C ILE C 328 17.03 1.58 -5.40
N ARG C 329 15.86 2.21 -5.56
CA ARG C 329 14.91 2.31 -4.45
C ARG C 329 14.42 0.94 -4.02
N ALA C 330 14.11 0.07 -4.98
CA ALA C 330 13.70 -1.30 -4.62
C ALA C 330 14.84 -2.02 -3.90
N SER C 331 16.07 -1.90 -4.41
CA SER C 331 17.21 -2.54 -3.76
C SER C 331 17.44 -2.00 -2.36
N ALA C 332 17.29 -0.70 -2.17
CA ALA C 332 17.48 -0.09 -0.86
C ALA C 332 16.39 -0.50 0.11
N ASN C 333 15.15 -0.64 -0.36
CA ASN C 333 14.09 -1.14 0.50
C ASN C 333 14.38 -2.58 0.92
N LEU C 334 14.85 -3.41 -0.01
CA LEU C 334 15.22 -4.77 0.34
C LEU C 334 16.35 -4.79 1.38
N ALA C 335 17.37 -3.94 1.19
CA ALA C 335 18.47 -3.87 2.14
C ALA C 335 17.98 -3.41 3.51
N ALA C 336 17.09 -2.42 3.54
CA ALA C 336 16.59 -1.90 4.80
C ALA C 336 15.79 -2.95 5.55
N THR C 337 14.91 -3.67 4.84
CA THR C 337 14.14 -4.71 5.53
C THR C 337 15.03 -5.87 5.96
N LYS C 338 16.06 -6.19 5.18
CA LYS C 338 17.02 -7.21 5.60
C LYS C 338 17.74 -6.79 6.86
N MET C 339 18.17 -5.54 6.94
CA MET C 339 18.83 -5.04 8.15
C MET C 339 17.88 -5.05 9.33
N SER C 340 16.62 -4.67 9.11
CA SER C 340 15.65 -4.66 10.20
C SER C 340 15.38 -6.06 10.72
N GLU C 341 15.29 -7.04 9.83
CA GLU C 341 14.92 -8.39 10.24
C GLU C 341 16.10 -9.21 10.77
N CYS C 342 17.28 -9.07 10.18
CA CYS C 342 18.41 -9.93 10.52
C CYS C 342 19.48 -9.24 11.36
N VAL C 343 19.77 -7.97 11.10
CA VAL C 343 20.87 -7.31 11.80
C VAL C 343 20.45 -6.96 13.23
N LEU C 344 19.30 -6.32 13.39
CA LEU C 344 18.86 -5.85 14.70
C LEU C 344 18.34 -6.97 15.60
N GLY C 345 18.12 -8.17 15.05
CA GLY C 345 17.63 -9.27 15.86
C GLY C 345 17.60 -10.55 15.06
N GLN C 346 17.34 -11.64 15.77
CA GLN C 346 17.25 -12.94 15.14
C GLN C 346 16.05 -13.01 14.21
N SER C 347 16.24 -13.61 13.04
CA SER C 347 15.20 -13.77 12.04
C SER C 347 14.73 -15.21 12.00
N LYS C 348 13.41 -15.40 12.08
CA LYS C 348 12.83 -16.74 12.07
C LYS C 348 12.75 -17.34 10.66
N ARG C 349 12.91 -16.53 9.62
CA ARG C 349 12.82 -17.04 8.26
C ARG C 349 14.04 -17.89 7.92
N VAL C 350 13.80 -18.94 7.14
CA VAL C 350 14.84 -19.89 6.73
C VAL C 350 15.30 -19.52 5.33
N ASP C 351 16.63 -19.48 5.14
CA ASP C 351 17.32 -19.17 3.90
C ASP C 351 17.15 -17.73 3.46
N PHE C 352 16.53 -16.87 4.27
CA PHE C 352 16.42 -15.47 3.91
C PHE C 352 17.77 -14.76 4.06
N CYS C 353 18.48 -15.03 5.15
CA CYS C 353 19.82 -14.50 5.39
C CYS C 353 20.78 -15.68 5.37
N GLY C 354 21.33 -15.96 4.20
CA GLY C 354 22.19 -17.12 4.03
C GLY C 354 21.43 -18.33 3.50
N LYS C 355 22.04 -19.50 3.65
CA LYS C 355 21.46 -20.76 3.23
C LYS C 355 21.46 -21.71 4.44
N GLY C 356 20.42 -21.62 5.25
CA GLY C 356 20.31 -22.39 6.46
C GLY C 356 19.56 -21.60 7.52
N TYR C 357 20.10 -21.62 8.74
CA TYR C 357 19.51 -20.89 9.86
C TYR C 357 20.35 -19.66 10.14
N HIS C 358 19.73 -18.49 10.11
CA HIS C 358 20.44 -17.24 10.39
C HIS C 358 20.77 -17.13 11.87
N LEU C 359 21.99 -16.69 12.16
CA LEU C 359 22.44 -16.51 13.54
C LEU C 359 22.78 -15.06 13.85
N MET C 360 23.66 -14.44 13.07
CA MET C 360 24.10 -13.07 13.32
C MET C 360 24.45 -12.42 11.99
N SER C 361 24.48 -11.09 12.00
CA SER C 361 24.85 -10.30 10.84
C SER C 361 25.81 -9.20 11.25
N PHE C 362 26.81 -8.95 10.40
CA PHE C 362 27.83 -7.93 10.65
C PHE C 362 27.90 -7.00 9.45
N PRO C 363 27.09 -5.96 9.42
CA PRO C 363 27.08 -5.05 8.27
C PRO C 363 28.39 -4.29 8.13
N GLN C 364 28.73 -4.00 6.87
CA GLN C 364 29.89 -3.18 6.54
C GLN C 364 29.52 -2.27 5.37
N SER C 365 30.19 -1.14 5.29
CA SER C 365 29.89 -0.14 4.27
C SER C 365 30.85 -0.27 3.09
N ALA C 366 30.32 -0.01 1.90
CA ALA C 366 31.07 -0.01 0.65
C ALA C 366 30.59 1.18 -0.16
N PRO C 367 31.38 1.67 -1.12
CA PRO C 367 30.94 2.80 -1.94
C PRO C 367 29.56 2.58 -2.54
N HIS C 368 28.59 3.36 -2.07
CA HIS C 368 27.20 3.27 -2.51
C HIS C 368 26.65 1.85 -2.34
N GLY C 369 26.91 1.25 -1.18
CA GLY C 369 26.40 -0.09 -0.93
C GLY C 369 26.68 -0.55 0.48
N VAL C 370 25.98 -1.63 0.86
CA VAL C 370 26.13 -2.26 2.16
C VAL C 370 26.31 -3.75 1.96
N VAL C 371 27.26 -4.34 2.69
CA VAL C 371 27.54 -5.77 2.62
C VAL C 371 27.20 -6.40 3.96
N PHE C 372 26.41 -7.47 3.93
CA PHE C 372 26.00 -8.19 5.11
C PHE C 372 26.77 -9.50 5.20
N LEU C 373 27.38 -9.75 6.35
CA LEU C 373 28.11 -10.99 6.62
C LEU C 373 27.22 -11.88 7.48
N HIS C 374 26.34 -12.62 6.81
CA HIS C 374 25.38 -13.47 7.51
C HIS C 374 26.08 -14.72 8.03
N VAL C 375 25.84 -15.02 9.31
CA VAL C 375 26.30 -16.27 9.92
C VAL C 375 25.20 -17.31 9.79
N THR C 376 25.56 -18.48 9.27
CA THR C 376 24.59 -19.51 8.92
C THR C 376 24.91 -20.81 9.62
N TYR C 377 23.91 -21.40 10.26
CA TYR C 377 23.99 -22.72 10.88
C TYR C 377 23.34 -23.72 9.93
N VAL C 378 24.07 -24.76 9.57
CA VAL C 378 23.62 -25.75 8.59
C VAL C 378 23.72 -27.13 9.23
N PRO C 379 22.62 -27.85 9.40
CA PRO C 379 22.71 -29.25 9.83
C PRO C 379 23.16 -30.15 8.69
N ALA C 380 23.73 -31.29 9.05
CA ALA C 380 24.24 -32.24 8.08
C ALA C 380 24.31 -33.62 8.72
N GLN C 381 24.45 -34.63 7.85
CA GLN C 381 24.48 -36.03 8.26
C GLN C 381 23.18 -36.42 8.96
N GLU C 382 22.07 -36.22 8.25
CA GLU C 382 20.77 -36.59 8.78
C GLU C 382 20.64 -38.11 8.86
N LYS C 383 20.21 -38.60 10.02
CA LYS C 383 20.05 -40.03 10.24
C LYS C 383 18.68 -40.32 10.82
N ASN C 384 18.11 -41.46 10.42
CA ASN C 384 16.79 -41.90 10.88
C ASN C 384 16.94 -42.99 11.92
N PHE C 385 16.18 -42.87 13.01
CA PHE C 385 16.18 -43.84 14.09
C PHE C 385 14.75 -44.18 14.48
N THR C 386 14.56 -45.39 14.99
CA THR C 386 13.25 -45.80 15.49
C THR C 386 12.87 -44.99 16.73
N THR C 387 11.61 -44.55 16.77
CA THR C 387 11.11 -43.75 17.88
C THR C 387 9.82 -44.35 18.41
N ALA C 388 9.58 -44.13 19.70
CA ALA C 388 8.39 -44.63 20.36
C ALA C 388 7.75 -43.50 21.18
N PRO C 389 6.42 -43.35 21.13
CA PRO C 389 5.79 -42.25 21.87
C PRO C 389 5.99 -42.32 23.37
N ALA C 390 6.02 -43.51 23.97
CA ALA C 390 6.07 -43.60 25.42
C ALA C 390 6.79 -44.89 25.83
N ILE C 391 7.31 -44.87 27.06
CA ILE C 391 8.10 -45.95 27.62
C ILE C 391 7.39 -46.45 28.88
N CYS C 392 7.21 -47.76 28.99
CA CYS C 392 6.60 -48.40 30.15
C CYS C 392 7.68 -49.09 30.96
N HIS C 393 7.73 -48.77 32.26
CA HIS C 393 8.72 -49.35 33.17
C HIS C 393 8.09 -50.24 34.22
N ASP C 394 7.13 -49.73 34.98
CA ASP C 394 6.46 -50.46 36.05
C ASP C 394 4.95 -50.34 35.91
N GLY C 395 4.45 -50.55 34.70
CA GLY C 395 3.03 -50.37 34.44
C GLY C 395 2.57 -48.94 34.55
N LYS C 396 3.41 -47.99 34.14
CA LYS C 396 3.07 -46.57 34.19
C LYS C 396 3.75 -45.89 33.02
N ALA C 397 2.95 -45.21 32.19
CA ALA C 397 3.48 -44.55 31.01
C ALA C 397 4.39 -43.39 31.40
N HIS C 398 5.51 -43.27 30.72
CA HIS C 398 6.48 -42.20 30.94
C HIS C 398 6.63 -41.39 29.66
N PHE C 399 6.61 -40.07 29.79
CA PHE C 399 6.76 -39.18 28.65
C PHE C 399 7.90 -38.21 28.88
N PRO C 400 8.69 -37.90 27.85
CA PRO C 400 9.82 -36.99 28.05
C PRO C 400 9.34 -35.57 28.27
N ARG C 401 10.04 -34.87 29.17
CA ARG C 401 9.69 -33.48 29.46
C ARG C 401 10.01 -32.57 28.27
N GLU C 402 11.21 -32.69 27.72
CA GLU C 402 11.64 -31.91 26.57
C GLU C 402 12.54 -32.78 25.71
N GLY C 403 11.97 -33.38 24.67
CA GLY C 403 12.72 -34.22 23.77
C GLY C 403 11.86 -35.36 23.27
N VAL C 404 12.52 -36.29 22.57
CA VAL C 404 11.88 -37.47 22.01
C VAL C 404 12.74 -38.69 22.30
N PHE C 405 12.09 -39.86 22.27
CA PHE C 405 12.77 -41.13 22.50
C PHE C 405 13.38 -41.63 21.19
N VAL C 406 14.67 -41.92 21.22
CA VAL C 406 15.42 -42.34 20.05
C VAL C 406 16.19 -43.60 20.40
N SER C 407 16.10 -44.61 19.53
CA SER C 407 16.83 -45.86 19.72
C SER C 407 17.98 -45.92 18.71
N ASN C 408 19.19 -46.17 19.22
CA ASN C 408 20.38 -46.27 18.39
C ASN C 408 20.56 -47.66 17.80
N GLY C 409 19.54 -48.52 17.89
CA GLY C 409 19.60 -49.88 17.42
C GLY C 409 19.50 -50.92 18.52
N THR C 410 20.14 -50.67 19.67
CA THR C 410 20.09 -51.61 20.79
C THR C 410 19.47 -50.94 22.02
N HIS C 411 19.90 -49.74 22.39
CA HIS C 411 19.41 -49.07 23.58
C HIS C 411 18.56 -47.85 23.22
N TRP C 412 17.86 -47.33 24.22
CA TRP C 412 16.97 -46.19 24.06
C TRP C 412 17.52 -45.00 24.86
N PHE C 413 17.37 -43.81 24.28
CA PHE C 413 17.80 -42.57 24.91
C PHE C 413 16.77 -41.49 24.64
N VAL C 414 16.95 -40.33 25.27
CA VAL C 414 16.12 -39.16 25.04
C VAL C 414 16.99 -38.07 24.43
N THR C 415 16.57 -37.53 23.29
CA THR C 415 17.34 -36.55 22.57
C THR C 415 16.46 -35.40 22.12
N GLN C 416 17.07 -34.24 21.93
CA GLN C 416 16.34 -33.10 21.41
C GLN C 416 16.00 -33.32 19.93
N ARG C 417 14.99 -32.60 19.45
CA ARG C 417 14.49 -32.82 18.10
C ARG C 417 15.51 -32.43 17.04
N ASN C 418 16.21 -31.31 17.23
CA ASN C 418 17.05 -30.73 16.20
C ASN C 418 18.51 -31.18 16.26
N PHE C 419 18.86 -32.08 17.19
CA PHE C 419 20.23 -32.54 17.29
C PHE C 419 20.25 -33.90 17.97
N TYR C 420 21.36 -34.62 17.78
CA TYR C 420 21.54 -35.95 18.35
C TYR C 420 22.40 -35.84 19.60
N GLU C 421 21.76 -35.87 20.76
CA GLU C 421 22.44 -35.82 22.06
C GLU C 421 21.93 -36.98 22.90
N PRO C 422 22.49 -38.17 22.72
CA PRO C 422 21.99 -39.35 23.44
C PRO C 422 22.22 -39.23 24.94
N GLN C 423 21.13 -39.24 25.71
CA GLN C 423 21.18 -39.18 27.15
C GLN C 423 20.37 -40.33 27.73
N ILE C 424 20.91 -40.97 28.77
CA ILE C 424 20.24 -42.12 29.35
C ILE C 424 18.91 -41.69 29.97
N ILE C 425 17.98 -42.66 30.06
CA ILE C 425 16.65 -42.38 30.59
C ILE C 425 16.72 -42.35 32.10
N THR C 426 16.26 -41.25 32.69
CA THR C 426 16.25 -41.08 34.14
C THR C 426 14.91 -40.49 34.56
N THR C 427 14.64 -40.56 35.86
CA THR C 427 13.36 -40.11 36.38
C THR C 427 13.18 -38.60 36.29
N ASP C 428 14.27 -37.85 36.11
CA ASP C 428 14.18 -36.40 36.01
C ASP C 428 13.90 -35.91 34.59
N ASN C 429 14.23 -36.71 33.57
CA ASN C 429 13.98 -36.34 32.19
C ASN C 429 12.61 -36.76 31.70
N THR C 430 11.86 -37.53 32.49
CA THR C 430 10.54 -38.01 32.09
C THR C 430 9.56 -37.83 33.24
N PHE C 431 8.28 -37.75 32.88
CA PHE C 431 7.20 -37.63 33.86
C PHE C 431 6.16 -38.70 33.60
N VAL C 432 5.51 -39.16 34.67
CA VAL C 432 4.54 -40.23 34.61
C VAL C 432 3.14 -39.63 34.43
N SER C 433 2.34 -40.27 33.58
CA SER C 433 0.97 -39.83 33.34
C SER C 433 0.19 -40.98 32.74
N GLY C 434 -0.82 -41.47 33.45
CA GLY C 434 -1.66 -42.54 32.94
C GLY C 434 -0.98 -43.90 33.02
N ASN C 435 -1.62 -44.86 32.36
CA ASN C 435 -1.13 -46.23 32.29
C ASN C 435 -0.62 -46.55 30.90
N CYS C 436 0.09 -47.67 30.80
CA CYS C 436 0.71 -48.07 29.53
C CYS C 436 -0.27 -48.64 28.53
N ASP C 437 -1.44 -49.10 28.98
CA ASP C 437 -2.39 -49.72 28.07
C ASP C 437 -3.10 -48.71 27.19
N VAL C 438 -3.40 -47.52 27.72
CA VAL C 438 -4.14 -46.53 26.95
C VAL C 438 -3.32 -46.03 25.76
N VAL C 439 -2.04 -45.74 25.99
CA VAL C 439 -1.21 -45.17 24.94
C VAL C 439 -0.90 -46.22 23.87
N ILE C 440 -0.92 -45.79 22.61
CA ILE C 440 -0.61 -46.64 21.48
C ILE C 440 0.84 -46.38 21.07
N GLY C 441 1.60 -47.45 20.89
CA GLY C 441 3.03 -47.32 20.59
C GLY C 441 3.93 -47.44 21.80
N ILE C 442 3.42 -47.91 22.94
CA ILE C 442 4.24 -48.06 24.13
C ILE C 442 5.40 -49.02 23.86
N VAL C 443 6.55 -48.72 24.45
CA VAL C 443 7.72 -49.59 24.32
C VAL C 443 8.23 -49.95 25.71
N ASN C 444 8.67 -51.19 25.86
CA ASN C 444 9.13 -51.70 27.15
C ASN C 444 10.60 -51.35 27.33
N ASN C 445 10.91 -50.61 28.39
CA ASN C 445 12.28 -50.24 28.69
C ASN C 445 12.38 -49.91 30.17
N THR C 446 13.60 -49.90 30.69
CA THR C 446 13.87 -49.63 32.09
C THR C 446 14.28 -48.18 32.27
N VAL C 447 13.65 -47.50 33.23
CA VAL C 447 13.95 -46.12 33.56
C VAL C 447 14.82 -46.10 34.80
N TYR C 448 16.04 -45.60 34.66
CA TYR C 448 16.98 -45.57 35.78
C TYR C 448 16.58 -44.52 36.80
N ASP C 449 16.65 -44.90 38.08
CA ASP C 449 16.39 -43.98 39.18
C ASP C 449 17.68 -43.71 39.92
N PRO C 450 18.18 -42.47 39.94
CA PRO C 450 19.46 -42.20 40.62
C PRO C 450 19.44 -42.47 42.11
N LEU C 451 18.26 -42.48 42.74
CA LEU C 451 18.18 -42.72 44.18
C LEU C 451 18.46 -44.17 44.54
N GLN C 452 18.14 -45.10 43.63
CA GLN C 452 18.30 -46.51 43.92
C GLN C 452 19.74 -46.93 44.19
N PRO C 453 20.73 -46.58 43.36
CA PRO C 453 22.12 -46.96 43.70
C PRO C 453 22.61 -46.32 44.99
N GLU C 454 22.22 -45.07 45.24
CA GLU C 454 22.64 -44.42 46.48
C GLU C 454 22.05 -45.11 47.70
N LEU C 455 20.79 -45.54 47.61
CA LEU C 455 20.17 -46.26 48.73
C LEU C 455 20.77 -47.65 48.88
N ASP C 456 21.14 -48.29 47.76
CA ASP C 456 21.70 -49.64 47.84
C ASP C 456 23.13 -49.63 48.36
N SER C 457 23.87 -48.54 48.13
CA SER C 457 25.23 -48.45 48.64
C SER C 457 25.28 -48.47 50.15
N PHE C 458 24.22 -47.99 50.81
CA PHE C 458 24.17 -48.03 52.27
C PHE C 458 24.16 -49.46 52.79
N LYS C 459 23.41 -50.35 52.13
CA LYS C 459 23.33 -51.74 52.53
C LYS C 459 24.62 -52.49 52.20
N ILE D 2 -27.51 11.76 -18.49
CA ILE D 2 -27.57 10.43 -17.90
C ILE D 2 -28.85 9.71 -18.35
N ARG D 3 -28.72 8.42 -18.66
CA ARG D 3 -29.85 7.61 -19.11
C ARG D 3 -30.02 6.42 -18.18
N MET D 4 -31.26 6.13 -17.81
CA MET D 4 -31.60 5.02 -16.93
C MET D 4 -32.35 3.97 -17.73
N THR D 5 -31.95 2.70 -17.60
CA THR D 5 -32.60 1.61 -18.28
C THR D 5 -32.85 0.46 -17.32
N GLN D 6 -34.06 -0.10 -17.37
CA GLN D 6 -34.48 -1.17 -16.49
C GLN D 6 -34.57 -2.48 -17.27
N SER D 7 -34.65 -3.59 -16.53
CA SER D 7 -34.76 -4.90 -17.14
C SER D 7 -35.39 -5.87 -16.15
N PRO D 8 -36.28 -6.76 -16.60
CA PRO D 8 -36.79 -6.89 -17.96
C PRO D 8 -37.99 -5.98 -18.20
N SER D 9 -38.77 -6.22 -19.25
CA SER D 9 -39.96 -5.42 -19.50
C SER D 9 -41.17 -5.93 -18.75
N THR D 10 -41.29 -7.24 -18.56
CA THR D 10 -42.40 -7.83 -17.83
C THR D 10 -41.94 -9.14 -17.20
N LEU D 11 -42.68 -9.57 -16.18
CA LEU D 11 -42.38 -10.82 -15.48
C LEU D 11 -43.66 -11.60 -15.26
N SER D 12 -43.52 -12.92 -15.26
CA SER D 12 -44.61 -13.85 -14.97
C SER D 12 -44.16 -14.72 -13.80
N VAL D 13 -44.43 -14.24 -12.58
CA VAL D 13 -43.97 -14.88 -11.35
C VAL D 13 -45.18 -15.35 -10.57
N SER D 14 -45.17 -16.61 -10.16
CA SER D 14 -46.25 -17.14 -9.34
C SER D 14 -46.23 -16.51 -7.95
N PRO D 15 -47.37 -16.45 -7.28
CA PRO D 15 -47.41 -15.89 -5.92
C PRO D 15 -46.52 -16.67 -4.97
N GLY D 16 -45.93 -15.95 -4.02
CA GLY D 16 -45.02 -16.56 -3.06
C GLY D 16 -43.73 -17.05 -3.67
N GLU D 17 -43.14 -16.28 -4.60
CA GLU D 17 -41.90 -16.65 -5.25
C GLU D 17 -41.00 -15.43 -5.32
N ARG D 18 -39.70 -15.65 -5.07
CA ARG D 18 -38.73 -14.56 -5.14
C ARG D 18 -38.57 -14.07 -6.58
N ALA D 19 -38.44 -12.76 -6.73
CA ALA D 19 -38.26 -12.15 -8.04
C ALA D 19 -37.25 -11.02 -7.93
N THR D 20 -36.62 -10.68 -9.06
CA THR D 20 -35.61 -9.64 -9.09
C THR D 20 -35.80 -8.78 -10.34
N LEU D 21 -35.37 -7.53 -10.22
CA LEU D 21 -35.41 -6.57 -11.33
C LEU D 21 -34.12 -5.77 -11.33
N SER D 22 -33.50 -5.63 -12.50
CA SER D 22 -32.22 -4.95 -12.62
C SER D 22 -32.41 -3.55 -13.20
N CYS D 23 -31.54 -2.63 -12.80
CA CYS D 23 -31.55 -1.26 -13.27
C CYS D 23 -30.12 -0.81 -13.49
N ARG D 24 -29.91 0.05 -14.48
CA ARG D 24 -28.56 0.49 -14.80
C ARG D 24 -28.60 1.90 -15.37
N ALA D 25 -27.44 2.56 -15.33
CA ALA D 25 -27.28 3.93 -15.79
C ALA D 25 -26.10 4.02 -16.74
N SER D 26 -26.09 5.07 -17.55
CA SER D 26 -25.02 5.26 -18.52
C SER D 26 -23.68 5.49 -17.81
N GLN D 27 -23.67 6.28 -16.76
CA GLN D 27 -22.46 6.60 -16.00
C GLN D 27 -22.63 6.21 -14.54
N SER D 28 -21.60 6.45 -13.75
CA SER D 28 -21.63 6.10 -12.33
C SER D 28 -22.67 6.94 -11.60
N VAL D 29 -23.42 6.29 -10.71
CA VAL D 29 -24.47 6.96 -9.95
C VAL D 29 -24.21 6.91 -8.45
N SER D 30 -23.24 6.12 -7.99
CA SER D 30 -22.92 5.94 -6.57
C SER D 30 -24.16 5.36 -5.90
N SER D 31 -24.61 5.90 -4.76
CA SER D 31 -25.76 5.38 -4.05
C SER D 31 -27.00 6.26 -4.22
N TYR D 32 -26.96 7.19 -5.18
CA TYR D 32 -28.08 8.11 -5.40
C TYR D 32 -29.07 7.49 -6.38
N LEU D 33 -29.71 6.41 -5.91
CA LEU D 33 -30.73 5.71 -6.69
C LEU D 33 -31.83 5.24 -5.76
N ALA D 34 -33.07 5.39 -6.21
CA ALA D 34 -34.24 4.98 -5.44
C ALA D 34 -35.20 4.20 -6.31
N TRP D 35 -35.96 3.30 -5.68
CA TRP D 35 -36.94 2.48 -6.37
C TRP D 35 -38.33 2.94 -5.96
N TYR D 36 -39.20 3.15 -6.95
CA TYR D 36 -40.56 3.64 -6.72
C TYR D 36 -41.57 2.66 -7.32
N GLN D 37 -42.63 2.40 -6.57
CA GLN D 37 -43.71 1.52 -7.00
C GLN D 37 -44.94 2.36 -7.29
N HIS D 38 -45.39 2.35 -8.55
CA HIS D 38 -46.53 3.14 -9.00
C HIS D 38 -47.64 2.20 -9.44
N LYS D 39 -48.76 2.24 -8.72
CA LYS D 39 -49.93 1.48 -9.09
C LYS D 39 -50.72 2.22 -10.18
N PRO D 40 -51.49 1.48 -10.99
CA PRO D 40 -52.29 2.16 -12.02
C PRO D 40 -53.26 3.19 -11.46
N GLY D 41 -53.85 2.93 -10.29
CA GLY D 41 -54.78 3.85 -9.67
C GLY D 41 -54.27 4.60 -8.46
N GLN D 42 -52.97 4.52 -8.15
CA GLN D 42 -52.43 5.17 -6.98
C GLN D 42 -51.13 5.89 -7.34
N ALA D 43 -50.80 6.91 -6.55
CA ALA D 43 -49.57 7.65 -6.76
C ALA D 43 -48.36 6.79 -6.41
N PRO D 44 -47.22 7.04 -7.06
CA PRO D 44 -46.01 6.27 -6.73
C PRO D 44 -45.60 6.46 -5.28
N ARG D 45 -45.06 5.38 -4.71
CA ARG D 45 -44.60 5.38 -3.32
C ARG D 45 -43.15 4.92 -3.26
N LEU D 46 -42.43 5.41 -2.26
CA LEU D 46 -41.02 5.06 -2.10
C LEU D 46 -40.89 3.73 -1.37
N LEU D 47 -40.10 2.83 -1.95
CA LEU D 47 -39.83 1.52 -1.35
C LEU D 47 -38.42 1.42 -0.80
N VAL D 48 -37.40 1.69 -1.61
CA VAL D 48 -36.01 1.63 -1.19
C VAL D 48 -35.31 2.90 -1.66
N TYR D 49 -34.73 3.64 -0.72
CA TYR D 49 -33.95 4.83 -1.03
C TYR D 49 -32.49 4.59 -0.66
N GLY D 50 -31.59 5.06 -1.52
CA GLY D 50 -30.18 4.78 -1.33
C GLY D 50 -29.80 3.42 -1.91
N ALA D 51 -28.63 2.94 -1.49
CA ALA D 51 -28.13 1.67 -2.01
C ALA D 51 -29.02 0.51 -1.61
N SER D 52 -29.30 0.38 -0.31
CA SER D 52 -30.12 -0.73 0.17
C SER D 52 -31.08 -0.36 1.29
N THR D 53 -31.16 0.91 1.68
CA THR D 53 -32.00 1.30 2.80
C THR D 53 -33.47 1.36 2.39
N ARG D 54 -34.34 0.76 3.19
CA ARG D 54 -35.77 0.75 2.92
C ARG D 54 -36.45 1.91 3.63
N ALA D 55 -37.55 2.37 3.03
CA ALA D 55 -38.31 3.47 3.59
C ALA D 55 -39.16 3.00 4.77
N THR D 56 -39.67 3.98 5.52
CA THR D 56 -40.51 3.66 6.67
C THR D 56 -41.84 3.06 6.21
N GLY D 57 -42.31 2.06 6.96
CA GLY D 57 -43.53 1.36 6.61
C GLY D 57 -43.39 0.32 5.52
N ILE D 58 -42.19 0.11 5.00
CA ILE D 58 -41.95 -0.85 3.93
C ILE D 58 -41.64 -2.21 4.56
N PRO D 59 -42.35 -3.27 4.18
CA PRO D 59 -42.06 -4.59 4.75
C PRO D 59 -40.68 -5.09 4.34
N ALA D 60 -40.15 -5.99 5.16
CA ALA D 60 -38.81 -6.52 4.95
C ALA D 60 -38.70 -7.38 3.70
N ARG D 61 -39.81 -7.75 3.08
CA ARG D 61 -39.75 -8.57 1.87
C ARG D 61 -38.99 -7.86 0.76
N PHE D 62 -39.24 -6.56 0.57
CA PHE D 62 -38.49 -5.80 -0.42
C PHE D 62 -37.06 -5.60 0.03
N SER D 63 -36.12 -5.71 -0.91
CA SER D 63 -34.72 -5.47 -0.60
C SER D 63 -34.01 -4.95 -1.84
N GLY D 64 -32.88 -4.29 -1.62
CA GLY D 64 -32.10 -3.75 -2.71
C GLY D 64 -30.63 -4.08 -2.56
N SER D 65 -29.94 -4.10 -3.70
CA SER D 65 -28.52 -4.41 -3.72
C SER D 65 -27.91 -3.78 -4.97
N GLY D 66 -26.60 -3.88 -5.09
CA GLY D 66 -25.87 -3.32 -6.21
C GLY D 66 -25.19 -2.01 -5.87
N SER D 67 -24.39 -1.54 -6.83
CA SER D 67 -23.60 -0.33 -6.65
C SER D 67 -23.09 0.12 -8.01
N GLY D 68 -22.20 1.10 -8.00
CA GLY D 68 -21.61 1.63 -9.22
C GLY D 68 -22.65 2.14 -10.19
N THR D 69 -22.85 1.41 -11.28
CA THR D 69 -23.87 1.74 -12.26
C THR D 69 -25.03 0.77 -12.29
N GLU D 70 -24.92 -0.38 -11.62
CA GLU D 70 -25.92 -1.43 -11.70
C GLU D 70 -26.51 -1.71 -10.32
N PHE D 71 -27.84 -1.69 -10.24
CA PHE D 71 -28.56 -1.99 -9.01
C PHE D 71 -29.63 -3.05 -9.29
N THR D 72 -30.11 -3.66 -8.22
CA THR D 72 -31.14 -4.69 -8.33
C THR D 72 -32.09 -4.58 -7.15
N LEU D 73 -33.36 -4.86 -7.43
CA LEU D 73 -34.42 -4.87 -6.41
C LEU D 73 -35.04 -6.26 -6.38
N THR D 74 -35.10 -6.85 -5.19
CA THR D 74 -35.60 -8.21 -5.02
C THR D 74 -36.80 -8.23 -4.08
N ILE D 75 -37.73 -9.14 -4.38
CA ILE D 75 -38.92 -9.35 -3.57
C ILE D 75 -38.96 -10.83 -3.17
N SER D 76 -39.18 -11.08 -1.88
CA SER D 76 -39.18 -12.46 -1.38
C SER D 76 -40.41 -13.22 -1.88
N SER D 77 -41.57 -12.56 -1.93
CA SER D 77 -42.80 -13.22 -2.33
C SER D 77 -43.69 -12.21 -3.04
N LEU D 78 -44.04 -12.52 -4.29
CA LEU D 78 -44.94 -11.65 -5.03
C LEU D 78 -46.37 -11.85 -4.54
N GLN D 79 -47.05 -10.73 -4.26
CA GLN D 79 -48.41 -10.75 -3.73
C GLN D 79 -49.29 -9.86 -4.58
N SER D 80 -50.57 -9.77 -4.20
CA SER D 80 -51.50 -8.90 -4.92
C SER D 80 -51.10 -7.44 -4.82
N GLU D 81 -50.63 -7.02 -3.64
CA GLU D 81 -50.23 -5.63 -3.44
C GLU D 81 -48.97 -5.28 -4.24
N ASP D 82 -48.23 -6.27 -4.71
CA ASP D 82 -47.00 -6.05 -5.46
C ASP D 82 -47.25 -6.07 -6.98
N PHE D 83 -48.43 -5.69 -7.42
CA PHE D 83 -48.79 -5.63 -8.84
C PHE D 83 -48.83 -4.16 -9.24
N ALA D 84 -47.69 -3.65 -9.71
CA ALA D 84 -47.56 -2.25 -10.09
C ALA D 84 -46.35 -2.11 -11.02
N VAL D 85 -45.95 -0.88 -11.27
CA VAL D 85 -44.83 -0.58 -12.15
C VAL D 85 -43.67 -0.06 -11.32
N TYR D 86 -42.47 -0.56 -11.59
CA TYR D 86 -41.28 -0.18 -10.84
C TYR D 86 -40.45 0.81 -11.63
N TYR D 87 -40.05 1.91 -10.99
CA TYR D 87 -39.29 2.97 -11.61
C TYR D 87 -38.01 3.23 -10.82
N CYS D 88 -36.96 3.63 -11.54
CA CYS D 88 -35.70 4.03 -10.94
C CYS D 88 -35.58 5.55 -10.99
N GLN D 89 -35.32 6.16 -9.84
CA GLN D 89 -35.19 7.60 -9.73
C GLN D 89 -33.78 7.95 -9.28
N GLN D 90 -33.13 8.87 -9.99
CA GLN D 90 -31.80 9.34 -9.66
C GLN D 90 -31.90 10.77 -9.15
N TYR D 91 -31.39 11.01 -7.95
CA TYR D 91 -31.42 12.33 -7.33
C TYR D 91 -30.02 12.94 -7.20
N ASN D 92 -29.08 12.49 -8.02
CA ASN D 92 -27.75 13.09 -8.03
C ASN D 92 -27.83 14.54 -8.48
N ASN D 93 -27.15 15.42 -7.75
CA ASN D 93 -27.22 16.85 -8.06
C ASN D 93 -26.60 17.15 -9.42
N TRP D 94 -25.51 16.47 -9.76
CA TRP D 94 -24.88 16.62 -11.07
C TRP D 94 -25.07 15.33 -11.86
N PRO D 95 -25.78 15.37 -13.01
CA PRO D 95 -26.41 16.52 -13.66
C PRO D 95 -27.68 17.00 -12.96
N PRO D 96 -28.03 18.27 -13.13
CA PRO D 96 -29.22 18.82 -12.47
C PRO D 96 -30.50 18.06 -12.81
N PRO D 97 -30.71 17.61 -14.05
CA PRO D 97 -31.94 16.85 -14.34
C PRO D 97 -32.01 15.57 -13.51
N PHE D 98 -33.23 15.24 -13.08
CA PHE D 98 -33.49 14.03 -12.30
C PHE D 98 -34.18 13.03 -13.23
N THR D 99 -33.36 12.26 -13.94
CA THR D 99 -33.89 11.28 -14.89
C THR D 99 -34.56 10.13 -14.16
N PHE D 100 -35.70 9.69 -14.69
CA PHE D 100 -36.46 8.59 -14.13
C PHE D 100 -36.20 7.31 -14.94
N GLY D 101 -36.78 6.21 -14.47
CA GLY D 101 -36.64 4.94 -15.12
C GLY D 101 -37.74 4.68 -16.14
N PRO D 102 -37.44 3.88 -17.16
CA PRO D 102 -38.47 3.58 -18.17
C PRO D 102 -39.69 2.88 -17.59
N GLY D 103 -39.52 2.06 -16.58
CA GLY D 103 -40.62 1.35 -15.97
C GLY D 103 -40.57 -0.14 -16.28
N THR D 104 -41.07 -0.93 -15.34
CA THR D 104 -41.09 -2.38 -15.49
C THR D 104 -42.38 -2.93 -14.89
N LYS D 105 -43.09 -3.75 -15.65
CA LYS D 105 -44.33 -4.36 -15.21
C LYS D 105 -44.06 -5.73 -14.59
N VAL D 106 -44.94 -6.13 -13.70
CA VAL D 106 -44.86 -7.43 -13.02
C VAL D 106 -46.22 -8.08 -13.04
N ASP D 107 -46.22 -9.40 -12.88
CA ASP D 107 -47.45 -10.18 -12.87
C ASP D 107 -47.28 -11.49 -12.10
N ILE E 2 5.08 6.47 -34.28
CA ILE E 2 6.15 5.83 -33.50
C ILE E 2 7.40 5.67 -34.36
N ARG E 3 8.55 5.93 -33.76
CA ARG E 3 9.83 5.83 -34.45
C ARG E 3 10.73 4.83 -33.72
N MET E 4 11.39 3.98 -34.48
CA MET E 4 12.30 2.97 -33.94
C MET E 4 13.73 3.33 -34.33
N THR E 5 14.64 3.30 -33.36
CA THR E 5 16.04 3.58 -33.62
C THR E 5 16.92 2.53 -32.96
N GLN E 6 17.91 2.04 -33.70
CA GLN E 6 18.82 1.01 -33.25
C GLN E 6 20.20 1.59 -32.98
N SER E 7 21.03 0.81 -32.28
CA SER E 7 22.38 1.24 -31.96
C SER E 7 23.24 0.02 -31.69
N PRO E 8 24.50 0.02 -32.15
CA PRO E 8 25.15 1.04 -32.97
C PRO E 8 24.89 0.82 -34.45
N SER E 9 25.67 1.44 -35.34
CA SER E 9 25.51 1.23 -36.77
C SER E 9 26.27 0.01 -37.27
N THR E 10 27.42 -0.29 -36.69
CA THR E 10 28.21 -1.44 -37.08
C THR E 10 29.04 -1.91 -35.89
N LEU E 11 29.46 -3.17 -35.95
CA LEU E 11 30.27 -3.76 -34.89
C LEU E 11 31.42 -4.52 -35.49
N SER E 12 32.54 -4.56 -34.75
CA SER E 12 33.73 -5.33 -35.12
C SER E 12 34.02 -6.27 -33.95
N VAL E 13 33.41 -7.45 -33.99
CA VAL E 13 33.50 -8.41 -32.90
C VAL E 13 34.20 -9.66 -33.41
N SER E 14 35.22 -10.11 -32.68
CA SER E 14 35.92 -11.32 -33.04
C SER E 14 35.02 -12.54 -32.85
N PRO E 15 35.27 -13.62 -33.58
CA PRO E 15 34.46 -14.83 -33.42
C PRO E 15 34.56 -15.39 -32.00
N GLY E 16 33.46 -15.97 -31.54
CA GLY E 16 33.40 -16.50 -30.19
C GLY E 16 33.45 -15.44 -29.10
N GLU E 17 32.77 -14.33 -29.30
CA GLU E 17 32.74 -13.25 -28.32
C GLU E 17 31.32 -12.73 -28.18
N ARG E 18 30.92 -12.45 -26.94
CA ARG E 18 29.58 -11.92 -26.68
C ARG E 18 29.44 -10.52 -27.26
N ALA E 19 28.26 -10.24 -27.82
CA ALA E 19 27.98 -8.93 -28.39
C ALA E 19 26.54 -8.55 -28.05
N THR E 20 26.27 -7.25 -28.07
CA THR E 20 24.95 -6.74 -27.75
C THR E 20 24.57 -5.62 -28.71
N LEU E 21 23.26 -5.47 -28.91
CA LEU E 21 22.70 -4.43 -29.76
C LEU E 21 21.48 -3.84 -29.08
N SER E 22 21.39 -2.51 -29.04
CA SER E 22 20.30 -1.84 -28.35
C SER E 22 19.28 -1.30 -29.35
N CYS E 23 18.03 -1.24 -28.92
CA CYS E 23 16.94 -0.74 -29.74
C CYS E 23 16.01 0.07 -28.85
N ARG E 24 15.40 1.12 -29.41
CA ARG E 24 14.53 1.98 -28.63
C ARG E 24 13.45 2.57 -29.51
N ALA E 25 12.39 3.03 -28.85
CA ALA E 25 11.23 3.60 -29.51
C ALA E 25 10.92 4.97 -28.91
N SER E 26 10.18 5.78 -29.68
CA SER E 26 9.82 7.11 -29.21
C SER E 26 8.91 7.04 -27.99
N GLN E 27 7.94 6.13 -27.99
CA GLN E 27 7.00 5.97 -26.89
C GLN E 27 7.05 4.54 -26.36
N SER E 28 6.22 4.26 -25.38
CA SER E 28 6.18 2.94 -24.77
C SER E 28 5.70 1.90 -25.77
N VAL E 29 6.35 0.74 -25.78
CA VAL E 29 6.00 -0.34 -26.69
C VAL E 29 5.58 -1.60 -25.95
N SER E 30 5.82 -1.68 -24.64
CA SER E 30 5.50 -2.85 -23.80
C SER E 30 6.34 -4.02 -24.34
N SER E 31 5.76 -5.19 -24.56
CA SER E 31 6.50 -6.36 -25.03
C SER E 31 6.25 -6.65 -26.50
N TYR E 32 5.66 -5.71 -27.24
CA TYR E 32 5.34 -5.91 -28.65
C TYR E 32 6.53 -5.47 -29.50
N LEU E 33 7.64 -6.20 -29.35
CA LEU E 33 8.85 -5.96 -30.10
C LEU E 33 9.48 -7.29 -30.48
N ALA E 34 9.98 -7.38 -31.71
CA ALA E 34 10.63 -8.58 -32.21
C ALA E 34 11.92 -8.23 -32.93
N TRP E 35 12.86 -9.16 -32.93
CA TRP E 35 14.15 -9.00 -33.58
C TRP E 35 14.21 -9.91 -34.80
N TYR E 36 14.60 -9.34 -35.94
CA TYR E 36 14.67 -10.08 -37.20
C TYR E 36 16.08 -10.01 -37.77
N GLN E 37 16.56 -11.15 -38.27
CA GLN E 37 17.88 -11.25 -38.89
C GLN E 37 17.70 -11.43 -40.38
N HIS E 38 18.19 -10.48 -41.16
CA HIS E 38 18.07 -10.48 -42.61
C HIS E 38 19.45 -10.59 -43.24
N LYS E 39 19.69 -11.70 -43.93
CA LYS E 39 20.93 -11.90 -44.67
C LYS E 39 20.86 -11.18 -46.01
N PRO E 40 22.01 -10.81 -46.58
CA PRO E 40 21.99 -10.14 -47.89
C PRO E 40 21.34 -10.98 -48.98
N GLY E 41 21.52 -12.31 -48.94
CA GLY E 41 20.93 -13.19 -49.93
C GLY E 41 19.78 -14.04 -49.45
N GLN E 42 19.25 -13.79 -48.25
CA GLN E 42 18.17 -14.60 -47.70
C GLN E 42 17.10 -13.70 -47.11
N ALA E 43 15.88 -14.22 -47.05
CA ALA E 43 14.77 -13.48 -46.46
C ALA E 43 14.96 -13.35 -44.96
N PRO E 44 14.43 -12.28 -44.35
CA PRO E 44 14.55 -12.14 -42.90
C PRO E 44 13.87 -13.28 -42.16
N ARG E 45 14.46 -13.65 -41.02
CA ARG E 45 13.94 -14.73 -40.18
C ARG E 45 13.75 -14.22 -38.76
N LEU E 46 12.78 -14.80 -38.06
CA LEU E 46 12.48 -14.40 -36.69
C LEU E 46 13.42 -15.09 -35.72
N LEU E 47 14.04 -14.31 -34.85
CA LEU E 47 14.94 -14.81 -33.82
C LEU E 47 14.32 -14.75 -32.43
N VAL E 48 13.87 -13.58 -32.00
CA VAL E 48 13.26 -13.39 -30.69
C VAL E 48 11.97 -12.60 -30.87
N TYR E 49 10.85 -13.17 -30.42
CA TYR E 49 9.57 -12.50 -30.44
C TYR E 49 9.11 -12.24 -29.02
N GLY E 50 8.53 -11.06 -28.79
CA GLY E 50 8.17 -10.67 -27.44
C GLY E 50 9.35 -10.07 -26.69
N ALA E 51 9.20 -10.01 -25.37
CA ALA E 51 10.24 -9.41 -24.53
C ALA E 51 11.53 -10.22 -24.58
N SER E 52 11.44 -11.52 -24.32
CA SER E 52 12.63 -12.36 -24.30
C SER E 52 12.42 -13.75 -24.89
N THR E 53 11.24 -14.05 -25.42
CA THR E 53 10.97 -15.40 -25.91
C THR E 53 11.61 -15.61 -27.27
N ARG E 54 12.29 -16.74 -27.43
CA ARG E 54 12.94 -17.08 -28.69
C ARG E 54 12.03 -17.93 -29.56
N ALA E 55 12.21 -17.80 -30.87
CA ALA E 55 11.41 -18.55 -31.82
C ALA E 55 11.87 -20.01 -31.89
N THR E 56 11.05 -20.84 -32.52
CA THR E 56 11.39 -22.24 -32.68
C THR E 56 12.57 -22.40 -33.65
N GLY E 57 13.45 -23.35 -33.33
CA GLY E 57 14.64 -23.57 -34.12
C GLY E 57 15.76 -22.58 -33.89
N ILE E 58 15.59 -21.64 -32.96
CA ILE E 58 16.61 -20.63 -32.67
C ILE E 58 17.52 -21.16 -31.57
N PRO E 59 18.83 -21.18 -31.78
CA PRO E 59 19.75 -21.66 -30.73
C PRO E 59 19.72 -20.75 -29.52
N ALA E 60 20.11 -21.33 -28.38
CA ALA E 60 20.08 -20.63 -27.10
C ALA E 60 21.10 -19.50 -27.03
N ARG E 61 22.03 -19.41 -27.98
CA ARG E 61 23.02 -18.33 -27.96
C ARG E 61 22.36 -16.97 -28.04
N PHE E 62 21.36 -16.81 -28.91
CA PHE E 62 20.63 -15.56 -29.00
C PHE E 62 19.75 -15.37 -27.76
N SER E 63 19.69 -14.14 -27.25
CA SER E 63 18.85 -13.84 -26.12
C SER E 63 18.40 -12.39 -26.21
N GLY E 64 17.32 -12.08 -25.51
CA GLY E 64 16.78 -10.73 -25.50
C GLY E 64 16.45 -10.29 -24.08
N SER E 65 16.46 -8.97 -23.89
CA SER E 65 16.17 -8.38 -22.59
C SER E 65 15.66 -6.97 -22.81
N GLY E 66 15.25 -6.32 -21.72
CA GLY E 66 14.75 -4.97 -21.77
C GLY E 66 13.24 -4.91 -21.70
N SER E 67 12.72 -3.69 -21.59
CA SER E 67 11.30 -3.45 -21.44
C SER E 67 11.03 -1.97 -21.68
N GLY E 68 9.79 -1.56 -21.39
CA GLY E 68 9.40 -0.17 -21.56
C GLY E 68 9.58 0.33 -22.98
N THR E 69 10.59 1.18 -23.18
CA THR E 69 10.93 1.67 -24.51
C THR E 69 12.27 1.16 -25.01
N GLU E 70 13.07 0.53 -24.16
CA GLU E 70 14.43 0.12 -24.52
C GLU E 70 14.58 -1.39 -24.41
N PHE E 71 15.08 -2.01 -25.48
CA PHE E 71 15.33 -3.44 -25.52
C PHE E 71 16.76 -3.68 -25.99
N THR E 72 17.25 -4.90 -25.74
CA THR E 72 18.59 -5.29 -26.13
C THR E 72 18.60 -6.74 -26.57
N LEU E 73 19.42 -7.03 -27.58
CA LEU E 73 19.61 -8.37 -28.10
C LEU E 73 21.08 -8.75 -27.95
N THR E 74 21.33 -9.90 -27.34
CA THR E 74 22.69 -10.34 -27.03
C THR E 74 22.97 -11.69 -27.70
N ILE E 75 24.21 -11.86 -28.13
CA ILE E 75 24.69 -13.10 -28.74
C ILE E 75 25.91 -13.57 -27.95
N SER E 76 25.91 -14.85 -27.57
CA SER E 76 27.00 -15.39 -26.77
C SER E 76 28.29 -15.48 -27.58
N SER E 77 28.19 -15.89 -28.84
CA SER E 77 29.37 -16.05 -29.68
C SER E 77 29.02 -15.70 -31.12
N LEU E 78 29.73 -14.72 -31.69
CA LEU E 78 29.53 -14.36 -33.08
C LEU E 78 30.14 -15.42 -33.99
N GLN E 79 29.36 -15.89 -34.97
CA GLN E 79 29.80 -16.92 -35.89
C GLN E 79 29.58 -16.44 -37.32
N SER E 80 29.92 -17.31 -38.28
CA SER E 80 29.72 -16.98 -39.69
C SER E 80 28.23 -16.83 -40.02
N GLU E 81 27.39 -17.68 -39.43
CA GLU E 81 25.95 -17.61 -39.68
C GLU E 81 25.33 -16.35 -39.09
N ASP E 82 26.02 -15.67 -38.17
CA ASP E 82 25.51 -14.46 -37.52
C ASP E 82 25.99 -13.19 -38.22
N PHE E 83 26.24 -13.26 -39.53
CA PHE E 83 26.68 -12.10 -40.31
C PHE E 83 25.50 -11.66 -41.18
N ALA E 84 24.70 -10.74 -40.64
CA ALA E 84 23.50 -10.25 -41.32
C ALA E 84 23.13 -8.91 -40.70
N VAL E 85 21.93 -8.42 -41.03
CA VAL E 85 21.43 -7.14 -40.54
C VAL E 85 20.30 -7.40 -39.56
N TYR E 86 20.32 -6.69 -38.44
CA TYR E 86 19.33 -6.86 -37.39
C TYR E 86 18.31 -5.73 -37.44
N TYR E 87 17.03 -6.10 -37.41
CA TYR E 87 15.93 -5.15 -37.48
C TYR E 87 15.00 -5.33 -36.30
N CYS E 88 14.40 -4.22 -35.87
CA CYS E 88 13.39 -4.23 -34.82
C CYS E 88 12.01 -4.04 -35.45
N GLN E 89 11.09 -4.94 -35.14
CA GLN E 89 9.73 -4.89 -35.66
C GLN E 89 8.75 -4.72 -34.52
N GLN E 90 7.86 -3.74 -34.65
CA GLN E 90 6.82 -3.47 -33.67
C GLN E 90 5.48 -3.88 -34.25
N TYR E 91 4.76 -4.75 -33.54
CA TYR E 91 3.46 -5.24 -33.98
C TYR E 91 2.32 -4.74 -33.08
N ASN E 92 2.52 -3.63 -32.39
CA ASN E 92 1.47 -3.04 -31.57
C ASN E 92 0.33 -2.58 -32.47
N ASN E 93 -0.91 -2.91 -32.08
CA ASN E 93 -2.06 -2.57 -32.90
C ASN E 93 -2.24 -1.05 -32.99
N TRP E 94 -2.00 -0.34 -31.90
CA TRP E 94 -2.06 1.12 -31.89
C TRP E 94 -0.66 1.69 -31.72
N PRO E 95 -0.12 2.42 -32.69
CA PRO E 95 -0.73 2.84 -33.97
C PRO E 95 -0.81 1.71 -35.00
N PRO E 96 -1.74 1.81 -35.93
CA PRO E 96 -1.91 0.75 -36.95
C PRO E 96 -0.65 0.48 -37.75
N PRO E 97 0.14 1.50 -38.13
CA PRO E 97 1.38 1.20 -38.87
C PRO E 97 2.34 0.34 -38.06
N PHE E 98 3.01 -0.58 -38.76
CA PHE E 98 3.99 -1.46 -38.15
C PHE E 98 5.39 -0.97 -38.55
N THR E 99 5.90 -0.03 -37.77
CA THR E 99 7.21 0.56 -38.06
C THR E 99 8.32 -0.46 -37.82
N PHE E 100 9.29 -0.46 -38.73
CA PHE E 100 10.44 -1.35 -38.65
C PHE E 100 11.65 -0.60 -38.11
N GLY E 101 12.75 -1.33 -37.89
CA GLY E 101 13.97 -0.75 -37.41
C GLY E 101 14.88 -0.29 -38.54
N PRO E 102 15.72 0.72 -38.26
CA PRO E 102 16.64 1.20 -39.31
C PRO E 102 17.60 0.14 -39.80
N GLY E 103 18.03 -0.75 -38.93
CA GLY E 103 18.96 -1.79 -39.30
C GLY E 103 20.32 -1.60 -38.65
N THR E 104 21.01 -2.71 -38.38
CA THR E 104 22.31 -2.70 -37.76
C THR E 104 23.17 -3.80 -38.36
N LYS E 105 24.36 -3.44 -38.81
CA LYS E 105 25.29 -4.40 -39.39
C LYS E 105 26.24 -4.93 -38.33
N VAL E 106 26.74 -6.15 -38.56
CA VAL E 106 27.67 -6.80 -37.66
C VAL E 106 28.82 -7.38 -38.48
N ASP E 107 29.94 -7.61 -37.81
CA ASP E 107 31.12 -8.17 -38.46
C ASP E 107 32.02 -8.88 -37.44
N GLN F 1 7.75 -28.59 -43.67
CA GLN F 1 6.92 -28.69 -44.86
C GLN F 1 6.33 -27.34 -45.24
N VAL F 2 6.16 -26.48 -44.23
CA VAL F 2 5.63 -25.14 -44.48
C VAL F 2 6.63 -24.33 -45.29
N GLN F 3 6.13 -23.62 -46.31
CA GLN F 3 6.99 -22.83 -47.17
C GLN F 3 6.15 -21.79 -47.89
N LEU F 4 6.75 -20.63 -48.12
CA LEU F 4 6.15 -19.55 -48.88
C LEU F 4 6.97 -19.31 -50.14
N VAL F 5 6.30 -19.33 -51.30
CA VAL F 5 6.95 -19.20 -52.59
C VAL F 5 6.43 -17.94 -53.27
N GLN F 6 7.36 -17.13 -53.78
CA GLN F 6 7.03 -15.90 -54.47
C GLN F 6 7.40 -16.02 -55.95
N SER F 7 6.82 -15.14 -56.75
CA SER F 7 7.11 -15.13 -58.18
C SER F 7 8.51 -14.57 -58.42
N GLY F 8 9.01 -14.81 -59.64
CA GLY F 8 10.33 -14.36 -60.01
C GLY F 8 10.38 -12.85 -60.25
N ALA F 9 11.60 -12.37 -60.48
CA ALA F 9 11.81 -10.95 -60.73
C ALA F 9 11.13 -10.53 -62.03
N GLU F 10 10.43 -9.40 -61.98
CA GLU F 10 9.71 -8.88 -63.14
C GLU F 10 9.96 -7.38 -63.25
N VAL F 11 9.93 -6.89 -64.49
CA VAL F 11 10.15 -5.49 -64.79
C VAL F 11 8.95 -4.96 -65.56
N ARG F 12 8.45 -3.80 -65.14
CA ARG F 12 7.29 -3.18 -65.77
C ARG F 12 7.57 -1.70 -66.02
N LYS F 13 6.94 -1.17 -67.06
CA LYS F 13 7.07 0.24 -67.38
C LYS F 13 6.34 1.08 -66.32
N PRO F 14 6.74 2.34 -66.15
CA PRO F 14 6.06 3.20 -65.17
C PRO F 14 4.59 3.39 -65.53
N GLY F 15 3.76 3.53 -64.49
CA GLY F 15 2.33 3.65 -64.68
C GLY F 15 1.69 2.36 -65.19
N ALA F 16 2.13 1.23 -64.67
CA ALA F 16 1.59 -0.07 -65.03
C ALA F 16 1.28 -0.86 -63.76
N SER F 17 0.67 -2.02 -63.96
CA SER F 17 0.26 -2.88 -62.85
C SER F 17 1.23 -4.06 -62.71
N VAL F 18 1.60 -4.36 -61.47
CA VAL F 18 2.49 -5.46 -61.15
C VAL F 18 1.70 -6.45 -60.28
N LYS F 19 1.66 -7.71 -60.70
CA LYS F 19 0.92 -8.76 -60.01
C LYS F 19 1.94 -9.71 -59.39
N VAL F 20 2.02 -9.69 -58.05
CA VAL F 20 2.92 -10.57 -57.32
C VAL F 20 2.09 -11.65 -56.64
N SER F 21 2.45 -12.92 -56.88
CA SER F 21 1.73 -14.05 -56.33
C SER F 21 2.54 -14.71 -55.22
N CYS F 22 1.91 -14.93 -54.07
CA CYS F 22 2.53 -15.61 -52.94
C CYS F 22 1.73 -16.86 -52.63
N LYS F 23 2.42 -18.01 -52.63
CA LYS F 23 1.79 -19.29 -52.38
C LYS F 23 2.32 -19.88 -51.08
N ALA F 24 1.44 -20.58 -50.36
CA ALA F 24 1.77 -21.17 -49.07
C ALA F 24 1.54 -22.68 -49.13
N SER F 25 2.46 -23.43 -48.54
CA SER F 25 2.37 -24.89 -48.54
C SER F 25 2.76 -25.41 -47.16
N GLY F 26 2.27 -26.62 -46.86
CA GLY F 26 2.56 -27.28 -45.61
C GLY F 26 1.59 -26.99 -44.48
N TYR F 27 0.60 -26.13 -44.69
CA TYR F 27 -0.36 -25.79 -43.65
C TYR F 27 -1.61 -25.23 -44.32
N THR F 28 -2.67 -25.15 -43.53
CA THR F 28 -3.95 -24.65 -44.04
C THR F 28 -3.85 -23.17 -44.38
N PHE F 29 -4.25 -22.81 -45.60
CA PHE F 29 -4.10 -21.43 -46.06
C PHE F 29 -4.94 -20.47 -45.21
N THR F 30 -6.18 -20.86 -44.91
CA THR F 30 -7.04 -20.03 -44.09
C THR F 30 -6.67 -20.16 -42.62
N GLY F 31 -6.96 -19.11 -41.85
CA GLY F 31 -6.70 -19.09 -40.43
C GLY F 31 -5.40 -18.45 -40.01
N TYR F 32 -4.68 -17.79 -40.92
CA TYR F 32 -3.44 -17.13 -40.57
C TYR F 32 -3.27 -15.90 -41.45
N TYR F 33 -3.07 -14.75 -40.83
CA TYR F 33 -2.93 -13.49 -41.56
C TYR F 33 -1.65 -13.49 -42.37
N ILE F 34 -1.73 -12.92 -43.58
CA ILE F 34 -0.59 -12.80 -44.48
C ILE F 34 -0.32 -11.32 -44.70
N HIS F 35 0.92 -10.90 -44.44
CA HIS F 35 1.32 -9.51 -44.55
C HIS F 35 2.36 -9.35 -45.64
N TRP F 36 2.48 -8.12 -46.15
CA TRP F 36 3.44 -7.77 -47.18
C TRP F 36 4.32 -6.63 -46.71
N VAL F 37 5.62 -6.74 -47.00
CA VAL F 37 6.58 -5.71 -46.63
C VAL F 37 7.41 -5.34 -47.85
N ARG F 38 7.93 -4.12 -47.83
CA ARG F 38 8.74 -3.57 -48.90
C ARG F 38 10.09 -3.15 -48.35
N GLN F 39 11.16 -3.58 -49.01
CA GLN F 39 12.53 -3.20 -48.65
C GLN F 39 13.12 -2.43 -49.82
N ALA F 40 13.35 -1.14 -49.61
CA ALA F 40 13.95 -0.30 -50.64
C ALA F 40 15.47 -0.42 -50.60
N PRO F 41 16.14 -0.22 -51.74
CA PRO F 41 17.61 -0.27 -51.76
C PRO F 41 18.20 0.87 -50.96
N GLY F 42 18.90 0.54 -49.88
CA GLY F 42 19.49 1.53 -49.00
C GLY F 42 18.56 2.09 -47.95
N GLN F 43 17.34 1.60 -47.86
CA GLN F 43 16.36 2.08 -46.88
C GLN F 43 15.89 0.91 -46.00
N GLY F 44 14.92 1.20 -45.14
CA GLY F 44 14.39 0.21 -44.23
C GLY F 44 13.22 -0.56 -44.80
N LEU F 45 12.48 -1.22 -43.92
CA LEU F 45 11.33 -2.03 -44.29
C LEU F 45 10.05 -1.28 -43.96
N GLU F 46 9.08 -1.33 -44.87
CA GLU F 46 7.79 -0.68 -44.70
C GLU F 46 6.69 -1.71 -44.86
N TRP F 47 5.75 -1.73 -43.91
CA TRP F 47 4.65 -2.68 -43.94
C TRP F 47 3.54 -2.17 -44.85
N MET F 48 3.37 -2.81 -46.01
CA MET F 48 2.39 -2.34 -46.99
C MET F 48 0.96 -2.54 -46.48
N GLY F 49 0.67 -3.70 -45.91
CA GLY F 49 -0.67 -3.99 -45.44
C GLY F 49 -0.82 -5.48 -45.17
N TRP F 50 -2.09 -5.89 -45.03
CA TRP F 50 -2.39 -7.28 -44.76
C TRP F 50 -3.75 -7.65 -45.35
N ILE F 51 -3.94 -8.95 -45.56
CA ILE F 51 -5.17 -9.52 -46.09
C ILE F 51 -5.52 -10.75 -45.28
N ASN F 52 -6.81 -10.95 -45.02
CA ASN F 52 -7.27 -12.11 -44.29
C ASN F 52 -7.71 -13.20 -45.27
N PRO F 53 -7.00 -14.32 -45.35
CA PRO F 53 -7.40 -15.38 -46.31
C PRO F 53 -8.73 -16.02 -45.97
N ASN F 54 -9.21 -15.91 -44.74
CA ASN F 54 -10.47 -16.55 -44.36
C ASN F 54 -11.67 -15.80 -44.94
N SER F 55 -11.78 -14.51 -44.62
CA SER F 55 -12.88 -13.69 -45.08
C SER F 55 -12.55 -12.91 -46.36
N GLY F 56 -11.44 -12.17 -46.35
CA GLY F 56 -11.05 -11.39 -47.51
C GLY F 56 -10.77 -9.94 -47.17
N GLY F 57 -10.86 -9.59 -45.89
CA GLY F 57 -10.58 -8.23 -45.45
C GLY F 57 -9.18 -7.78 -45.74
N THR F 58 -9.05 -6.60 -46.37
CA THR F 58 -7.75 -6.04 -46.73
C THR F 58 -7.58 -4.71 -46.02
N ASN F 59 -6.44 -4.52 -45.37
CA ASN F 59 -6.11 -3.26 -44.71
C ASN F 59 -4.74 -2.80 -45.18
N TYR F 60 -4.69 -1.60 -45.73
CA TYR F 60 -3.47 -1.02 -46.26
C TYR F 60 -3.07 0.21 -45.45
N ALA F 61 -1.81 0.61 -45.61
CA ALA F 61 -1.33 1.84 -44.99
C ALA F 61 -1.80 3.05 -45.79
N GLN F 62 -1.68 4.22 -45.15
CA GLN F 62 -2.11 5.46 -45.81
C GLN F 62 -1.28 5.74 -47.06
N LYS F 63 0.03 5.51 -46.98
CA LYS F 63 0.89 5.76 -48.13
C LYS F 63 0.55 4.83 -49.29
N PHE F 64 0.29 3.56 -48.99
CA PHE F 64 0.00 2.56 -50.01
C PHE F 64 -1.49 2.39 -50.29
N GLN F 65 -2.34 3.23 -49.68
CA GLN F 65 -3.77 3.14 -49.91
C GLN F 65 -4.11 3.43 -51.36
N GLY F 66 -4.97 2.60 -51.93
CA GLY F 66 -5.37 2.77 -53.33
C GLY F 66 -4.43 2.19 -54.36
N TRP F 67 -3.12 2.33 -54.14
CA TRP F 67 -2.14 1.79 -55.09
C TRP F 67 -2.11 0.28 -55.06
N VAL F 68 -2.46 -0.33 -53.93
CA VAL F 68 -2.30 -1.77 -53.72
C VAL F 68 -3.67 -2.41 -53.56
N ILE F 69 -3.90 -3.49 -54.30
CA ILE F 69 -5.12 -4.28 -54.18
C ILE F 69 -4.71 -5.71 -53.87
N MET F 70 -5.26 -6.27 -52.80
CA MET F 70 -4.93 -7.62 -52.38
C MET F 70 -6.12 -8.55 -52.60
N THR F 71 -5.89 -9.66 -53.30
CA THR F 71 -6.92 -10.65 -53.56
C THR F 71 -6.43 -12.01 -53.10
N ARG F 72 -7.37 -12.91 -52.83
CA ARG F 72 -7.07 -14.23 -52.31
C ARG F 72 -7.71 -15.30 -53.20
N ASP F 73 -7.08 -16.48 -53.21
CA ASP F 73 -7.58 -17.64 -53.93
C ASP F 73 -7.37 -18.86 -53.03
N THR F 74 -8.41 -19.24 -52.29
CA THR F 74 -8.30 -20.35 -51.35
C THR F 74 -8.31 -21.69 -52.07
N SER F 75 -8.81 -21.71 -53.31
CA SER F 75 -8.84 -22.96 -54.07
C SER F 75 -7.43 -23.46 -54.35
N ILE F 76 -6.52 -22.56 -54.71
CA ILE F 76 -5.12 -22.90 -54.95
C ILE F 76 -4.22 -22.24 -53.90
N SER F 77 -4.81 -21.51 -52.96
CA SER F 77 -4.10 -20.91 -51.82
C SER F 77 -3.00 -19.97 -52.30
N THR F 78 -3.42 -18.90 -52.97
CA THR F 78 -2.49 -17.89 -53.47
C THR F 78 -3.01 -16.50 -53.13
N ALA F 79 -2.11 -15.63 -52.68
CA ALA F 79 -2.41 -14.23 -52.43
C ALA F 79 -1.80 -13.40 -53.55
N TYR F 80 -2.63 -12.61 -54.23
CA TYR F 80 -2.21 -11.77 -55.34
C TYR F 80 -2.20 -10.32 -54.90
N MET F 81 -1.03 -9.69 -54.99
CA MET F 81 -0.91 -8.26 -54.75
C MET F 81 -0.74 -7.53 -56.08
N GLU F 82 -1.67 -6.63 -56.38
CA GLU F 82 -1.68 -5.90 -57.64
C GLU F 82 -1.38 -4.44 -57.34
N LEU F 83 -0.30 -3.93 -57.92
CA LEU F 83 0.06 -2.53 -57.80
C LEU F 83 -0.59 -1.72 -58.92
N SER F 84 -0.62 -0.39 -58.75
CA SER F 84 -1.18 0.49 -59.75
C SER F 84 -0.39 1.79 -59.74
N ARG F 85 -0.33 2.43 -60.92
CA ARG F 85 0.39 3.68 -61.11
C ARG F 85 1.84 3.55 -60.66
N LEU F 86 2.57 2.68 -61.38
CA LEU F 86 3.95 2.38 -61.04
C LEU F 86 4.80 3.64 -61.09
N THR F 87 5.34 4.04 -59.94
CA THR F 87 6.18 5.21 -59.81
C THR F 87 7.64 4.79 -59.75
N SER F 88 8.53 5.70 -60.16
CA SER F 88 9.96 5.41 -60.16
C SER F 88 10.49 5.12 -58.77
N ASP F 89 9.79 5.55 -57.72
CA ASP F 89 10.20 5.28 -56.35
C ASP F 89 9.72 3.92 -55.84
N ASP F 90 8.99 3.17 -56.67
CA ASP F 90 8.47 1.86 -56.25
C ASP F 90 9.47 0.74 -56.42
N THR F 91 10.66 1.02 -56.94
CA THR F 91 11.68 0.00 -57.12
C THR F 91 12.17 -0.49 -55.76
N ALA F 92 11.83 -1.73 -55.41
CA ALA F 92 12.17 -2.31 -54.12
C ALA F 92 11.95 -3.81 -54.21
N VAL F 93 12.13 -4.49 -53.08
CA VAL F 93 11.90 -5.93 -52.98
C VAL F 93 10.69 -6.16 -52.09
N TYR F 94 9.73 -6.92 -52.59
CA TYR F 94 8.48 -7.17 -51.88
C TYR F 94 8.50 -8.59 -51.30
N TYR F 95 8.24 -8.68 -50.00
CA TYR F 95 8.22 -9.95 -49.29
C TYR F 95 6.83 -10.22 -48.73
N CYS F 96 6.40 -11.47 -48.82
CA CYS F 96 5.15 -11.93 -48.20
C CYS F 96 5.50 -12.83 -47.02
N ALA F 97 4.88 -12.57 -45.88
CA ALA F 97 5.16 -13.30 -44.67
C ALA F 97 3.85 -13.69 -43.98
N ARG F 98 3.94 -14.72 -43.14
CA ARG F 98 2.80 -15.18 -42.35
C ARG F 98 3.00 -14.75 -40.90
N CYS F 99 1.98 -14.11 -40.33
CA CYS F 99 2.03 -13.64 -38.95
C CYS F 99 1.74 -14.79 -38.01
N GLY F 100 2.73 -15.14 -37.18
CA GLY F 100 2.59 -16.23 -36.23
C GLY F 100 3.27 -15.95 -34.91
N ALA F 101 3.89 -16.98 -34.34
CA ALA F 101 4.63 -16.86 -33.08
C ALA F 101 3.78 -16.22 -31.98
N ARG F 102 2.46 -16.43 -32.07
CA ARG F 102 1.55 -15.81 -31.12
C ARG F 102 1.67 -16.48 -29.75
N SER F 103 1.70 -15.66 -28.70
CA SER F 103 1.65 -16.17 -27.34
C SER F 103 0.25 -16.71 -27.08
N TYR F 104 0.14 -18.03 -26.98
CA TYR F 104 -1.18 -18.64 -26.79
C TYR F 104 -1.77 -18.25 -25.43
N TYR F 105 -0.94 -17.75 -24.53
CA TYR F 105 -1.40 -17.23 -23.24
C TYR F 105 -1.10 -15.74 -23.18
N TYR F 106 -2.00 -14.99 -22.52
CA TYR F 106 -1.90 -13.56 -22.26
C TYR F 106 -2.07 -12.71 -23.51
N ASP F 107 -2.27 -13.31 -24.69
CA ASP F 107 -2.32 -12.54 -25.93
C ASP F 107 -3.47 -13.01 -26.80
N SER F 108 -3.95 -12.11 -27.65
CA SER F 108 -5.01 -12.41 -28.60
C SER F 108 -4.41 -12.64 -29.99
N GLY F 109 -5.28 -12.90 -30.96
CA GLY F 109 -4.84 -13.19 -32.31
C GLY F 109 -4.30 -12.01 -33.08
N ASP F 110 -4.69 -10.79 -32.70
CA ASP F 110 -4.24 -9.61 -33.44
C ASP F 110 -2.74 -9.39 -33.30
N TYR F 111 -2.20 -9.58 -32.09
CA TYR F 111 -0.79 -9.33 -31.82
C TYR F 111 0.00 -10.58 -32.18
N CYS F 112 0.82 -10.49 -33.22
CA CYS F 112 1.65 -11.60 -33.67
C CYS F 112 2.89 -11.06 -34.35
N ALA F 113 3.91 -11.92 -34.44
CA ALA F 113 5.17 -11.59 -35.10
C ALA F 113 5.42 -12.60 -36.20
N PHE F 114 5.90 -12.11 -37.35
CA PHE F 114 6.11 -12.99 -38.51
C PHE F 114 7.17 -14.04 -38.19
N ASP F 115 6.85 -15.30 -38.50
CA ASP F 115 7.77 -16.40 -38.26
C ASP F 115 8.28 -17.05 -39.54
N ILE F 116 7.47 -17.07 -40.60
CA ILE F 116 7.87 -17.61 -41.89
C ILE F 116 7.64 -16.55 -42.95
N TRP F 117 8.59 -16.42 -43.86
CA TRP F 117 8.59 -15.40 -44.91
C TRP F 117 8.66 -16.08 -46.27
N GLY F 118 8.67 -15.26 -47.32
CA GLY F 118 8.76 -15.73 -48.68
C GLY F 118 10.18 -15.69 -49.21
N GLN F 119 10.29 -15.56 -50.54
CA GLN F 119 11.59 -15.48 -51.19
C GLN F 119 11.99 -14.08 -51.59
N GLY F 120 11.03 -13.24 -51.99
CA GLY F 120 11.32 -11.88 -52.37
C GLY F 120 11.27 -11.63 -53.86
N THR F 121 10.46 -10.67 -54.29
CA THR F 121 10.34 -10.28 -55.69
C THR F 121 10.87 -8.88 -55.88
N VAL F 122 11.79 -8.72 -56.83
CA VAL F 122 12.43 -7.43 -57.11
C VAL F 122 11.80 -6.85 -58.36
N VAL F 123 11.36 -5.59 -58.27
CA VAL F 123 10.74 -4.90 -59.39
C VAL F 123 11.57 -3.67 -59.75
N THR F 124 11.70 -3.44 -61.05
CA THR F 124 12.47 -2.31 -61.57
C THR F 124 11.60 -1.51 -62.53
N VAL F 125 11.67 -0.19 -62.41
CA VAL F 125 10.89 0.69 -63.27
C VAL F 125 11.65 1.00 -64.55
N GLN G 1 32.84 40.97 5.08
CA GLN G 1 33.55 41.72 4.04
C GLN G 1 32.67 41.91 2.81
N VAL G 2 31.74 40.98 2.60
CA VAL G 2 30.83 41.08 1.47
C VAL G 2 29.91 42.28 1.64
N GLN G 3 29.73 43.04 0.57
CA GLN G 3 28.90 44.23 0.62
C GLN G 3 28.47 44.62 -0.79
N LEU G 4 27.25 45.13 -0.90
CA LEU G 4 26.73 45.65 -2.15
C LEU G 4 26.49 47.16 -2.01
N VAL G 5 27.04 47.93 -2.93
CA VAL G 5 26.98 49.38 -2.89
C VAL G 5 26.22 49.87 -4.11
N GLN G 6 25.29 50.78 -3.90
CA GLN G 6 24.50 51.38 -4.97
C GLN G 6 24.81 52.86 -5.09
N SER G 7 24.48 53.42 -6.25
CA SER G 7 24.70 54.83 -6.50
C SER G 7 23.71 55.67 -5.68
N GLY G 8 24.02 56.96 -5.57
CA GLY G 8 23.19 57.88 -4.83
C GLY G 8 21.90 58.22 -5.55
N ALA G 9 21.04 58.96 -4.85
CA ALA G 9 19.77 59.37 -5.42
C ALA G 9 19.99 60.30 -6.60
N GLU G 10 19.25 60.05 -7.69
CA GLU G 10 19.36 60.84 -8.91
C GLU G 10 17.97 61.14 -9.44
N VAL G 11 17.84 62.30 -10.09
CA VAL G 11 16.58 62.75 -10.66
C VAL G 11 16.78 62.98 -12.15
N ARG G 12 15.84 62.47 -12.95
CA ARG G 12 15.90 62.60 -14.41
C ARG G 12 14.54 63.05 -14.93
N LYS G 13 14.58 63.78 -16.04
CA LYS G 13 13.36 64.20 -16.70
C LYS G 13 12.66 63.00 -17.33
N PRO G 14 11.34 63.07 -17.51
CA PRO G 14 10.62 61.96 -18.16
C PRO G 14 11.14 61.73 -19.58
N GLY G 15 11.19 60.45 -19.96
CA GLY G 15 11.73 60.08 -21.26
C GLY G 15 13.23 60.23 -21.34
N ALA G 16 13.95 59.67 -20.37
CA ALA G 16 15.40 59.75 -20.31
C ALA G 16 15.95 58.47 -19.72
N SER G 17 17.24 58.24 -19.95
CA SER G 17 17.92 57.04 -19.48
C SER G 17 18.51 57.26 -18.10
N VAL G 18 18.33 56.28 -17.22
CA VAL G 18 18.85 56.30 -15.87
C VAL G 18 19.85 55.16 -15.73
N LYS G 19 21.07 55.48 -15.30
CA LYS G 19 22.14 54.49 -15.17
C LYS G 19 22.40 54.25 -13.69
N VAL G 20 21.96 53.10 -13.20
CA VAL G 20 22.21 52.72 -11.81
C VAL G 20 23.35 51.71 -11.76
N SER G 21 24.34 51.99 -10.91
CA SER G 21 25.52 51.16 -10.78
C SER G 21 25.47 50.39 -9.47
N CYS G 22 25.69 49.07 -9.55
CA CYS G 22 25.73 48.21 -8.38
C CYS G 22 27.11 47.55 -8.31
N LYS G 23 27.76 47.67 -7.16
CA LYS G 23 29.11 47.14 -6.95
C LYS G 23 29.08 46.09 -5.85
N ALA G 24 29.86 45.04 -6.05
CA ALA G 24 29.95 43.93 -5.10
C ALA G 24 31.38 43.80 -4.61
N SER G 25 31.54 43.59 -3.29
CA SER G 25 32.86 43.46 -2.69
C SER G 25 32.84 42.33 -1.67
N GLY G 26 34.03 41.78 -1.40
CA GLY G 26 34.19 40.71 -0.45
C GLY G 26 34.05 39.31 -1.00
N TYR G 27 33.73 39.16 -2.29
CA TYR G 27 33.56 37.85 -2.88
C TYR G 27 33.74 37.98 -4.39
N THR G 28 33.90 36.83 -5.05
CA THR G 28 34.12 36.80 -6.49
C THR G 28 32.86 37.27 -7.21
N PHE G 29 33.03 38.23 -8.13
CA PHE G 29 31.88 38.80 -8.83
C PHE G 29 31.16 37.75 -9.67
N THR G 30 31.91 36.92 -10.38
CA THR G 30 31.30 35.88 -11.19
C THR G 30 30.91 34.68 -10.33
N GLY G 31 29.89 33.96 -10.76
CA GLY G 31 29.43 32.77 -10.06
C GLY G 31 28.23 32.96 -9.16
N TYR G 32 27.59 34.14 -9.17
CA TYR G 32 26.42 34.37 -8.34
C TYR G 32 25.48 35.32 -9.08
N TYR G 33 24.23 34.89 -9.25
CA TYR G 33 23.25 35.71 -9.96
C TYR G 33 22.95 36.98 -9.17
N ILE G 34 22.72 38.07 -9.90
CA ILE G 34 22.38 39.36 -9.32
C ILE G 34 21.02 39.77 -9.86
N HIS G 35 20.09 40.09 -8.95
CA HIS G 35 18.74 40.45 -9.31
C HIS G 35 18.45 41.88 -8.89
N TRP G 36 17.43 42.46 -9.52
CA TRP G 36 16.99 43.82 -9.24
C TRP G 36 15.52 43.83 -8.87
N VAL G 37 15.17 44.61 -7.85
CA VAL G 37 13.79 44.73 -7.40
C VAL G 37 13.43 46.20 -7.31
N ARG G 38 12.14 46.49 -7.45
CA ARG G 38 11.60 47.84 -7.39
C ARG G 38 10.55 47.91 -6.29
N GLN G 39 10.69 48.90 -5.42
CA GLN G 39 9.72 49.16 -4.35
C GLN G 39 9.08 50.52 -4.62
N ALA G 40 7.79 50.50 -4.94
CA ALA G 40 7.06 51.74 -5.18
C ALA G 40 6.55 52.32 -3.87
N PRO G 41 6.39 53.65 -3.80
CA PRO G 41 5.84 54.27 -2.58
C PRO G 41 4.39 53.85 -2.36
N GLY G 42 4.14 53.14 -1.27
CA GLY G 42 2.81 52.66 -0.95
C GLY G 42 2.43 51.36 -1.62
N GLN G 43 3.33 50.73 -2.37
CA GLN G 43 3.06 49.49 -3.06
C GLN G 43 4.07 48.43 -2.61
N GLY G 44 4.01 47.26 -3.25
CA GLY G 44 4.87 46.14 -2.93
C GLY G 44 6.15 46.14 -3.73
N LEU G 45 6.81 44.99 -3.74
CA LEU G 45 8.07 44.80 -4.45
C LEU G 45 7.84 44.03 -5.74
N GLU G 46 8.49 44.47 -6.81
CA GLU G 46 8.38 43.83 -8.12
C GLU G 46 9.77 43.46 -8.61
N TRP G 47 9.92 42.21 -9.05
CA TRP G 47 11.22 41.73 -9.53
C TRP G 47 11.42 42.16 -10.98
N MET G 48 12.35 43.08 -11.20
CA MET G 48 12.57 43.61 -12.54
C MET G 48 13.18 42.56 -13.46
N GLY G 49 14.21 41.86 -12.98
CA GLY G 49 14.88 40.85 -13.79
C GLY G 49 16.19 40.44 -13.15
N TRP G 50 17.01 39.75 -13.93
CA TRP G 50 18.30 39.28 -13.45
C TRP G 50 19.30 39.25 -14.60
N ILE G 51 20.58 39.28 -14.22
CA ILE G 51 21.70 39.22 -15.15
C ILE G 51 22.74 38.26 -14.60
N ASN G 52 23.35 37.48 -15.48
CA ASN G 52 24.40 36.54 -15.08
C ASN G 52 25.76 37.19 -15.26
N PRO G 53 26.50 37.46 -14.18
CA PRO G 53 27.82 38.09 -14.35
C PRO G 53 28.85 37.20 -15.02
N ASN G 54 28.62 35.88 -15.06
CA ASN G 54 29.60 34.98 -15.66
C ASN G 54 29.55 35.07 -17.19
N SER G 55 28.39 34.82 -17.77
CA SER G 55 28.21 34.84 -19.22
C SER G 55 27.71 36.18 -19.73
N GLY G 56 26.61 36.69 -19.17
CA GLY G 56 26.04 37.94 -19.60
C GLY G 56 24.57 37.86 -19.92
N GLY G 57 23.99 36.68 -19.71
CA GLY G 57 22.58 36.48 -19.96
C GLY G 57 21.68 37.35 -19.12
N THR G 58 20.75 38.05 -19.76
CA THR G 58 19.81 38.95 -19.08
C THR G 58 18.39 38.45 -19.33
N ASN G 59 17.61 38.38 -18.26
CA ASN G 59 16.21 37.99 -18.35
C ASN G 59 15.36 39.00 -17.59
N TYR G 60 14.40 39.61 -18.28
CA TYR G 60 13.54 40.64 -17.71
C TYR G 60 12.10 40.14 -17.67
N ALA G 61 11.28 40.83 -16.89
CA ALA G 61 9.85 40.56 -16.85
C ALA G 61 9.16 41.15 -18.06
N GLN G 62 7.93 40.73 -18.30
CA GLN G 62 7.17 41.23 -19.44
C GLN G 62 6.89 42.72 -19.30
N LYS G 63 6.54 43.17 -18.09
CA LYS G 63 6.27 44.58 -17.88
C LYS G 63 7.50 45.43 -18.11
N PHE G 64 8.66 44.97 -17.65
CA PHE G 64 9.90 45.72 -17.75
C PHE G 64 10.71 45.36 -19.00
N GLN G 65 10.17 44.53 -19.88
CA GLN G 65 10.89 44.15 -21.09
C GLN G 65 11.10 45.36 -21.99
N GLY G 66 12.32 45.48 -22.49
CA GLY G 66 12.67 46.58 -23.40
C GLY G 66 13.12 47.86 -22.72
N TRP G 67 12.46 48.23 -21.62
CA TRP G 67 12.81 49.46 -20.92
C TRP G 67 14.09 49.32 -20.12
N VAL G 68 14.50 48.09 -19.84
CA VAL G 68 15.64 47.81 -18.97
C VAL G 68 16.73 47.12 -19.77
N ILE G 69 17.95 47.63 -19.69
CA ILE G 69 19.13 47.02 -20.30
C ILE G 69 20.14 46.78 -19.19
N MET G 70 20.57 45.53 -19.03
CA MET G 70 21.53 45.19 -17.98
C MET G 70 22.87 44.82 -18.61
N THR G 71 23.94 45.50 -18.15
CA THR G 71 25.28 45.24 -18.63
C THR G 71 26.18 44.93 -17.43
N ARG G 72 27.27 44.22 -17.70
CA ARG G 72 28.19 43.80 -16.66
C ARG G 72 29.61 44.22 -17.01
N ASP G 73 30.42 44.43 -15.97
CA ASP G 73 31.84 44.75 -16.10
C ASP G 73 32.58 43.96 -15.03
N THR G 74 33.16 42.81 -15.42
CA THR G 74 33.83 41.95 -14.46
C THR G 74 35.19 42.50 -14.08
N SER G 75 35.74 43.40 -14.89
CA SER G 75 37.04 44.00 -14.57
C SER G 75 36.99 44.79 -13.27
N ILE G 76 35.92 45.56 -13.08
CA ILE G 76 35.72 46.34 -11.88
C ILE G 76 34.50 45.84 -11.10
N SER G 77 33.86 44.78 -11.58
CA SER G 77 32.74 44.14 -10.90
C SER G 77 31.58 45.11 -10.67
N THR G 78 31.01 45.60 -11.77
CA THR G 78 29.89 46.52 -11.72
C THR G 78 28.75 45.98 -12.58
N ALA G 79 27.52 46.13 -12.09
CA ALA G 79 26.31 45.72 -12.80
C ALA G 79 25.51 46.98 -13.10
N TYR G 80 25.60 47.45 -14.35
CA TYR G 80 24.92 48.68 -14.75
C TYR G 80 23.51 48.34 -15.25
N MET G 81 22.51 49.03 -14.69
CA MET G 81 21.14 48.94 -15.16
C MET G 81 20.74 50.25 -15.80
N GLU G 82 20.31 50.19 -17.06
CA GLU G 82 19.96 51.37 -17.83
C GLU G 82 18.47 51.35 -18.11
N LEU G 83 17.78 52.40 -17.67
CA LEU G 83 16.36 52.58 -17.93
C LEU G 83 16.16 53.60 -19.04
N SER G 84 15.21 53.32 -19.93
CA SER G 84 14.93 54.20 -21.06
C SER G 84 13.45 54.55 -21.05
N ARG G 85 13.15 55.73 -21.59
CA ARG G 85 11.78 56.25 -21.68
C ARG G 85 11.14 56.32 -20.29
N LEU G 86 11.74 57.18 -19.46
CA LEU G 86 11.30 57.35 -18.08
C LEU G 86 9.84 57.78 -18.04
N THR G 87 9.02 57.00 -17.33
CA THR G 87 7.60 57.27 -17.17
C THR G 87 7.33 57.82 -15.77
N SER G 88 6.27 58.61 -15.65
CA SER G 88 5.92 59.19 -14.36
C SER G 88 5.61 58.13 -13.30
N ASP G 89 5.26 56.91 -13.72
CA ASP G 89 5.00 55.83 -12.78
C ASP G 89 6.26 55.08 -12.38
N ASP G 90 7.42 55.45 -12.92
CA ASP G 90 8.67 54.76 -12.61
C ASP G 90 9.30 55.23 -11.30
N THR G 91 8.72 56.25 -10.66
CA THR G 91 9.26 56.75 -9.39
C THR G 91 9.16 55.67 -8.32
N ALA G 92 10.29 55.14 -7.89
CA ALA G 92 10.36 54.06 -6.91
C ALA G 92 11.80 53.96 -6.42
N VAL G 93 12.08 52.95 -5.60
CA VAL G 93 13.42 52.68 -5.10
C VAL G 93 13.88 51.35 -5.69
N TYR G 94 15.07 51.36 -6.30
CA TYR G 94 15.61 50.19 -6.98
C TYR G 94 16.72 49.59 -6.12
N TYR G 95 16.60 48.28 -5.85
CA TYR G 95 17.58 47.56 -5.06
C TYR G 95 18.23 46.46 -5.90
N CYS G 96 19.53 46.28 -5.73
CA CYS G 96 20.27 45.19 -6.34
C CYS G 96 20.69 44.22 -5.24
N ALA G 97 20.41 42.94 -5.46
CA ALA G 97 20.67 41.91 -4.46
C ALA G 97 21.33 40.71 -5.11
N ARG G 98 22.01 39.91 -4.28
CA ARG G 98 22.64 38.68 -4.74
C ARG G 98 21.83 37.48 -4.29
N CYS G 99 21.52 36.58 -5.23
CA CYS G 99 20.74 35.39 -4.92
C CYS G 99 21.64 34.32 -4.32
N GLY G 100 21.38 33.98 -3.06
CA GLY G 100 22.17 32.98 -2.37
C GLY G 100 21.32 32.07 -1.51
N ALA G 101 21.84 31.70 -0.33
CA ALA G 101 21.12 30.86 0.63
C ALA G 101 20.63 29.56 -0.02
N ARG G 102 21.37 29.08 -1.01
CA ARG G 102 20.97 27.89 -1.74
C ARG G 102 21.17 26.64 -0.89
N SER G 103 20.17 25.78 -0.87
CA SER G 103 20.29 24.48 -0.21
C SER G 103 21.26 23.62 -1.02
N TYR G 104 22.46 23.41 -0.49
CA TYR G 104 23.46 22.65 -1.21
C TYR G 104 23.03 21.21 -1.43
N TYR G 105 22.05 20.74 -0.66
CA TYR G 105 21.45 19.43 -0.85
C TYR G 105 20.00 19.59 -1.28
N TYR G 106 19.54 18.68 -2.14
CA TYR G 106 18.17 18.59 -2.64
C TYR G 106 17.79 19.71 -3.59
N ASP G 107 18.68 20.66 -3.87
CA ASP G 107 18.34 21.82 -4.67
C ASP G 107 19.42 22.10 -5.70
N SER G 108 19.02 22.74 -6.79
CA SER G 108 19.94 23.15 -7.84
C SER G 108 20.25 24.64 -7.71
N GLY G 109 21.07 25.15 -8.65
CA GLY G 109 21.49 26.53 -8.59
C GLY G 109 20.41 27.54 -8.96
N ASP G 110 19.38 27.12 -9.69
CA ASP G 110 18.35 28.05 -10.12
C ASP G 110 17.52 28.55 -8.94
N TYR G 111 17.18 27.66 -8.01
CA TYR G 111 16.33 28.02 -6.88
C TYR G 111 17.20 28.58 -5.77
N CYS G 112 17.04 29.87 -5.48
CA CYS G 112 17.80 30.54 -4.44
C CYS G 112 16.99 31.69 -3.89
N ALA G 113 17.37 32.14 -2.69
CA ALA G 113 16.74 33.28 -2.03
C ALA G 113 17.80 34.32 -1.72
N PHE G 114 17.47 35.58 -1.94
CA PHE G 114 18.42 36.66 -1.74
C PHE G 114 18.86 36.74 -0.29
N ASP G 115 20.17 36.81 -0.06
CA ASP G 115 20.72 36.90 1.28
C ASP G 115 21.41 38.23 1.56
N ILE G 116 22.01 38.85 0.56
CA ILE G 116 22.65 40.16 0.71
C ILE G 116 22.06 41.10 -0.33
N TRP G 117 21.78 42.33 0.09
CA TRP G 117 21.14 43.35 -0.73
C TRP G 117 22.05 44.57 -0.82
N GLY G 118 21.57 45.58 -1.54
CA GLY G 118 22.28 46.83 -1.71
C GLY G 118 21.82 47.90 -0.74
N GLN G 119 21.97 49.16 -1.15
CA GLN G 119 21.55 50.29 -0.34
C GLN G 119 20.24 50.91 -0.81
N GLY G 120 20.00 50.95 -2.11
CA GLY G 120 18.75 51.50 -2.63
C GLY G 120 18.93 52.86 -3.27
N THR G 121 18.49 52.98 -4.52
CA THR G 121 18.55 54.24 -5.27
C THR G 121 17.13 54.72 -5.53
N VAL G 122 16.86 55.97 -5.17
CA VAL G 122 15.54 56.58 -5.33
C VAL G 122 15.58 57.49 -6.54
N VAL G 123 14.63 57.31 -7.45
CA VAL G 123 14.53 58.12 -8.66
C VAL G 123 13.20 58.87 -8.65
N THR G 124 13.27 60.13 -9.07
CA THR G 124 12.09 60.99 -9.13
C THR G 124 11.95 61.56 -10.54
N VAL G 125 10.73 61.57 -11.05
CA VAL G 125 10.46 62.08 -12.39
C VAL G 125 10.21 63.58 -12.34
N ILE H 2 0.57 33.71 -10.14
CA ILE H 2 0.52 33.39 -8.72
C ILE H 2 0.38 34.68 -7.90
N ARG H 3 -0.45 34.63 -6.87
CA ARG H 3 -0.70 35.77 -6.00
C ARG H 3 -0.36 35.40 -4.56
N MET H 4 0.33 36.30 -3.87
CA MET H 4 0.73 36.12 -2.48
C MET H 4 -0.06 37.08 -1.61
N THR H 5 -0.63 36.58 -0.52
CA THR H 5 -1.38 37.41 0.42
C THR H 5 -0.94 37.08 1.84
N GLN H 6 -0.73 38.13 2.64
CA GLN H 6 -0.29 38.02 4.02
C GLN H 6 -1.41 38.39 4.96
N SER H 7 -1.23 38.03 6.24
CA SER H 7 -2.22 38.32 7.26
C SER H 7 -1.55 38.35 8.62
N PRO H 8 -1.93 39.28 9.51
CA PRO H 8 -2.89 40.36 9.31
C PRO H 8 -2.23 41.59 8.68
N SER H 9 -2.88 42.75 8.74
CA SER H 9 -2.28 43.97 8.23
C SER H 9 -1.38 44.66 9.25
N THR H 10 -1.73 44.59 10.53
CA THR H 10 -0.92 45.18 11.58
C THR H 10 -1.12 44.40 12.87
N LEU H 11 -0.17 44.54 13.78
CA LEU H 11 -0.22 43.87 15.07
C LEU H 11 0.15 44.85 16.18
N SER H 12 -0.45 44.63 17.36
CA SER H 12 -0.15 45.38 18.56
C SER H 12 0.28 44.37 19.62
N VAL H 13 1.58 44.08 19.66
CA VAL H 13 2.14 43.06 20.54
C VAL H 13 3.08 43.74 21.52
N SER H 14 2.89 43.44 22.81
CA SER H 14 3.77 43.99 23.83
C SER H 14 5.17 43.36 23.71
N PRO H 15 6.21 44.06 24.17
CA PRO H 15 7.56 43.50 24.11
C PRO H 15 7.66 42.21 24.92
N GLY H 16 8.50 41.30 24.44
CA GLY H 16 8.67 40.01 25.09
C GLY H 16 7.45 39.12 25.01
N GLU H 17 6.77 39.08 23.87
CA GLU H 17 5.59 38.26 23.67
C GLU H 17 5.66 37.58 22.31
N ARG H 18 5.27 36.31 22.27
CA ARG H 18 5.27 35.56 21.02
C ARG H 18 4.23 36.13 20.06
N ALA H 19 4.58 36.19 18.78
CA ALA H 19 3.68 36.67 17.74
C ALA H 19 3.83 35.81 16.51
N THR H 20 2.80 35.80 15.67
CA THR H 20 2.79 35.00 14.46
C THR H 20 2.18 35.79 13.31
N LEU H 21 2.62 35.45 12.09
CA LEU H 21 2.12 36.07 10.87
C LEU H 21 1.92 34.98 9.83
N SER H 22 0.77 35.00 9.15
CA SER H 22 0.44 33.98 8.18
C SER H 22 0.62 34.52 6.77
N CYS H 23 0.98 33.61 5.84
CA CYS H 23 1.14 33.94 4.44
C CYS H 23 0.59 32.81 3.61
N ARG H 24 0.04 33.14 2.44
CA ARG H 24 -0.57 32.13 1.60
C ARG H 24 -0.46 32.53 0.13
N ALA H 25 -0.62 31.53 -0.73
CA ALA H 25 -0.50 31.70 -2.18
C ALA H 25 -1.72 31.12 -2.86
N SER H 26 -1.95 31.57 -4.09
CA SER H 26 -3.10 31.09 -4.86
C SER H 26 -2.98 29.60 -5.16
N GLN H 27 -1.80 29.14 -5.53
CA GLN H 27 -1.54 27.75 -5.87
C GLN H 27 -0.43 27.19 -4.98
N SER H 28 -0.09 25.93 -5.21
CA SER H 28 0.94 25.27 -4.42
C SER H 28 2.31 25.91 -4.69
N VAL H 29 3.08 26.11 -3.62
CA VAL H 29 4.40 26.72 -3.71
C VAL H 29 5.50 25.80 -3.23
N SER H 30 5.15 24.69 -2.55
CA SER H 30 6.12 23.73 -2.00
C SER H 30 6.94 24.47 -0.95
N SER H 31 8.27 24.36 -0.96
CA SER H 31 9.12 25.00 0.03
C SER H 31 9.84 26.22 -0.53
N TYR H 32 9.42 26.72 -1.70
CA TYR H 32 10.06 27.86 -2.34
C TYR H 32 9.42 29.16 -1.84
N LEU H 33 9.59 29.41 -0.55
CA LEU H 33 9.07 30.62 0.08
C LEU H 33 10.09 31.13 1.09
N ALA H 34 10.28 32.45 1.12
CA ALA H 34 11.22 33.08 2.04
C ALA H 34 10.55 34.29 2.69
N TRP H 35 11.01 34.60 3.90
CA TRP H 35 10.52 35.73 4.67
C TRP H 35 11.59 36.81 4.72
N TYR H 36 11.21 38.04 4.42
CA TYR H 36 12.14 39.17 4.39
C TYR H 36 11.65 40.26 5.32
N GLN H 37 12.59 40.85 6.07
CA GLN H 37 12.31 41.94 7.00
C GLN H 37 12.91 43.22 6.43
N HIS H 38 12.04 44.19 6.14
CA HIS H 38 12.46 45.46 5.55
C HIS H 38 12.16 46.59 6.53
N LYS H 39 13.21 47.24 7.02
CA LYS H 39 13.07 48.40 7.88
C LYS H 39 12.80 49.64 7.04
N PRO H 40 12.14 50.66 7.62
CA PRO H 40 11.89 51.89 6.86
C PRO H 40 13.15 52.56 6.34
N GLY H 41 14.25 52.51 7.12
CA GLY H 41 15.51 53.10 6.72
C GLY H 41 16.59 52.14 6.31
N GLN H 42 16.29 50.85 6.17
CA GLN H 42 17.30 49.86 5.83
C GLN H 42 16.78 48.94 4.75
N ALA H 43 17.72 48.36 4.00
CA ALA H 43 17.36 47.42 2.94
C ALA H 43 16.81 46.13 3.54
N PRO H 44 15.93 45.43 2.83
CA PRO H 44 15.39 44.16 3.33
C PRO H 44 16.49 43.14 3.55
N ARG H 45 16.31 42.32 4.58
CA ARG H 45 17.26 41.28 4.93
C ARG H 45 16.55 39.94 5.01
N LEU H 46 17.28 38.86 4.73
CA LEU H 46 16.72 37.53 4.75
C LEU H 46 16.70 36.98 6.17
N LEU H 47 15.55 36.49 6.60
CA LEU H 47 15.39 35.88 7.92
C LEU H 47 15.25 34.37 7.84
N VAL H 48 14.28 33.87 7.08
CA VAL H 48 14.04 32.44 6.92
C VAL H 48 13.89 32.14 5.45
N TYR H 49 14.74 31.23 4.94
CA TYR H 49 14.65 30.77 3.56
C TYR H 49 14.27 29.30 3.54
N GLY H 50 13.39 28.94 2.62
CA GLY H 50 12.87 27.59 2.59
C GLY H 50 11.68 27.43 3.53
N ALA H 51 11.36 26.16 3.82
CA ALA H 51 10.21 25.87 4.67
C ALA H 51 10.42 26.39 6.09
N SER H 52 11.54 26.03 6.71
CA SER H 52 11.81 26.45 8.07
C SER H 52 13.27 26.80 8.35
N THR H 53 14.14 26.78 7.35
CA THR H 53 15.56 27.02 7.58
C THR H 53 15.83 28.51 7.74
N ARG H 54 16.59 28.86 8.77
CA ARG H 54 16.92 30.25 9.04
C ARG H 54 18.25 30.61 8.39
N ALA H 55 18.40 31.88 8.04
CA ALA H 55 19.61 32.37 7.41
C ALA H 55 20.73 32.54 8.45
N THR H 56 21.95 32.71 7.94
CA THR H 56 23.10 32.90 8.81
C THR H 56 23.01 34.24 9.53
N GLY H 57 23.41 34.24 10.81
CA GLY H 57 23.33 35.42 11.63
C GLY H 57 21.95 35.75 12.16
N ILE H 58 20.96 34.91 11.90
CA ILE H 58 19.59 35.12 12.36
C ILE H 58 19.42 34.46 13.73
N PRO H 59 18.98 35.19 14.75
CA PRO H 59 18.78 34.58 16.06
C PRO H 59 17.68 33.52 16.03
N ALA H 60 17.78 32.60 17.00
CA ALA H 60 16.85 31.49 17.08
C ALA H 60 15.42 31.90 17.43
N ARG H 61 15.20 33.15 17.82
CA ARG H 61 13.86 33.61 18.14
C ARG H 61 12.93 33.52 16.95
N PHE H 62 13.40 33.91 15.77
CA PHE H 62 12.61 33.77 14.55
C PHE H 62 12.49 32.29 14.17
N SER H 63 11.30 31.90 13.72
CA SER H 63 11.09 30.54 13.27
C SER H 63 10.00 30.53 12.21
N GLY H 64 10.00 29.47 11.40
CA GLY H 64 9.01 29.33 10.35
C GLY H 64 8.41 27.94 10.34
N SER H 65 7.19 27.86 9.80
CA SER H 65 6.47 26.60 9.73
C SER H 65 5.47 26.69 8.59
N GLY H 66 4.80 25.58 8.31
CA GLY H 66 3.82 25.50 7.26
C GLY H 66 4.35 24.83 6.01
N SER H 67 3.44 24.61 5.07
CA SER H 67 3.75 23.89 3.83
C SER H 67 2.61 24.11 2.85
N GLY H 68 2.66 23.37 1.74
CA GLY H 68 1.65 23.46 0.72
C GLY H 68 1.47 24.86 0.17
N THR H 69 0.37 25.51 0.54
CA THR H 69 0.13 26.89 0.15
C THR H 69 0.16 27.87 1.31
N GLU H 70 0.20 27.37 2.55
CA GLU H 70 0.11 28.24 3.73
C GLU H 70 1.35 28.09 4.58
N PHE H 71 1.97 29.23 4.92
CA PHE H 71 3.15 29.26 5.78
C PHE H 71 2.91 30.26 6.91
N THR H 72 3.73 30.15 7.95
CA THR H 72 3.64 31.03 9.10
C THR H 72 5.03 31.33 9.63
N LEU H 73 5.20 32.56 10.10
CA LEU H 73 6.45 33.02 10.71
C LEU H 73 6.15 33.47 12.14
N THR H 74 6.92 32.93 13.09
CA THR H 74 6.69 33.18 14.51
C THR H 74 7.93 33.81 15.13
N ILE H 75 7.71 34.70 16.09
CA ILE H 75 8.75 35.36 16.85
C ILE H 75 8.50 35.12 18.33
N SER H 76 9.54 34.67 19.05
CA SER H 76 9.38 34.36 20.47
C SER H 76 9.16 35.62 21.30
N SER H 77 9.86 36.70 20.98
CA SER H 77 9.74 37.94 21.75
C SER H 77 9.92 39.12 20.81
N LEU H 78 8.93 40.00 20.76
CA LEU H 78 9.02 41.20 19.95
C LEU H 78 9.93 42.21 20.63
N GLN H 79 10.89 42.75 19.89
CA GLN H 79 11.86 43.71 20.41
C GLN H 79 11.87 44.96 19.53
N SER H 80 12.73 45.90 19.89
CA SER H 80 12.86 47.12 19.10
C SER H 80 13.40 46.82 17.70
N GLU H 81 14.35 45.88 17.60
CA GLU H 81 14.91 45.54 16.30
C GLU H 81 13.91 44.82 15.41
N ASP H 82 12.81 44.32 15.97
CA ASP H 82 11.79 43.61 15.21
C ASP H 82 10.63 44.52 14.79
N PHE H 83 10.91 45.80 14.58
CA PHE H 83 9.91 46.77 14.15
C PHE H 83 10.20 47.11 12.69
N ALA H 84 9.57 46.36 11.78
CA ALA H 84 9.78 46.52 10.35
C ALA H 84 8.59 45.89 9.62
N VAL H 85 8.72 45.73 8.31
CA VAL H 85 7.66 45.17 7.47
C VAL H 85 8.10 43.80 6.99
N TYR H 86 7.20 42.83 7.05
CA TYR H 86 7.50 41.45 6.67
C TYR H 86 6.91 41.17 5.29
N TYR H 87 7.74 40.60 4.42
CA TYR H 87 7.34 40.27 3.05
C TYR H 87 7.58 38.80 2.76
N CYS H 88 6.74 38.24 1.90
CA CYS H 88 6.89 36.87 1.42
C CYS H 88 7.43 36.90 0.00
N GLN H 89 8.52 36.17 -0.25
CA GLN H 89 9.14 36.10 -1.56
C GLN H 89 9.09 34.67 -2.06
N GLN H 90 8.61 34.50 -3.29
CA GLN H 90 8.55 33.19 -3.93
C GLN H 90 9.59 33.14 -5.06
N TYR H 91 10.47 32.14 -4.99
CA TYR H 91 11.53 31.98 -5.99
C TYR H 91 11.32 30.75 -6.84
N ASN H 92 10.09 30.25 -6.95
CA ASN H 92 9.80 29.12 -7.82
C ASN H 92 10.05 29.51 -9.27
N ASN H 93 10.74 28.63 -10.00
CA ASN H 93 11.09 28.94 -11.38
C ASN H 93 9.85 29.05 -12.26
N TRP H 94 8.85 28.20 -12.03
CA TRP H 94 7.59 28.26 -12.75
C TRP H 94 6.49 28.71 -11.80
N PRO H 95 5.85 29.86 -12.03
CA PRO H 95 6.04 30.80 -13.15
C PRO H 95 7.31 31.64 -13.03
N PRO H 96 7.83 32.11 -14.16
CA PRO H 96 9.07 32.90 -14.15
C PRO H 96 9.00 34.13 -13.26
N PRO H 97 7.88 34.86 -13.21
CA PRO H 97 7.83 36.02 -12.30
C PRO H 97 8.02 35.62 -10.85
N PHE H 98 8.73 36.47 -10.10
CA PHE H 98 8.97 36.25 -8.67
C PHE H 98 8.08 37.22 -7.89
N THR H 99 6.85 36.78 -7.64
CA THR H 99 5.89 37.62 -6.94
C THR H 99 6.29 37.80 -5.48
N PHE H 100 6.12 39.01 -4.97
CA PHE H 100 6.44 39.35 -3.59
C PHE H 100 5.16 39.41 -2.76
N GLY H 101 5.32 39.62 -1.46
CA GLY H 101 4.20 39.71 -0.55
C GLY H 101 3.71 41.14 -0.40
N PRO H 102 2.42 41.30 -0.08
CA PRO H 102 1.89 42.66 0.12
C PRO H 102 2.57 43.42 1.23
N GLY H 103 2.99 42.74 2.29
CA GLY H 103 3.63 43.39 3.40
C GLY H 103 2.75 43.38 4.64
N THR H 104 3.39 43.33 5.80
CA THR H 104 2.70 43.31 7.08
C THR H 104 3.49 44.13 8.09
N LYS H 105 2.80 45.05 8.76
CA LYS H 105 3.42 45.90 9.76
C LYS H 105 3.26 45.29 11.16
N VAL H 106 4.20 45.60 12.04
CA VAL H 106 4.17 45.12 13.41
C VAL H 106 4.44 46.30 14.35
N ASP H 107 4.03 46.13 15.60
CA ASP H 107 4.21 47.17 16.61
C ASP H 107 4.24 46.56 18.01
N GLN I 1 -50.63 11.58 9.63
CA GLN I 1 -51.32 12.86 9.53
C GLN I 1 -50.83 13.64 8.32
N VAL I 2 -49.59 13.38 7.91
CA VAL I 2 -49.02 14.05 6.74
C VAL I 2 -49.77 13.60 5.48
N GLN I 3 -50.10 14.56 4.63
CA GLN I 3 -50.82 14.25 3.40
C GLN I 3 -50.66 15.41 2.42
N LEU I 4 -50.58 15.06 1.14
CA LEU I 4 -50.52 16.03 0.05
C LEU I 4 -51.79 15.91 -0.78
N VAL I 5 -52.46 17.04 -0.98
CA VAL I 5 -53.74 17.09 -1.69
C VAL I 5 -53.57 17.92 -2.94
N GLN I 6 -54.02 17.40 -4.08
CA GLN I 6 -53.97 18.09 -5.35
C GLN I 6 -55.38 18.43 -5.83
N SER I 7 -55.44 19.38 -6.76
CA SER I 7 -56.72 19.79 -7.32
C SER I 7 -57.26 18.69 -8.24
N GLY I 8 -58.55 18.81 -8.56
CA GLY I 8 -59.20 17.83 -9.41
C GLY I 8 -58.81 18.00 -10.87
N ALA I 9 -59.29 17.05 -11.68
CA ALA I 9 -59.00 17.08 -13.11
C ALA I 9 -59.63 18.31 -13.76
N GLU I 10 -58.84 18.97 -14.62
CA GLU I 10 -59.28 20.18 -15.30
C GLU I 10 -58.87 20.11 -16.76
N VAL I 11 -59.66 20.74 -17.62
CA VAL I 11 -59.42 20.77 -19.05
C VAL I 11 -59.34 22.23 -19.49
N ARG I 12 -58.32 22.53 -20.29
CA ARG I 12 -58.09 23.89 -20.78
C ARG I 12 -57.81 23.85 -22.28
N LYS I 13 -58.19 24.94 -22.95
CA LYS I 13 -57.93 25.06 -24.38
C LYS I 13 -56.44 25.25 -24.63
N PRO I 14 -55.94 24.90 -25.81
CA PRO I 14 -54.52 25.11 -26.12
C PRO I 14 -54.14 26.58 -26.04
N GLY I 15 -52.91 26.84 -25.62
CA GLY I 15 -52.45 28.20 -25.42
C GLY I 15 -53.11 28.91 -24.26
N ALA I 16 -53.32 28.22 -23.15
CA ALA I 16 -53.94 28.79 -21.96
C ALA I 16 -53.15 28.38 -20.73
N SER I 17 -53.43 29.04 -19.62
CA SER I 17 -52.74 28.80 -18.36
C SER I 17 -53.52 27.81 -17.51
N VAL I 18 -52.80 26.86 -16.93
CA VAL I 18 -53.36 25.84 -16.05
C VAL I 18 -52.79 26.05 -14.67
N LYS I 19 -53.66 26.19 -13.67
CA LYS I 19 -53.26 26.44 -12.28
C LYS I 19 -53.53 25.18 -11.47
N VAL I 20 -52.47 24.57 -10.96
CA VAL I 20 -52.58 23.38 -10.13
C VAL I 20 -52.14 23.74 -8.72
N SER I 21 -53.00 23.42 -7.74
CA SER I 21 -52.75 23.74 -6.34
C SER I 21 -52.39 22.46 -5.59
N CYS I 22 -51.26 22.49 -4.88
CA CYS I 22 -50.82 21.38 -4.05
C CYS I 22 -50.72 21.85 -2.61
N LYS I 23 -51.44 21.18 -1.72
CA LYS I 23 -51.49 21.54 -0.31
C LYS I 23 -50.89 20.42 0.53
N ALA I 24 -50.24 20.81 1.63
CA ALA I 24 -49.58 19.87 2.52
C ALA I 24 -50.16 20.00 3.93
N SER I 25 -50.36 18.86 4.59
CA SER I 25 -50.92 18.84 5.94
C SER I 25 -50.17 17.83 6.78
N GLY I 26 -50.22 18.04 8.10
CA GLY I 26 -49.58 17.15 9.04
C GLY I 26 -48.15 17.50 9.40
N TYR I 27 -47.57 18.52 8.78
CA TYR I 27 -46.20 18.91 9.05
C TYR I 27 -46.00 20.36 8.63
N THR I 28 -44.89 20.93 9.07
CA THR I 28 -44.59 22.33 8.78
C THR I 28 -44.32 22.51 7.29
N PHE I 29 -45.00 23.47 6.67
CA PHE I 29 -44.88 23.68 5.22
C PHE I 29 -43.46 24.07 4.84
N THR I 30 -42.84 24.95 5.61
CA THR I 30 -41.48 25.38 5.33
C THR I 30 -40.48 24.37 5.87
N GLY I 31 -39.33 24.30 5.21
CA GLY I 31 -38.26 23.40 5.62
C GLY I 31 -38.17 22.10 4.85
N TYR I 32 -38.93 21.94 3.77
CA TYR I 32 -38.88 20.72 2.97
C TYR I 32 -39.17 21.07 1.52
N TYR I 33 -38.25 20.69 0.63
CA TYR I 33 -38.41 20.98 -0.79
C TYR I 33 -39.60 20.24 -1.37
N ILE I 34 -40.30 20.89 -2.29
CA ILE I 34 -41.43 20.30 -2.99
C ILE I 34 -41.11 20.27 -4.47
N HIS I 35 -41.25 19.08 -5.08
CA HIS I 35 -40.93 18.88 -6.48
C HIS I 35 -42.18 18.47 -7.24
N TRP I 36 -42.15 18.69 -8.56
CA TRP I 36 -43.24 18.34 -9.44
C TRP I 36 -42.74 17.42 -10.54
N VAL I 37 -43.54 16.40 -10.85
CA VAL I 37 -43.21 15.45 -11.90
C VAL I 37 -44.39 15.32 -12.85
N ARG I 38 -44.09 14.93 -14.08
CA ARG I 38 -45.07 14.75 -15.14
C ARG I 38 -44.99 13.33 -15.67
N GLN I 39 -46.14 12.65 -15.72
CA GLN I 39 -46.24 11.31 -16.28
C GLN I 39 -47.11 11.38 -17.53
N ALA I 40 -46.50 11.14 -18.68
CA ALA I 40 -47.24 11.15 -19.94
C ALA I 40 -47.88 9.78 -20.19
N PRO I 41 -49.00 9.74 -20.91
CA PRO I 41 -49.62 8.44 -21.23
C PRO I 41 -48.73 7.64 -22.15
N GLY I 42 -48.29 6.48 -21.66
CA GLY I 42 -47.39 5.63 -22.42
C GLY I 42 -45.93 5.98 -22.35
N GLN I 43 -45.55 6.99 -21.58
CA GLN I 43 -44.17 7.43 -21.46
C GLN I 43 -43.75 7.36 -19.98
N GLY I 44 -42.53 7.83 -19.72
CA GLY I 44 -41.97 7.82 -18.38
C GLY I 44 -42.29 9.09 -17.60
N LEU I 45 -41.55 9.26 -16.50
CA LEU I 45 -41.72 10.41 -15.63
C LEU I 45 -40.62 11.43 -15.88
N GLU I 46 -41.00 12.70 -15.90
CA GLU I 46 -40.06 13.80 -16.12
C GLU I 46 -40.17 14.79 -14.97
N TRP I 47 -39.03 15.17 -14.41
CA TRP I 47 -38.99 16.09 -13.29
C TRP I 47 -39.07 17.52 -13.79
N MET I 48 -40.20 18.18 -13.55
CA MET I 48 -40.41 19.53 -14.06
C MET I 48 -39.49 20.54 -13.37
N GLY I 49 -39.39 20.45 -12.05
CA GLY I 49 -38.57 21.40 -11.30
C GLY I 49 -38.90 21.32 -9.82
N TRP I 50 -38.46 22.34 -9.10
CA TRP I 50 -38.70 22.40 -7.65
C TRP I 50 -38.79 23.84 -7.19
N ILE I 51 -39.44 24.02 -6.04
CA ILE I 51 -39.61 25.33 -5.41
C ILE I 51 -39.31 25.17 -3.93
N ASN I 52 -38.66 26.18 -3.34
CA ASN I 52 -38.35 26.17 -1.92
C ASN I 52 -39.42 26.94 -1.17
N PRO I 53 -40.23 26.27 -0.34
CA PRO I 53 -41.28 27.00 0.40
C PRO I 53 -40.75 27.98 1.43
N ASN I 54 -39.49 27.84 1.85
CA ASN I 54 -38.94 28.72 2.88
C ASN I 54 -38.62 30.09 2.30
N SER I 55 -37.79 30.13 1.26
CA SER I 55 -37.38 31.38 0.63
C SER I 55 -38.23 31.74 -0.58
N GLY I 56 -38.38 30.81 -1.53
CA GLY I 56 -39.16 31.06 -2.72
C GLY I 56 -38.40 30.75 -4.00
N GLY I 57 -37.18 30.23 -3.86
CA GLY I 57 -36.36 29.88 -5.01
C GLY I 57 -36.98 28.80 -5.87
N THR I 58 -37.05 29.06 -7.18
CA THR I 58 -37.62 28.12 -8.13
C THR I 58 -36.57 27.72 -9.14
N ASN I 59 -36.45 26.42 -9.39
CA ASN I 59 -35.52 25.92 -10.40
C ASN I 59 -36.26 24.95 -11.31
N TYR I 60 -36.24 25.24 -12.61
CA TYR I 60 -36.95 24.45 -13.61
C TYR I 60 -35.95 23.80 -14.57
N ALA I 61 -36.42 22.77 -15.25
CA ALA I 61 -35.61 22.13 -16.28
C ALA I 61 -35.57 23.00 -17.54
N GLN I 62 -34.63 22.68 -18.43
CA GLN I 62 -34.49 23.44 -19.66
C GLN I 62 -35.73 23.31 -20.55
N LYS I 63 -36.29 22.10 -20.63
CA LYS I 63 -37.48 21.89 -21.45
C LYS I 63 -38.66 22.67 -20.92
N PHE I 64 -38.83 22.69 -19.60
CA PHE I 64 -39.97 23.36 -18.96
C PHE I 64 -39.67 24.79 -18.55
N GLN I 65 -38.49 25.30 -18.90
CA GLN I 65 -38.13 26.67 -18.53
C GLN I 65 -39.05 27.67 -19.20
N GLY I 66 -39.51 28.64 -18.44
CA GLY I 66 -40.40 29.68 -18.95
C GLY I 66 -41.87 29.31 -19.01
N TRP I 67 -42.18 28.08 -19.40
CA TRP I 67 -43.57 27.65 -19.48
C TRP I 67 -44.19 27.47 -18.11
N VAL I 68 -43.38 27.23 -17.08
CA VAL I 68 -43.85 26.88 -15.76
C VAL I 68 -43.43 27.95 -14.77
N ILE I 69 -44.40 28.45 -13.99
CA ILE I 69 -44.13 29.40 -12.93
C ILE I 69 -44.65 28.83 -11.61
N MET I 70 -43.78 28.78 -10.59
CA MET I 70 -44.16 28.22 -9.30
C MET I 70 -44.20 29.31 -8.25
N THR I 71 -45.33 29.41 -7.54
CA THR I 71 -45.51 30.36 -6.46
C THR I 71 -45.87 29.61 -5.18
N ARG I 72 -45.57 30.24 -4.05
CA ARG I 72 -45.81 29.63 -2.74
C ARG I 72 -46.69 30.53 -1.90
N ASP I 73 -47.46 29.91 -0.99
CA ASP I 73 -48.32 30.62 -0.04
C ASP I 73 -48.16 29.90 1.30
N THR I 74 -47.28 30.44 2.15
CA THR I 74 -47.02 29.82 3.44
C THR I 74 -48.16 30.06 4.42
N SER I 75 -48.98 31.08 4.18
CA SER I 75 -50.11 31.36 5.06
C SER I 75 -51.10 30.21 5.07
N ILE I 76 -51.40 29.66 3.90
CA ILE I 76 -52.31 28.53 3.77
C ILE I 76 -51.56 27.26 3.34
N SER I 77 -50.23 27.36 3.19
CA SER I 77 -49.36 26.22 2.89
C SER I 77 -49.77 25.56 1.57
N THR I 78 -49.63 26.32 0.48
CA THR I 78 -49.94 25.83 -0.85
C THR I 78 -48.81 26.16 -1.81
N ALA I 79 -48.66 25.32 -2.84
CA ALA I 79 -47.67 25.52 -3.90
C ALA I 79 -48.44 25.55 -5.22
N TYR I 80 -48.62 26.75 -5.78
CA TYR I 80 -49.37 26.93 -7.01
C TYR I 80 -48.43 26.82 -8.20
N MET I 81 -48.70 25.86 -9.08
CA MET I 81 -47.94 25.75 -10.32
C MET I 81 -48.80 26.23 -11.49
N GLU I 82 -48.23 27.10 -12.31
CA GLU I 82 -48.96 27.72 -13.41
C GLU I 82 -48.25 27.41 -14.71
N LEU I 83 -48.96 26.72 -15.60
CA LEU I 83 -48.46 26.43 -16.94
C LEU I 83 -49.04 27.42 -17.94
N SER I 84 -48.20 27.87 -18.87
CA SER I 84 -48.62 28.86 -19.86
C SER I 84 -48.35 28.31 -21.25
N ARG I 85 -49.15 28.78 -22.21
CA ARG I 85 -49.05 28.36 -23.60
C ARG I 85 -49.22 26.84 -23.73
N LEU I 86 -50.42 26.39 -23.37
CA LEU I 86 -50.74 24.97 -23.36
C LEU I 86 -50.55 24.36 -24.75
N THR I 87 -49.65 23.39 -24.83
CA THR I 87 -49.37 22.68 -26.07
C THR I 87 -50.08 21.33 -26.07
N SER I 88 -50.38 20.83 -27.27
CA SER I 88 -51.09 19.55 -27.39
C SER I 88 -50.30 18.40 -26.79
N ASP I 89 -48.98 18.54 -26.66
CA ASP I 89 -48.15 17.50 -26.04
C ASP I 89 -48.10 17.60 -24.53
N ASP I 90 -48.75 18.59 -23.93
CA ASP I 90 -48.73 18.77 -22.48
C ASP I 90 -49.72 17.87 -21.76
N THR I 91 -50.56 17.12 -22.49
CA THR I 91 -51.51 16.23 -21.87
C THR I 91 -50.80 15.13 -21.09
N ALA I 92 -50.89 15.16 -19.76
CA ALA I 92 -50.20 14.22 -18.89
C ALA I 92 -50.80 14.37 -17.50
N VAL I 93 -50.23 13.66 -16.52
CA VAL I 93 -50.65 13.74 -15.13
C VAL I 93 -49.52 14.37 -14.33
N TYR I 94 -49.84 15.41 -13.57
CA TYR I 94 -48.87 16.17 -12.80
C TYR I 94 -48.98 15.79 -11.33
N TYR I 95 -47.86 15.38 -10.74
CA TYR I 95 -47.79 15.00 -9.33
C TYR I 95 -46.89 15.95 -8.58
N CYS I 96 -47.27 16.27 -7.34
CA CYS I 96 -46.45 17.06 -6.44
C CYS I 96 -46.01 16.17 -5.29
N ALA I 97 -44.71 16.19 -4.99
CA ALA I 97 -44.14 15.32 -3.97
C ALA I 97 -43.20 16.10 -3.08
N ARG I 98 -42.98 15.59 -1.88
CA ARG I 98 -42.05 16.19 -0.92
C ARG I 98 -40.78 15.36 -0.88
N CYS I 99 -39.63 16.04 -1.02
CA CYS I 99 -38.34 15.36 -1.01
C CYS I 99 -37.91 15.11 0.44
N GLY I 100 -37.80 13.84 0.79
CA GLY I 100 -37.42 13.45 2.13
C GLY I 100 -36.50 12.26 2.15
N ALA I 101 -36.69 11.37 3.14
CA ALA I 101 -35.90 10.14 3.27
C ALA I 101 -34.41 10.43 3.26
N ARG I 102 -34.03 11.61 3.75
CA ARG I 102 -32.63 12.01 3.74
C ARG I 102 -31.83 11.24 4.77
N SER I 103 -30.67 10.75 4.35
CA SER I 103 -29.73 10.12 5.28
C SER I 103 -29.17 11.20 6.20
N TYR I 104 -29.60 11.18 7.46
CA TYR I 104 -29.15 12.21 8.40
C TYR I 104 -27.65 12.12 8.65
N TYR I 105 -27.03 11.00 8.30
CA TYR I 105 -25.59 10.84 8.36
C TYR I 105 -25.04 10.65 6.95
N TYR I 106 -23.84 11.17 6.72
CA TYR I 106 -23.08 11.05 5.47
C TYR I 106 -23.68 11.85 4.32
N ASP I 107 -24.81 12.53 4.52
CA ASP I 107 -25.49 13.20 3.42
C ASP I 107 -25.92 14.60 3.85
N SER I 108 -26.06 15.48 2.86
CA SER I 108 -26.53 16.84 3.07
C SER I 108 -27.99 16.95 2.67
N GLY I 109 -28.54 18.16 2.79
CA GLY I 109 -29.95 18.37 2.51
C GLY I 109 -30.32 18.35 1.05
N ASP I 110 -29.35 18.56 0.15
CA ASP I 110 -29.66 18.59 -1.28
C ASP I 110 -30.05 17.22 -1.79
N TYR I 111 -29.36 16.17 -1.36
CA TYR I 111 -29.61 14.81 -1.84
C TYR I 111 -30.73 14.20 -1.02
N CYS I 112 -31.87 13.96 -1.65
CA CYS I 112 -33.03 13.37 -0.99
C CYS I 112 -33.87 12.62 -2.01
N ALA I 113 -34.71 11.72 -1.51
CA ALA I 113 -35.62 10.95 -2.34
C ALA I 113 -37.04 11.16 -1.84
N PHE I 114 -37.97 11.32 -2.79
CA PHE I 114 -39.36 11.61 -2.43
C PHE I 114 -39.95 10.47 -1.62
N ASP I 115 -40.59 10.80 -0.51
CA ASP I 115 -41.24 9.82 0.35
C ASP I 115 -42.75 9.92 0.38
N ILE I 116 -43.29 11.13 0.25
CA ILE I 116 -44.74 11.36 0.21
C ILE I 116 -45.06 12.11 -1.06
N TRP I 117 -46.15 11.71 -1.72
CA TRP I 117 -46.59 12.27 -2.98
C TRP I 117 -48.01 12.81 -2.84
N GLY I 118 -48.54 13.33 -3.94
CA GLY I 118 -49.88 13.86 -4.00
C GLY I 118 -50.88 12.86 -4.55
N GLN I 119 -51.95 13.37 -5.14
CA GLN I 119 -52.98 12.54 -5.74
C GLN I 119 -52.89 12.47 -7.26
N GLY I 120 -52.49 13.55 -7.92
CA GLY I 120 -52.36 13.56 -9.36
C GLY I 120 -53.47 14.31 -10.07
N THR I 121 -53.09 15.28 -10.89
CA THR I 121 -54.03 16.08 -11.68
C THR I 121 -53.82 15.78 -13.16
N VAL I 122 -54.91 15.42 -13.84
CA VAL I 122 -54.87 15.08 -15.26
C VAL I 122 -55.40 16.25 -16.06
N VAL I 123 -54.63 16.67 -17.07
CA VAL I 123 -55.01 17.80 -17.92
C VAL I 123 -55.14 17.30 -19.36
N THR I 124 -56.17 17.81 -20.04
CA THR I 124 -56.44 17.45 -21.42
C THR I 124 -56.55 18.71 -22.26
N VAL I 125 -55.94 18.68 -23.45
CA VAL I 125 -55.96 19.82 -24.35
C VAL I 125 -57.20 19.77 -25.24
C1 NAG J . -11.40 -34.35 44.96
C2 NAG J . -12.77 -35.01 45.00
C3 NAG J . -12.82 -36.04 46.12
C4 NAG J . -11.67 -37.03 45.99
C5 NAG J . -10.34 -36.29 45.85
C6 NAG J . -9.17 -37.20 45.55
C7 NAG J . -14.81 -33.84 44.31
C8 NAG J . -14.80 -34.73 43.09
N2 NAG J . -13.83 -34.02 45.18
O3 NAG J . -14.06 -36.74 46.08
O4 NAG J . -11.64 -37.85 47.16
O5 NAG J . -10.41 -35.34 44.78
O6 NAG J . -9.30 -37.81 44.28
O7 NAG J . -15.70 -33.00 44.47
C1 NAG J . -11.60 -39.29 46.97
C2 NAG J . -12.04 -39.77 45.57
C3 NAG J . -11.82 -41.28 45.42
C4 NAG J . -10.40 -41.66 45.79
C5 NAG J . -10.08 -41.15 47.20
C6 NAG J . -8.64 -41.43 47.61
C7 NAG J . -13.90 -39.18 44.08
C8 NAG J . -15.35 -38.86 43.98
N2 NAG J . -13.43 -39.44 45.30
O3 NAG J . -12.09 -41.67 44.08
O4 NAG J . -10.25 -43.07 45.77
O5 NAG J . -10.25 -39.73 47.23
O6 NAG J . -8.56 -42.58 48.43
O7 NAG J . -13.17 -39.22 43.08
C1 NAG K . 27.78 -12.98 48.70
C2 NAG K . 28.36 -12.00 49.71
C3 NAG K . 28.75 -12.72 50.99
C4 NAG K . 27.57 -13.52 51.54
C5 NAG K . 27.01 -14.44 50.45
C6 NAG K . 25.75 -15.16 50.87
C7 NAG K . 29.50 -9.98 48.90
C8 NAG K . 28.23 -9.25 49.22
N2 NAG K . 29.50 -11.30 49.15
O3 NAG K . 29.21 -11.78 51.96
O4 NAG K . 28.01 -14.27 52.66
O5 NAG K . 26.67 -13.67 49.29
O6 NAG K . 24.79 -14.27 51.43
O7 NAG K . 30.48 -9.41 48.43
C1 NAG K . 27.24 -14.13 53.89
C2 NAG K . 26.61 -12.73 54.06
C3 NAG K . 25.71 -12.69 55.30
C4 NAG K . 24.71 -13.83 55.28
C5 NAG K . 25.43 -15.16 55.12
C6 NAG K . 24.49 -16.34 55.00
C7 NAG K . 27.39 -10.40 53.91
C8 NAG K . 28.56 -9.48 54.05
N2 NAG K . 27.63 -11.69 54.14
O3 NAG K . 25.03 -11.45 55.37
O4 NAG K . 23.97 -13.85 56.49
O5 NAG K . 26.20 -15.14 53.91
O6 NAG K . 24.24 -16.92 56.27
O7 NAG K . 26.27 -9.99 53.60
C1 NAG L . 23.90 -47.94 21.39
C2 NAG L . 25.00 -48.63 20.60
C3 NAG L . 25.65 -49.72 21.44
C4 NAG L . 26.11 -49.16 22.78
C5 NAG L . 24.97 -48.40 23.47
C6 NAG L . 25.41 -47.69 24.73
C7 NAG L . 24.90 -48.79 18.15
C8 NAG L . 25.96 -47.73 18.12
N2 NAG L . 24.48 -49.18 19.36
O3 NAG L . 26.75 -50.28 20.74
O4 NAG L . 26.52 -50.26 23.60
O5 NAG L . 24.44 -47.40 22.59
O6 NAG L . 26.37 -46.68 24.44
O7 NAG L . 24.45 -49.28 17.11
C1 NAG L . 27.83 -50.19 24.23
C2 NAG L . 28.78 -49.14 23.61
C3 NAG L . 30.07 -49.03 24.42
C4 NAG L . 29.76 -48.79 25.90
C5 NAG L . 28.81 -49.87 26.42
C6 NAG L . 28.40 -49.66 27.85
C7 NAG L . 29.35 -48.55 21.29
C8 NAG L . 29.66 -49.06 19.92
N2 NAG L . 29.09 -49.47 22.22
O3 NAG L . 30.87 -47.98 23.92
O4 NAG L . 30.96 -48.81 26.66
O5 NAG L . 27.62 -49.87 25.62
O6 NAG L . 29.12 -50.51 28.72
O7 NAG L . 29.34 -47.35 21.54
C1 NAG M . -16.24 -35.14 25.36
C2 NAG M . -17.08 -36.11 26.19
C3 NAG M . -17.28 -37.42 25.42
C4 NAG M . -17.86 -37.14 24.04
C5 NAG M . -16.98 -36.12 23.31
C6 NAG M . -17.56 -35.70 21.97
C7 NAG M . -16.97 -35.93 28.64
C8 NAG M . -16.21 -36.29 29.87
N2 NAG M . -16.47 -36.37 27.48
O3 NAG M . -18.17 -38.26 26.15
O4 NAG M . -17.91 -38.34 23.28
O5 NAG M . -16.86 -34.93 24.10
O6 NAG M . -17.70 -36.80 21.09
O7 NAG M . -18.01 -35.27 28.68
C1 NAG N . -11.84 -11.17 47.20
C2 NAG N . -10.71 -11.48 48.17
C3 NAG N . -11.24 -11.62 49.58
C4 NAG N . -12.04 -10.39 49.97
C5 NAG N . -13.13 -10.12 48.92
C6 NAG N . -13.88 -8.84 49.18
C7 NAG N . -8.70 -12.70 47.46
C8 NAG N . -8.12 -14.03 47.07
N2 NAG N . -9.99 -12.69 47.77
O3 NAG N . -10.15 -11.78 50.49
O4 NAG N . -12.67 -10.58 51.24
O5 NAG N . -12.53 -9.99 47.62
O6 NAG N . -15.06 -8.75 48.38
O7 NAG N . -8.01 -11.68 47.50
C1 NAG O . -10.87 -45.24 5.02
C2 NAG O . -10.94 -46.67 5.53
C3 NAG O . -11.37 -47.61 4.40
C4 NAG O . -12.67 -47.12 3.78
C5 NAG O . -12.54 -45.67 3.36
C6 NAG O . -13.84 -45.08 2.85
C7 NAG O . -9.51 -47.63 7.29
C8 NAG O . -10.77 -47.80 8.09
N2 NAG O . -9.64 -47.09 6.08
O3 NAG O . -11.54 -48.92 4.92
O4 NAG O . -13.00 -47.92 2.65
O5 NAG O . -12.14 -44.86 4.48
O6 NAG O . -14.85 -45.11 3.85
O7 NAG O . -8.41 -47.98 7.72
C1 NAG P . -19.17 -20.82 38.92
C2 NAG P . -19.23 -20.40 40.39
C3 NAG P . -20.69 -20.37 40.86
C4 NAG P . -21.52 -19.47 39.95
C5 NAG P . -21.36 -19.93 38.49
C6 NAG P . -22.06 -19.01 37.52
C7 NAG P . -17.51 -20.90 42.07
C8 NAG P . -17.29 -19.42 42.15
N2 NAG P . -18.45 -21.31 41.22
O3 NAG P . -20.73 -19.88 42.19
O4 NAG P . -22.89 -19.55 40.31
O5 NAG P . -19.97 -19.93 38.14
O6 NAG P . -21.56 -17.68 37.60
O7 NAG P . -16.87 -21.69 42.76
C1 NAG Q . -1.57 -22.41 58.39
C2 NAG Q . -2.45 -21.27 58.90
C3 NAG Q . -1.69 -20.42 59.91
C4 NAG Q . -1.13 -21.30 61.03
C5 NAG Q . -0.33 -22.45 60.44
C6 NAG Q . 0.15 -23.44 61.49
C7 NAG Q . -4.17 -20.43 57.36
C8 NAG Q . -4.47 -19.52 56.21
N2 NAG Q . -2.91 -20.45 57.78
O3 NAG Q . -2.55 -19.43 60.44
O4 NAG Q . -0.31 -20.53 61.89
O5 NAG Q . -1.12 -23.19 59.50
O6 NAG Q . 0.91 -24.48 60.91
O7 NAG Q . -5.04 -21.11 57.89
C1 NAG R . 13.07 0.20 44.40
C2 NAG R . 13.68 0.49 45.76
C3 NAG R . 12.61 0.95 46.75
C4 NAG R . 11.82 2.11 46.17
C5 NAG R . 11.28 1.75 44.79
C6 NAG R . 10.59 2.91 44.11
C7 NAG R . 15.73 -0.73 46.38
C8 NAG R . 16.29 -2.01 46.93
N2 NAG R . 14.39 -0.67 46.27
O3 NAG R . 13.22 1.32 47.98
O4 NAG R . 10.73 2.42 47.03
O5 NAG R . 12.35 1.35 43.93
O6 NAG R . 9.46 3.35 44.85
O7 NAG R . 16.44 0.21 46.05
C1 NAG S . 38.95 -12.21 28.71
C2 NAG S . 39.16 -13.69 29.04
C3 NAG S . 40.49 -13.88 29.76
C4 NAG S . 41.63 -13.26 28.97
C5 NAG S . 41.32 -11.80 28.64
C6 NAG S . 42.35 -11.16 27.74
C7 NAG S . 37.30 -15.22 29.43
C8 NAG S . 36.20 -15.63 30.38
N2 NAG S . 38.07 -14.21 29.83
O3 NAG S . 40.73 -15.28 29.95
O4 NAG S . 42.85 -13.33 29.72
O5 NAG S . 40.07 -11.72 27.95
O6 NAG S . 42.19 -9.76 27.68
O7 NAG S . 37.47 -15.78 28.36
C1 NAG T . -9.89 4.22 45.55
C2 NAG T . -10.04 3.94 47.05
C3 NAG T . -11.16 4.79 47.63
C4 NAG T . -10.96 6.26 47.31
C5 NAG T . -10.77 6.44 45.80
C6 NAG T . -10.43 7.86 45.42
C7 NAG T . -9.55 1.81 48.17
C8 NAG T . -8.46 2.54 48.89
N2 NAG T . -10.27 2.53 47.30
O3 NAG T . -11.21 4.61 49.04
O4 NAG T . -12.08 7.02 47.74
O5 NAG T . -9.69 5.62 45.34
O6 NAG T . -9.22 8.29 46.03
O7 NAG T . -9.77 0.61 48.36
C1 NAG U . 31.28 -2.62 36.50
C2 NAG U . 32.74 -3.07 36.37
C3 NAG U . 33.66 -2.00 36.95
C4 NAG U . 33.39 -0.65 36.31
C5 NAG U . 31.91 -0.29 36.44
C6 NAG U . 31.54 0.98 35.73
C7 NAG U . 33.31 -5.45 36.41
C8 NAG U . 33.49 -5.34 34.93
N2 NAG U . 32.95 -4.34 37.05
O3 NAG U . 35.03 -2.37 36.73
O4 NAG U . 34.17 0.36 36.94
O5 NAG U . 31.11 -1.35 35.88
O6 NAG U . 32.18 1.07 34.45
O7 NAG U . 33.48 -6.52 37.00
C1 NAG V . 39.44 -27.22 40.01
C2 NAG V . 40.60 -26.56 39.26
C3 NAG V . 41.47 -27.62 38.60
C4 NAG V . 41.92 -28.66 39.63
C5 NAG V . 40.71 -29.22 40.37
C6 NAG V . 41.09 -30.16 41.49
C7 NAG V . 40.18 -24.29 38.42
C8 NAG V . 39.62 -23.47 37.30
N2 NAG V . 40.10 -25.62 38.27
O3 NAG V . 42.60 -27.00 38.01
O4 NAG V . 42.61 -29.72 38.98
O5 NAG V . 39.95 -28.15 40.96
O6 NAG V . 39.96 -30.86 41.99
O7 NAG V . 40.67 -23.78 39.42
C1 NAG W . 31.33 -32.15 11.39
C2 NAG W . 32.32 -33.31 11.42
C3 NAG W . 33.75 -32.79 11.61
C4 NAG W . 34.07 -31.75 10.55
C5 NAG W . 33.00 -30.65 10.55
C6 NAG W . 33.19 -29.65 9.43
C7 NAG W . 31.50 -35.48 12.24
C8 NAG W . 31.21 -36.31 13.45
N2 NAG W . 31.98 -34.25 12.48
O3 NAG W . 34.65 -33.88 11.51
O4 NAG W . 35.34 -31.17 10.80
O5 NAG W . 31.70 -31.23 10.36
O6 NAG W . 34.43 -28.96 9.56
O7 NAG W . 31.31 -35.89 11.10
C1 NAG X . 3.14 -48.59 11.13
C2 NAG X . 2.67 -49.01 12.52
C3 NAG X . 2.61 -50.53 12.64
C4 NAG X . 1.77 -51.11 11.52
C5 NAG X . 2.27 -50.62 10.16
C6 NAG X . 1.39 -51.05 9.01
C7 NAG X . 3.10 -47.65 14.53
C8 NAG X . 4.13 -47.17 15.50
N2 NAG X . 3.54 -48.45 13.55
O3 NAG X . 2.07 -50.89 13.89
O4 NAG X . 1.84 -52.53 11.54
O5 NAG X . 2.28 -49.18 10.14
O6 NAG X . 2.00 -50.77 7.75
O7 NAG X . 1.92 -47.34 14.63
C1 NAG Y . 43.06 -12.15 13.73
C2 NAG Y . 44.23 -12.73 14.52
C3 NAG Y . 45.51 -11.94 14.22
C4 NAG Y . 45.75 -11.86 12.72
C5 NAG Y . 44.51 -11.33 12.01
C6 NAG Y . 44.65 -11.36 10.50
C7 NAG Y . 44.09 -13.82 16.72
C8 NAG Y . 44.55 -15.06 16.03
N2 NAG Y . 43.96 -12.73 15.94
O3 NAG Y . 46.61 -12.56 14.87
O4 NAG Y . 46.87 -11.02 12.44
O5 NAG Y . 43.38 -12.13 12.34
O6 NAG Y . 44.83 -12.68 10.02
O7 NAG Y . 43.85 -13.79 17.91
C1 NAG Z . 16.52 -44.80 6.87
C2 NAG Z . 15.81 -46.12 7.12
C3 NAG Z . 16.24 -47.16 6.08
C4 NAG Z . 16.03 -46.62 4.67
C5 NAG Z . 16.73 -45.29 4.51
C6 NAG Z . 16.46 -44.63 3.18
C7 NAG Z . 15.12 -46.95 9.33
C8 NAG Z . 13.71 -46.80 8.85
N2 NAG Z . 16.09 -46.61 8.46
O3 NAG Z . 15.50 -48.36 6.27
O4 NAG Z . 16.55 -47.54 3.72
O5 NAG Z . 16.28 -44.37 5.52
O6 NAG Z . 15.07 -44.37 2.99
O7 NAG Z . 15.39 -47.35 10.45
C1 NAG AA . 6.00 -55.28 28.43
C2 NAG AA . 5.18 -55.91 27.30
C3 NAG AA . 3.86 -56.45 27.84
C4 NAG AA . 4.11 -57.39 29.02
C5 NAG AA . 4.97 -56.70 30.08
C6 NAG AA . 5.37 -57.63 31.21
C7 NAG AA . 5.59 -54.99 25.06
C8 NAG AA . 5.22 -53.94 24.08
N2 NAG AA . 4.94 -54.96 26.24
O3 NAG AA . 3.17 -57.14 26.81
O4 NAG AA . 2.87 -57.78 29.60
O5 NAG AA . 6.19 -56.24 29.48
O6 NAG AA . 5.94 -56.90 32.28
O7 NAG AA . 6.43 -55.85 24.82
#